data_2A11
# 
_entry.id   2A11 
# 
_audit_conform.dict_name       mmcif_pdbx.dic 
_audit_conform.dict_version    5.387 
_audit_conform.dict_location   http://mmcif.pdb.org/dictionaries/ascii/mmcif_pdbx.dic 
# 
loop_
_database_2.database_id 
_database_2.database_code 
_database_2.pdbx_database_accession 
_database_2.pdbx_DOI 
PDB   2A11         pdb_00002a11 10.2210/pdb2a11/pdb 
RCSB  RCSB033357   ?            ?                   
WWPDB D_1000033357 ?            ?                   
# 
loop_
_pdbx_audit_revision_history.ordinal 
_pdbx_audit_revision_history.data_content_type 
_pdbx_audit_revision_history.major_revision 
_pdbx_audit_revision_history.minor_revision 
_pdbx_audit_revision_history.revision_date 
1 'Structure model' 1 0 2005-07-05 
2 'Structure model' 1 1 2008-04-30 
3 'Structure model' 1 2 2011-07-13 
4 'Structure model' 1 3 2011-11-16 
5 'Structure model' 1 4 2017-10-11 
6 'Structure model' 1 5 2024-02-14 
# 
_pdbx_audit_revision_details.ordinal             1 
_pdbx_audit_revision_details.revision_ordinal    1 
_pdbx_audit_revision_details.data_content_type   'Structure model' 
_pdbx_audit_revision_details.provider            repository 
_pdbx_audit_revision_details.type                'Initial release' 
_pdbx_audit_revision_details.description         ? 
_pdbx_audit_revision_details.details             ? 
# 
loop_
_pdbx_audit_revision_group.ordinal 
_pdbx_audit_revision_group.revision_ordinal 
_pdbx_audit_revision_group.data_content_type 
_pdbx_audit_revision_group.group 
1 2 'Structure model' 'Version format compliance' 
2 3 'Structure model' 'Derived calculations'      
3 3 'Structure model' 'Version format compliance' 
4 4 'Structure model' 'Atomic model'              
5 5 'Structure model' 'Refinement description'    
6 6 'Structure model' 'Data collection'           
7 6 'Structure model' 'Database references'       
8 6 'Structure model' 'Derived calculations'      
# 
loop_
_pdbx_audit_revision_category.ordinal 
_pdbx_audit_revision_category.revision_ordinal 
_pdbx_audit_revision_category.data_content_type 
_pdbx_audit_revision_category.category 
1 5 'Structure model' software           
2 6 'Structure model' chem_comp_atom     
3 6 'Structure model' chem_comp_bond     
4 6 'Structure model' database_2         
5 6 'Structure model' struct_conn        
6 6 'Structure model' struct_ref_seq_dif 
7 6 'Structure model' struct_site        
# 
loop_
_pdbx_audit_revision_item.ordinal 
_pdbx_audit_revision_item.revision_ordinal 
_pdbx_audit_revision_item.data_content_type 
_pdbx_audit_revision_item.item 
1  5 'Structure model' '_software.classification'            
2  5 'Structure model' '_software.name'                      
3  6 'Structure model' '_database_2.pdbx_DOI'                
4  6 'Structure model' '_database_2.pdbx_database_accession' 
5  6 'Structure model' '_struct_conn.ptnr1_auth_comp_id'     
6  6 'Structure model' '_struct_conn.ptnr1_auth_seq_id'      
7  6 'Structure model' '_struct_conn.ptnr1_label_asym_id'    
8  6 'Structure model' '_struct_conn.ptnr1_label_atom_id'    
9  6 'Structure model' '_struct_conn.ptnr1_label_comp_id'    
10 6 'Structure model' '_struct_conn.ptnr1_label_seq_id'     
11 6 'Structure model' '_struct_conn.ptnr2_auth_comp_id'     
12 6 'Structure model' '_struct_conn.ptnr2_auth_seq_id'      
13 6 'Structure model' '_struct_conn.ptnr2_label_asym_id'    
14 6 'Structure model' '_struct_conn.ptnr2_label_atom_id'    
15 6 'Structure model' '_struct_conn.ptnr2_label_comp_id'    
16 6 'Structure model' '_struct_conn.ptnr2_label_seq_id'     
17 6 'Structure model' '_struct_ref_seq_dif.details'         
18 6 'Structure model' '_struct_site.pdbx_auth_asym_id'      
19 6 'Structure model' '_struct_site.pdbx_auth_comp_id'      
20 6 'Structure model' '_struct_site.pdbx_auth_seq_id'       
# 
_pdbx_database_status.entry_id                        2A11 
_pdbx_database_status.deposit_site                    RCSB 
_pdbx_database_status.process_site                    RCSB 
_pdbx_database_status.recvd_initial_deposition_date   2005-06-17 
_pdbx_database_status.status_code                     REL 
_pdbx_database_status.status_code_sf                  REL 
_pdbx_database_status.SG_entry                        Y 
_pdbx_database_status.status_code_mr                  ? 
_pdbx_database_status.pdb_format_compatible           Y 
_pdbx_database_status.status_code_cs                  ? 
_pdbx_database_status.methods_development_category    ? 
_pdbx_database_status.status_code_nmr_data            ? 
# 
_pdbx_database_related.db_name        TargetDB 
_pdbx_database_related.db_id          Rv2925c 
_pdbx_database_related.details        . 
_pdbx_database_related.content_type   unspecified 
# 
loop_
_audit_author.name 
_audit_author.pdbx_ordinal 
'Akey, D.L.'                                                      1 
'Berger, J.M.'                                                    2 
'Mycobacterium Tuberculosis Structural Proteomics Project (XMTB)' 3 
# 
_citation.id                        primary 
_citation.title                     'Structure of the nuclease domain of ribonuclease III from M. tuberculosis at 2.1 A' 
_citation.journal_abbrev            'Protein Sci.' 
_citation.journal_volume            14 
_citation.page_first                2744 
_citation.page_last                 2750 
_citation.year                      2005 
_citation.journal_id_ASTM           PRCIEI 
_citation.country                   US 
_citation.journal_id_ISSN           0961-8368 
_citation.journal_id_CSD            0795 
_citation.book_publisher            ? 
_citation.pdbx_database_id_PubMed   16155207 
_citation.pdbx_database_id_DOI      10.1110/ps.051665905 
# 
loop_
_citation_author.citation_id 
_citation_author.name 
_citation_author.ordinal 
_citation_author.identifier_ORCID 
primary 'Akey, D.L.'   1 ? 
primary 'Berger, J.M.' 2 ? 
# 
loop_
_entity.id 
_entity.type 
_entity.src_method 
_entity.pdbx_description 
_entity.formula_weight 
_entity.pdbx_number_of_molecules 
_entity.pdbx_ec 
_entity.pdbx_mutation 
_entity.pdbx_fragment 
_entity.details 
1 polymer     man 'Ribonuclease III' 25556.984 1   3.1.26.3 ? 'Nuclease domain' ? 
2 non-polymer syn 'CALCIUM ION'      40.078    2   ?        ? ?                 ? 
3 water       nat water              18.015    161 ?        ? ?                 ? 
# 
_entity_name_com.entity_id   1 
_entity_name_com.name        'RNase III' 
# 
_entity_name_sys.entity_id   1 
_entity_name_sys.name        E.C.3.1.26.3 
# 
_entity_poly.entity_id                      1 
_entity_poly.type                           'polypeptide(L)' 
_entity_poly.nstd_linkage                   no 
_entity_poly.nstd_monomer                   no 
_entity_poly.pdbx_seq_one_letter_code       
;GAMIRSRQPLLDALGVDLPDELLSLALTHRSYAYENGGLPTNERLEFLGDAVLGLTITDALFHRHPDRSEGDLAKLRASV
VNTQALADVARRLCAEGLGVHVLLGRGEANTGGADKSSILADGMESLLGAIYLQHGMEKAREVILRLFGPLLDAAPTLGA
GLDWKTSLQELTAARGLGAPSYLVTSTGPDHDKEFTAVVVVMDSEYGSGVGRSKKEAEQKAAAAAWKALEVLDNAMPGKT
SA
;
_entity_poly.pdbx_seq_one_letter_code_can   
;GAMIRSRQPLLDALGVDLPDELLSLALTHRSYAYENGGLPTNERLEFLGDAVLGLTITDALFHRHPDRSEGDLAKLRASV
VNTQALADVARRLCAEGLGVHVLLGRGEANTGGADKSSILADGMESLLGAIYLQHGMEKAREVILRLFGPLLDAAPTLGA
GLDWKTSLQELTAARGLGAPSYLVTSTGPDHDKEFTAVVVVMDSEYGSGVGRSKKEAEQKAAAAAWKALEVLDNAMPGKT
SA
;
_entity_poly.pdbx_strand_id                 A 
_entity_poly.pdbx_target_identifier         Rv2925c 
# 
loop_
_pdbx_entity_nonpoly.entity_id 
_pdbx_entity_nonpoly.name 
_pdbx_entity_nonpoly.comp_id 
2 'CALCIUM ION' CA  
3 water         HOH 
# 
loop_
_entity_poly_seq.entity_id 
_entity_poly_seq.num 
_entity_poly_seq.mon_id 
_entity_poly_seq.hetero 
1 1   GLY n 
1 2   ALA n 
1 3   MET n 
1 4   ILE n 
1 5   ARG n 
1 6   SER n 
1 7   ARG n 
1 8   GLN n 
1 9   PRO n 
1 10  LEU n 
1 11  LEU n 
1 12  ASP n 
1 13  ALA n 
1 14  LEU n 
1 15  GLY n 
1 16  VAL n 
1 17  ASP n 
1 18  LEU n 
1 19  PRO n 
1 20  ASP n 
1 21  GLU n 
1 22  LEU n 
1 23  LEU n 
1 24  SER n 
1 25  LEU n 
1 26  ALA n 
1 27  LEU n 
1 28  THR n 
1 29  HIS n 
1 30  ARG n 
1 31  SER n 
1 32  TYR n 
1 33  ALA n 
1 34  TYR n 
1 35  GLU n 
1 36  ASN n 
1 37  GLY n 
1 38  GLY n 
1 39  LEU n 
1 40  PRO n 
1 41  THR n 
1 42  ASN n 
1 43  GLU n 
1 44  ARG n 
1 45  LEU n 
1 46  GLU n 
1 47  PHE n 
1 48  LEU n 
1 49  GLY n 
1 50  ASP n 
1 51  ALA n 
1 52  VAL n 
1 53  LEU n 
1 54  GLY n 
1 55  LEU n 
1 56  THR n 
1 57  ILE n 
1 58  THR n 
1 59  ASP n 
1 60  ALA n 
1 61  LEU n 
1 62  PHE n 
1 63  HIS n 
1 64  ARG n 
1 65  HIS n 
1 66  PRO n 
1 67  ASP n 
1 68  ARG n 
1 69  SER n 
1 70  GLU n 
1 71  GLY n 
1 72  ASP n 
1 73  LEU n 
1 74  ALA n 
1 75  LYS n 
1 76  LEU n 
1 77  ARG n 
1 78  ALA n 
1 79  SER n 
1 80  VAL n 
1 81  VAL n 
1 82  ASN n 
1 83  THR n 
1 84  GLN n 
1 85  ALA n 
1 86  LEU n 
1 87  ALA n 
1 88  ASP n 
1 89  VAL n 
1 90  ALA n 
1 91  ARG n 
1 92  ARG n 
1 93  LEU n 
1 94  CYS n 
1 95  ALA n 
1 96  GLU n 
1 97  GLY n 
1 98  LEU n 
1 99  GLY n 
1 100 VAL n 
1 101 HIS n 
1 102 VAL n 
1 103 LEU n 
1 104 LEU n 
1 105 GLY n 
1 106 ARG n 
1 107 GLY n 
1 108 GLU n 
1 109 ALA n 
1 110 ASN n 
1 111 THR n 
1 112 GLY n 
1 113 GLY n 
1 114 ALA n 
1 115 ASP n 
1 116 LYS n 
1 117 SER n 
1 118 SER n 
1 119 ILE n 
1 120 LEU n 
1 121 ALA n 
1 122 ASP n 
1 123 GLY n 
1 124 MET n 
1 125 GLU n 
1 126 SER n 
1 127 LEU n 
1 128 LEU n 
1 129 GLY n 
1 130 ALA n 
1 131 ILE n 
1 132 TYR n 
1 133 LEU n 
1 134 GLN n 
1 135 HIS n 
1 136 GLY n 
1 137 MET n 
1 138 GLU n 
1 139 LYS n 
1 140 ALA n 
1 141 ARG n 
1 142 GLU n 
1 143 VAL n 
1 144 ILE n 
1 145 LEU n 
1 146 ARG n 
1 147 LEU n 
1 148 PHE n 
1 149 GLY n 
1 150 PRO n 
1 151 LEU n 
1 152 LEU n 
1 153 ASP n 
1 154 ALA n 
1 155 ALA n 
1 156 PRO n 
1 157 THR n 
1 158 LEU n 
1 159 GLY n 
1 160 ALA n 
1 161 GLY n 
1 162 LEU n 
1 163 ASP n 
1 164 TRP n 
1 165 LYS n 
1 166 THR n 
1 167 SER n 
1 168 LEU n 
1 169 GLN n 
1 170 GLU n 
1 171 LEU n 
1 172 THR n 
1 173 ALA n 
1 174 ALA n 
1 175 ARG n 
1 176 GLY n 
1 177 LEU n 
1 178 GLY n 
1 179 ALA n 
1 180 PRO n 
1 181 SER n 
1 182 TYR n 
1 183 LEU n 
1 184 VAL n 
1 185 THR n 
1 186 SER n 
1 187 THR n 
1 188 GLY n 
1 189 PRO n 
1 190 ASP n 
1 191 HIS n 
1 192 ASP n 
1 193 LYS n 
1 194 GLU n 
1 195 PHE n 
1 196 THR n 
1 197 ALA n 
1 198 VAL n 
1 199 VAL n 
1 200 VAL n 
1 201 VAL n 
1 202 MET n 
1 203 ASP n 
1 204 SER n 
1 205 GLU n 
1 206 TYR n 
1 207 GLY n 
1 208 SER n 
1 209 GLY n 
1 210 VAL n 
1 211 GLY n 
1 212 ARG n 
1 213 SER n 
1 214 LYS n 
1 215 LYS n 
1 216 GLU n 
1 217 ALA n 
1 218 GLU n 
1 219 GLN n 
1 220 LYS n 
1 221 ALA n 
1 222 ALA n 
1 223 ALA n 
1 224 ALA n 
1 225 ALA n 
1 226 TRP n 
1 227 LYS n 
1 228 ALA n 
1 229 LEU n 
1 230 GLU n 
1 231 VAL n 
1 232 LEU n 
1 233 ASP n 
1 234 ASN n 
1 235 ALA n 
1 236 MET n 
1 237 PRO n 
1 238 GLY n 
1 239 LYS n 
1 240 THR n 
1 241 SER n 
1 242 ALA n 
# 
_entity_src_gen.entity_id                          1 
_entity_src_gen.pdbx_src_id                        1 
_entity_src_gen.pdbx_alt_source_flag               sample 
_entity_src_gen.pdbx_seq_type                      ? 
_entity_src_gen.pdbx_beg_seq_num                   ? 
_entity_src_gen.pdbx_end_seq_num                   ? 
_entity_src_gen.gene_src_common_name               ? 
_entity_src_gen.gene_src_genus                     Mycobacterium 
_entity_src_gen.pdbx_gene_src_gene                 rnc 
_entity_src_gen.gene_src_species                   ? 
_entity_src_gen.gene_src_strain                    ? 
_entity_src_gen.gene_src_tissue                    ? 
_entity_src_gen.gene_src_tissue_fraction           ? 
_entity_src_gen.gene_src_details                   ? 
_entity_src_gen.pdbx_gene_src_fragment             ? 
_entity_src_gen.pdbx_gene_src_scientific_name      'Mycobacterium tuberculosis' 
_entity_src_gen.pdbx_gene_src_ncbi_taxonomy_id     1773 
_entity_src_gen.pdbx_gene_src_variant              ? 
_entity_src_gen.pdbx_gene_src_cell_line            ? 
_entity_src_gen.pdbx_gene_src_atcc                 ? 
_entity_src_gen.pdbx_gene_src_organ                ? 
_entity_src_gen.pdbx_gene_src_organelle            ? 
_entity_src_gen.pdbx_gene_src_cell                 ? 
_entity_src_gen.pdbx_gene_src_cellular_location    ? 
_entity_src_gen.host_org_common_name               ? 
_entity_src_gen.pdbx_host_org_scientific_name      'Escherichia coli' 
_entity_src_gen.pdbx_host_org_ncbi_taxonomy_id     562 
_entity_src_gen.host_org_genus                     Escherichia 
_entity_src_gen.pdbx_host_org_gene                 ? 
_entity_src_gen.pdbx_host_org_organ                ? 
_entity_src_gen.host_org_species                   ? 
_entity_src_gen.pdbx_host_org_tissue               ? 
_entity_src_gen.pdbx_host_org_tissue_fraction      ? 
_entity_src_gen.pdbx_host_org_strain               'BL21(DE3)pLyS' 
_entity_src_gen.pdbx_host_org_variant              ? 
_entity_src_gen.pdbx_host_org_cell_line            ? 
_entity_src_gen.pdbx_host_org_atcc                 ? 
_entity_src_gen.pdbx_host_org_culture_collection   ? 
_entity_src_gen.pdbx_host_org_cell                 ? 
_entity_src_gen.pdbx_host_org_organelle            ? 
_entity_src_gen.pdbx_host_org_cellular_location    ? 
_entity_src_gen.pdbx_host_org_vector_type          plasmid 
_entity_src_gen.pdbx_host_org_vector               ? 
_entity_src_gen.host_org_details                   ? 
_entity_src_gen.expression_system_id               ? 
_entity_src_gen.plasmid_name                       ? 
_entity_src_gen.plasmid_details                    ? 
_entity_src_gen.pdbx_description                   ? 
# 
loop_
_chem_comp.id 
_chem_comp.type 
_chem_comp.mon_nstd_flag 
_chem_comp.name 
_chem_comp.pdbx_synonyms 
_chem_comp.formula 
_chem_comp.formula_weight 
ALA 'L-peptide linking' y ALANINE         ? 'C3 H7 N O2'     89.093  
ARG 'L-peptide linking' y ARGININE        ? 'C6 H15 N4 O2 1' 175.209 
ASN 'L-peptide linking' y ASPARAGINE      ? 'C4 H8 N2 O3'    132.118 
ASP 'L-peptide linking' y 'ASPARTIC ACID' ? 'C4 H7 N O4'     133.103 
CA  non-polymer         . 'CALCIUM ION'   ? 'Ca 2'           40.078  
CYS 'L-peptide linking' y CYSTEINE        ? 'C3 H7 N O2 S'   121.158 
GLN 'L-peptide linking' y GLUTAMINE       ? 'C5 H10 N2 O3'   146.144 
GLU 'L-peptide linking' y 'GLUTAMIC ACID' ? 'C5 H9 N O4'     147.129 
GLY 'peptide linking'   y GLYCINE         ? 'C2 H5 N O2'     75.067  
HIS 'L-peptide linking' y HISTIDINE       ? 'C6 H10 N3 O2 1' 156.162 
HOH non-polymer         . WATER           ? 'H2 O'           18.015  
ILE 'L-peptide linking' y ISOLEUCINE      ? 'C6 H13 N O2'    131.173 
LEU 'L-peptide linking' y LEUCINE         ? 'C6 H13 N O2'    131.173 
LYS 'L-peptide linking' y LYSINE          ? 'C6 H15 N2 O2 1' 147.195 
MET 'L-peptide linking' y METHIONINE      ? 'C5 H11 N O2 S'  149.211 
PHE 'L-peptide linking' y PHENYLALANINE   ? 'C9 H11 N O2'    165.189 
PRO 'L-peptide linking' y PROLINE         ? 'C5 H9 N O2'     115.130 
SER 'L-peptide linking' y SERINE          ? 'C3 H7 N O3'     105.093 
THR 'L-peptide linking' y THREONINE       ? 'C4 H9 N O3'     119.119 
TRP 'L-peptide linking' y TRYPTOPHAN      ? 'C11 H12 N2 O2'  204.225 
TYR 'L-peptide linking' y TYROSINE        ? 'C9 H11 N O3'    181.189 
VAL 'L-peptide linking' y VALINE          ? 'C5 H11 N O2'    117.146 
# 
loop_
_pdbx_poly_seq_scheme.asym_id 
_pdbx_poly_seq_scheme.entity_id 
_pdbx_poly_seq_scheme.seq_id 
_pdbx_poly_seq_scheme.mon_id 
_pdbx_poly_seq_scheme.ndb_seq_num 
_pdbx_poly_seq_scheme.pdb_seq_num 
_pdbx_poly_seq_scheme.auth_seq_num 
_pdbx_poly_seq_scheme.pdb_mon_id 
_pdbx_poly_seq_scheme.auth_mon_id 
_pdbx_poly_seq_scheme.pdb_strand_id 
_pdbx_poly_seq_scheme.pdb_ins_code 
_pdbx_poly_seq_scheme.hetero 
A 1 1   GLY 1   -1  ?   ?   ?   A . n 
A 1 2   ALA 2   0   ?   ?   ?   A . n 
A 1 3   MET 3   1   ?   ?   ?   A . n 
A 1 4   ILE 4   2   2   ILE ILE A . n 
A 1 5   ARG 5   3   3   ARG ARG A . n 
A 1 6   SER 6   4   4   SER SER A . n 
A 1 7   ARG 7   5   5   ARG ARG A . n 
A 1 8   GLN 8   6   6   GLN GLN A . n 
A 1 9   PRO 9   7   7   PRO PRO A . n 
A 1 10  LEU 10  8   8   LEU LEU A . n 
A 1 11  LEU 11  9   9   LEU LEU A . n 
A 1 12  ASP 12  10  10  ASP ASP A . n 
A 1 13  ALA 13  11  11  ALA ALA A . n 
A 1 14  LEU 14  12  12  LEU LEU A . n 
A 1 15  GLY 15  13  13  GLY GLY A . n 
A 1 16  VAL 16  14  14  VAL VAL A . n 
A 1 17  ASP 17  15  15  ASP ASP A . n 
A 1 18  LEU 18  16  16  LEU LEU A . n 
A 1 19  PRO 19  17  17  PRO PRO A . n 
A 1 20  ASP 20  18  18  ASP ASP A . n 
A 1 21  GLU 21  19  19  GLU GLU A . n 
A 1 22  LEU 22  20  20  LEU LEU A . n 
A 1 23  LEU 23  21  21  LEU LEU A . n 
A 1 24  SER 24  22  22  SER SER A . n 
A 1 25  LEU 25  23  23  LEU LEU A . n 
A 1 26  ALA 26  24  24  ALA ALA A . n 
A 1 27  LEU 27  25  25  LEU LEU A . n 
A 1 28  THR 28  26  26  THR THR A . n 
A 1 29  HIS 29  27  27  HIS HIS A . n 
A 1 30  ARG 30  28  28  ARG ARG A . n 
A 1 31  SER 31  29  29  SER SER A . n 
A 1 32  TYR 32  30  30  TYR TYR A . n 
A 1 33  ALA 33  31  31  ALA ALA A . n 
A 1 34  TYR 34  32  32  TYR TYR A . n 
A 1 35  GLU 35  33  33  GLU GLU A . n 
A 1 36  ASN 36  34  34  ASN ASN A . n 
A 1 37  GLY 37  35  35  GLY GLY A . n 
A 1 38  GLY 38  36  36  GLY GLY A . n 
A 1 39  LEU 39  37  37  LEU LEU A . n 
A 1 40  PRO 40  38  38  PRO PRO A . n 
A 1 41  THR 41  39  39  THR THR A . n 
A 1 42  ASN 42  40  40  ASN ASN A . n 
A 1 43  GLU 43  41  41  GLU GLU A . n 
A 1 44  ARG 44  42  42  ARG ARG A . n 
A 1 45  LEU 45  43  43  LEU LEU A . n 
A 1 46  GLU 46  44  44  GLU GLU A . n 
A 1 47  PHE 47  45  45  PHE PHE A . n 
A 1 48  LEU 48  46  46  LEU LEU A . n 
A 1 49  GLY 49  47  47  GLY GLY A . n 
A 1 50  ASP 50  48  48  ASP ASP A . n 
A 1 51  ALA 51  49  49  ALA ALA A . n 
A 1 52  VAL 52  50  50  VAL VAL A . n 
A 1 53  LEU 53  51  51  LEU LEU A . n 
A 1 54  GLY 54  52  52  GLY GLY A . n 
A 1 55  LEU 55  53  53  LEU LEU A . n 
A 1 56  THR 56  54  54  THR THR A . n 
A 1 57  ILE 57  55  55  ILE ILE A . n 
A 1 58  THR 58  56  56  THR THR A . n 
A 1 59  ASP 59  57  57  ASP ASP A . n 
A 1 60  ALA 60  58  58  ALA ALA A . n 
A 1 61  LEU 61  59  59  LEU LEU A . n 
A 1 62  PHE 62  60  60  PHE PHE A . n 
A 1 63  HIS 63  61  61  HIS HIS A . n 
A 1 64  ARG 64  62  62  ARG ARG A . n 
A 1 65  HIS 65  63  63  HIS HIS A . n 
A 1 66  PRO 66  64  64  PRO PRO A . n 
A 1 67  ASP 67  65  65  ASP ASP A . n 
A 1 68  ARG 68  66  66  ARG ARG A . n 
A 1 69  SER 69  67  67  SER SER A . n 
A 1 70  GLU 70  68  68  GLU GLU A . n 
A 1 71  GLY 71  69  69  GLY GLY A . n 
A 1 72  ASP 72  70  70  ASP ASP A . n 
A 1 73  LEU 73  71  71  LEU LEU A . n 
A 1 74  ALA 74  72  72  ALA ALA A . n 
A 1 75  LYS 75  73  73  LYS LYS A . n 
A 1 76  LEU 76  74  74  LEU LEU A . n 
A 1 77  ARG 77  75  75  ARG ARG A . n 
A 1 78  ALA 78  76  76  ALA ALA A . n 
A 1 79  SER 79  77  77  SER SER A . n 
A 1 80  VAL 80  78  78  VAL VAL A . n 
A 1 81  VAL 81  79  79  VAL VAL A . n 
A 1 82  ASN 82  80  80  ASN ASN A . n 
A 1 83  THR 83  81  81  THR THR A . n 
A 1 84  GLN 84  82  82  GLN GLN A . n 
A 1 85  ALA 85  83  83  ALA ALA A . n 
A 1 86  LEU 86  84  84  LEU LEU A . n 
A 1 87  ALA 87  85  85  ALA ALA A . n 
A 1 88  ASP 88  86  86  ASP ASP A . n 
A 1 89  VAL 89  87  87  VAL VAL A . n 
A 1 90  ALA 90  88  88  ALA ALA A . n 
A 1 91  ARG 91  89  89  ARG ARG A . n 
A 1 92  ARG 92  90  90  ARG ARG A . n 
A 1 93  LEU 93  91  91  LEU LEU A . n 
A 1 94  CYS 94  92  92  CYS CYS A . n 
A 1 95  ALA 95  93  93  ALA ALA A . n 
A 1 96  GLU 96  94  94  GLU GLU A . n 
A 1 97  GLY 97  95  95  GLY GLY A . n 
A 1 98  LEU 98  96  96  LEU LEU A . n 
A 1 99  GLY 99  97  97  GLY GLY A . n 
A 1 100 VAL 100 98  98  VAL VAL A . n 
A 1 101 HIS 101 99  99  HIS HIS A . n 
A 1 102 VAL 102 100 100 VAL VAL A . n 
A 1 103 LEU 103 101 101 LEU LEU A . n 
A 1 104 LEU 104 102 102 LEU LEU A . n 
A 1 105 GLY 105 103 103 GLY GLY A . n 
A 1 106 ARG 106 104 104 ARG ARG A . n 
A 1 107 GLY 107 105 105 GLY GLY A . n 
A 1 108 GLU 108 106 106 GLU GLU A . n 
A 1 109 ALA 109 107 107 ALA ALA A . n 
A 1 110 ASN 110 108 108 ASN ASN A . n 
A 1 111 THR 111 109 109 THR THR A . n 
A 1 112 GLY 112 110 110 GLY GLY A . n 
A 1 113 GLY 113 111 111 GLY GLY A . n 
A 1 114 ALA 114 112 112 ALA ALA A . n 
A 1 115 ASP 115 113 113 ASP ASP A . n 
A 1 116 LYS 116 114 114 LYS LYS A . n 
A 1 117 SER 117 115 115 SER SER A . n 
A 1 118 SER 118 116 116 SER SER A . n 
A 1 119 ILE 119 117 117 ILE ILE A . n 
A 1 120 LEU 120 118 118 LEU LEU A . n 
A 1 121 ALA 121 119 119 ALA ALA A . n 
A 1 122 ASP 122 120 120 ASP ASP A . n 
A 1 123 GLY 123 121 121 GLY GLY A . n 
A 1 124 MET 124 122 122 MET MET A . n 
A 1 125 GLU 125 123 123 GLU GLU A . n 
A 1 126 SER 126 124 124 SER SER A . n 
A 1 127 LEU 127 125 125 LEU LEU A . n 
A 1 128 LEU 128 126 126 LEU LEU A . n 
A 1 129 GLY 129 127 127 GLY GLY A . n 
A 1 130 ALA 130 128 128 ALA ALA A . n 
A 1 131 ILE 131 129 129 ILE ILE A . n 
A 1 132 TYR 132 130 130 TYR TYR A . n 
A 1 133 LEU 133 131 131 LEU LEU A . n 
A 1 134 GLN 134 132 132 GLN GLN A . n 
A 1 135 HIS 135 133 133 HIS HIS A . n 
A 1 136 GLY 136 134 134 GLY GLY A . n 
A 1 137 MET 137 135 135 MET MET A . n 
A 1 138 GLU 138 136 136 GLU GLU A . n 
A 1 139 LYS 139 137 137 LYS LYS A . n 
A 1 140 ALA 140 138 138 ALA ALA A . n 
A 1 141 ARG 141 139 139 ARG ARG A . n 
A 1 142 GLU 142 140 140 GLU GLU A . n 
A 1 143 VAL 143 141 141 VAL VAL A . n 
A 1 144 ILE 144 142 142 ILE ILE A . n 
A 1 145 LEU 145 143 143 LEU LEU A . n 
A 1 146 ARG 146 144 144 ARG ARG A . n 
A 1 147 LEU 147 145 145 LEU LEU A . n 
A 1 148 PHE 148 146 146 PHE PHE A . n 
A 1 149 GLY 149 147 147 GLY GLY A . n 
A 1 150 PRO 150 148 148 PRO PRO A . n 
A 1 151 LEU 151 149 149 LEU LEU A . n 
A 1 152 LEU 152 150 150 LEU LEU A . n 
A 1 153 ASP 153 151 151 ASP ASP A . n 
A 1 154 ALA 154 152 152 ALA ALA A . n 
A 1 155 ALA 155 153 153 ALA ALA A . n 
A 1 156 PRO 156 154 154 PRO PRO A . n 
A 1 157 THR 157 155 155 THR THR A . n 
A 1 158 LEU 158 156 ?   ?   ?   A . n 
A 1 159 GLY 159 157 ?   ?   ?   A . n 
A 1 160 ALA 160 158 ?   ?   ?   A . n 
A 1 161 GLY 161 159 ?   ?   ?   A . n 
A 1 162 LEU 162 160 ?   ?   ?   A . n 
A 1 163 ASP 163 161 ?   ?   ?   A . n 
A 1 164 TRP 164 162 ?   ?   ?   A . n 
A 1 165 LYS 165 163 ?   ?   ?   A . n 
A 1 166 THR 166 164 ?   ?   ?   A . n 
A 1 167 SER 167 165 ?   ?   ?   A . n 
A 1 168 LEU 168 166 ?   ?   ?   A . n 
A 1 169 GLN 169 167 ?   ?   ?   A . n 
A 1 170 GLU 170 168 ?   ?   ?   A . n 
A 1 171 LEU 171 169 ?   ?   ?   A . n 
A 1 172 THR 172 170 ?   ?   ?   A . n 
A 1 173 ALA 173 171 ?   ?   ?   A . n 
A 1 174 ALA 174 172 ?   ?   ?   A . n 
A 1 175 ARG 175 173 ?   ?   ?   A . n 
A 1 176 GLY 176 174 ?   ?   ?   A . n 
A 1 177 LEU 177 175 ?   ?   ?   A . n 
A 1 178 GLY 178 176 ?   ?   ?   A . n 
A 1 179 ALA 179 177 ?   ?   ?   A . n 
A 1 180 PRO 180 178 ?   ?   ?   A . n 
A 1 181 SER 181 179 ?   ?   ?   A . n 
A 1 182 TYR 182 180 ?   ?   ?   A . n 
A 1 183 LEU 183 181 ?   ?   ?   A . n 
A 1 184 VAL 184 182 ?   ?   ?   A . n 
A 1 185 THR 185 183 ?   ?   ?   A . n 
A 1 186 SER 186 184 ?   ?   ?   A . n 
A 1 187 THR 187 185 ?   ?   ?   A . n 
A 1 188 GLY 188 186 ?   ?   ?   A . n 
A 1 189 PRO 189 187 ?   ?   ?   A . n 
A 1 190 ASP 190 188 ?   ?   ?   A . n 
A 1 191 HIS 191 189 ?   ?   ?   A . n 
A 1 192 ASP 192 190 ?   ?   ?   A . n 
A 1 193 LYS 193 191 ?   ?   ?   A . n 
A 1 194 GLU 194 192 ?   ?   ?   A . n 
A 1 195 PHE 195 193 ?   ?   ?   A . n 
A 1 196 THR 196 194 ?   ?   ?   A . n 
A 1 197 ALA 197 195 ?   ?   ?   A . n 
A 1 198 VAL 198 196 ?   ?   ?   A . n 
A 1 199 VAL 199 197 ?   ?   ?   A . n 
A 1 200 VAL 200 198 ?   ?   ?   A . n 
A 1 201 VAL 201 199 ?   ?   ?   A . n 
A 1 202 MET 202 200 ?   ?   ?   A . n 
A 1 203 ASP 203 201 ?   ?   ?   A . n 
A 1 204 SER 204 202 ?   ?   ?   A . n 
A 1 205 GLU 205 203 ?   ?   ?   A . n 
A 1 206 TYR 206 204 ?   ?   ?   A . n 
A 1 207 GLY 207 205 ?   ?   ?   A . n 
A 1 208 SER 208 206 ?   ?   ?   A . n 
A 1 209 GLY 209 207 ?   ?   ?   A . n 
A 1 210 VAL 210 208 ?   ?   ?   A . n 
A 1 211 GLY 211 209 ?   ?   ?   A . n 
A 1 212 ARG 212 210 ?   ?   ?   A . n 
A 1 213 SER 213 211 ?   ?   ?   A . n 
A 1 214 LYS 214 212 ?   ?   ?   A . n 
A 1 215 LYS 215 213 ?   ?   ?   A . n 
A 1 216 GLU 216 214 ?   ?   ?   A . n 
A 1 217 ALA 217 215 ?   ?   ?   A . n 
A 1 218 GLU 218 216 ?   ?   ?   A . n 
A 1 219 GLN 219 217 ?   ?   ?   A . n 
A 1 220 LYS 220 218 ?   ?   ?   A . n 
A 1 221 ALA 221 219 ?   ?   ?   A . n 
A 1 222 ALA 222 220 ?   ?   ?   A . n 
A 1 223 ALA 223 221 ?   ?   ?   A . n 
A 1 224 ALA 224 222 ?   ?   ?   A . n 
A 1 225 ALA 225 223 ?   ?   ?   A . n 
A 1 226 TRP 226 224 ?   ?   ?   A . n 
A 1 227 LYS 227 225 ?   ?   ?   A . n 
A 1 228 ALA 228 226 ?   ?   ?   A . n 
A 1 229 LEU 229 227 ?   ?   ?   A . n 
A 1 230 GLU 230 228 ?   ?   ?   A . n 
A 1 231 VAL 231 229 ?   ?   ?   A . n 
A 1 232 LEU 232 230 ?   ?   ?   A . n 
A 1 233 ASP 233 231 ?   ?   ?   A . n 
A 1 234 ASN 234 232 ?   ?   ?   A . n 
A 1 235 ALA 235 233 ?   ?   ?   A . n 
A 1 236 MET 236 234 ?   ?   ?   A . n 
A 1 237 PRO 237 235 ?   ?   ?   A . n 
A 1 238 GLY 238 236 ?   ?   ?   A . n 
A 1 239 LYS 239 237 ?   ?   ?   A . n 
A 1 240 THR 240 238 ?   ?   ?   A . n 
A 1 241 SER 241 239 ?   ?   ?   A . n 
A 1 242 ALA 242 240 ?   ?   ?   A . n 
# 
loop_
_pdbx_nonpoly_scheme.asym_id 
_pdbx_nonpoly_scheme.entity_id 
_pdbx_nonpoly_scheme.mon_id 
_pdbx_nonpoly_scheme.ndb_seq_num 
_pdbx_nonpoly_scheme.pdb_seq_num 
_pdbx_nonpoly_scheme.auth_seq_num 
_pdbx_nonpoly_scheme.pdb_mon_id 
_pdbx_nonpoly_scheme.auth_mon_id 
_pdbx_nonpoly_scheme.pdb_strand_id 
_pdbx_nonpoly_scheme.pdb_ins_code 
B 2 CA  1   1001 1001 CA  CA  A . 
C 2 CA  1   1002 1002 CA  CA  A . 
D 3 HOH 1   1003 1    HOH HOH A . 
D 3 HOH 2   1004 2    HOH HOH A . 
D 3 HOH 3   1005 3    HOH HOH A . 
D 3 HOH 4   1006 4    HOH HOH A . 
D 3 HOH 5   1007 5    HOH HOH A . 
D 3 HOH 6   1008 6    HOH HOH A . 
D 3 HOH 7   1009 7    HOH HOH A . 
D 3 HOH 8   1010 8    HOH HOH A . 
D 3 HOH 9   1011 9    HOH HOH A . 
D 3 HOH 10  1012 10   HOH HOH A . 
D 3 HOH 11  1013 11   HOH HOH A . 
D 3 HOH 12  1014 12   HOH HOH A . 
D 3 HOH 13  1015 13   HOH HOH A . 
D 3 HOH 14  1016 14   HOH HOH A . 
D 3 HOH 15  1017 15   HOH HOH A . 
D 3 HOH 16  1018 16   HOH HOH A . 
D 3 HOH 17  1019 17   HOH HOH A . 
D 3 HOH 18  1020 18   HOH HOH A . 
D 3 HOH 19  1021 19   HOH HOH A . 
D 3 HOH 20  1022 20   HOH HOH A . 
D 3 HOH 21  1023 21   HOH HOH A . 
D 3 HOH 22  1024 22   HOH HOH A . 
D 3 HOH 23  1025 23   HOH HOH A . 
D 3 HOH 24  1026 24   HOH HOH A . 
D 3 HOH 25  1027 25   HOH HOH A . 
D 3 HOH 26  1028 26   HOH HOH A . 
D 3 HOH 27  1029 27   HOH HOH A . 
D 3 HOH 28  1030 28   HOH HOH A . 
D 3 HOH 29  1031 29   HOH HOH A . 
D 3 HOH 30  1032 30   HOH HOH A . 
D 3 HOH 31  1033 31   HOH HOH A . 
D 3 HOH 32  1034 32   HOH HOH A . 
D 3 HOH 33  1035 33   HOH HOH A . 
D 3 HOH 34  1036 34   HOH HOH A . 
D 3 HOH 35  1037 35   HOH HOH A . 
D 3 HOH 36  1038 36   HOH HOH A . 
D 3 HOH 37  1039 37   HOH HOH A . 
D 3 HOH 38  1040 38   HOH HOH A . 
D 3 HOH 39  1041 39   HOH HOH A . 
D 3 HOH 40  1042 40   HOH HOH A . 
D 3 HOH 41  1043 41   HOH HOH A . 
D 3 HOH 42  1044 42   HOH HOH A . 
D 3 HOH 43  1045 43   HOH HOH A . 
D 3 HOH 44  1046 44   HOH HOH A . 
D 3 HOH 45  1047 45   HOH HOH A . 
D 3 HOH 46  1048 46   HOH HOH A . 
D 3 HOH 47  1049 47   HOH HOH A . 
D 3 HOH 48  1050 48   HOH HOH A . 
D 3 HOH 49  1051 49   HOH HOH A . 
D 3 HOH 50  1052 50   HOH HOH A . 
D 3 HOH 51  1053 51   HOH HOH A . 
D 3 HOH 52  1054 52   HOH HOH A . 
D 3 HOH 53  1055 53   HOH HOH A . 
D 3 HOH 54  1056 54   HOH HOH A . 
D 3 HOH 55  1057 55   HOH HOH A . 
D 3 HOH 56  1058 56   HOH HOH A . 
D 3 HOH 57  1059 57   HOH HOH A . 
D 3 HOH 58  1060 58   HOH HOH A . 
D 3 HOH 59  1061 59   HOH HOH A . 
D 3 HOH 60  1062 60   HOH HOH A . 
D 3 HOH 61  1063 61   HOH HOH A . 
D 3 HOH 62  1064 62   HOH HOH A . 
D 3 HOH 63  1065 63   HOH HOH A . 
D 3 HOH 64  1066 64   HOH HOH A . 
D 3 HOH 65  1067 65   HOH HOH A . 
D 3 HOH 66  1068 66   HOH HOH A . 
D 3 HOH 67  1069 67   HOH HOH A . 
D 3 HOH 68  1070 68   HOH HOH A . 
D 3 HOH 69  1071 69   HOH HOH A . 
D 3 HOH 70  1072 70   HOH HOH A . 
D 3 HOH 71  1073 71   HOH HOH A . 
D 3 HOH 72  1074 72   HOH HOH A . 
D 3 HOH 73  1075 73   HOH HOH A . 
D 3 HOH 74  1076 74   HOH HOH A . 
D 3 HOH 75  1077 75   HOH HOH A . 
D 3 HOH 76  1078 76   HOH HOH A . 
D 3 HOH 77  1079 77   HOH HOH A . 
D 3 HOH 78  1080 78   HOH HOH A . 
D 3 HOH 79  1081 79   HOH HOH A . 
D 3 HOH 80  1082 80   HOH HOH A . 
D 3 HOH 81  1083 81   HOH HOH A . 
D 3 HOH 82  1084 82   HOH HOH A . 
D 3 HOH 83  1085 83   HOH HOH A . 
D 3 HOH 84  1086 84   HOH HOH A . 
D 3 HOH 85  1087 85   HOH HOH A . 
D 3 HOH 86  1088 86   HOH HOH A . 
D 3 HOH 87  1089 87   HOH HOH A . 
D 3 HOH 88  1090 88   HOH HOH A . 
D 3 HOH 89  1091 89   HOH HOH A . 
D 3 HOH 90  1092 90   HOH HOH A . 
D 3 HOH 91  1093 91   HOH HOH A . 
D 3 HOH 92  1094 92   HOH HOH A . 
D 3 HOH 93  1095 93   HOH HOH A . 
D 3 HOH 94  1096 94   HOH HOH A . 
D 3 HOH 95  1097 95   HOH HOH A . 
D 3 HOH 96  1098 96   HOH HOH A . 
D 3 HOH 97  1099 97   HOH HOH A . 
D 3 HOH 98  1100 98   HOH HOH A . 
D 3 HOH 99  1101 99   HOH HOH A . 
D 3 HOH 100 1102 100  HOH HOH A . 
D 3 HOH 101 1103 101  HOH HOH A . 
D 3 HOH 102 1104 102  HOH HOH A . 
D 3 HOH 103 1105 103  HOH HOH A . 
D 3 HOH 104 1106 104  HOH HOH A . 
D 3 HOH 105 1107 105  HOH HOH A . 
D 3 HOH 106 1108 106  HOH HOH A . 
D 3 HOH 107 1109 107  HOH HOH A . 
D 3 HOH 108 1110 108  HOH HOH A . 
D 3 HOH 109 1111 109  HOH HOH A . 
D 3 HOH 110 1112 110  HOH HOH A . 
D 3 HOH 111 1113 111  HOH HOH A . 
D 3 HOH 112 1114 112  HOH HOH A . 
D 3 HOH 113 1115 113  HOH HOH A . 
D 3 HOH 114 1116 114  HOH HOH A . 
D 3 HOH 115 1117 115  HOH HOH A . 
D 3 HOH 116 1118 116  HOH HOH A . 
D 3 HOH 117 1119 117  HOH HOH A . 
D 3 HOH 118 1120 118  HOH HOH A . 
D 3 HOH 119 1121 119  HOH HOH A . 
D 3 HOH 120 1122 120  HOH HOH A . 
D 3 HOH 121 1123 121  HOH HOH A . 
D 3 HOH 122 1124 122  HOH HOH A . 
D 3 HOH 123 1125 123  HOH HOH A . 
D 3 HOH 124 1126 124  HOH HOH A . 
D 3 HOH 125 1127 125  HOH HOH A . 
D 3 HOH 126 1128 126  HOH HOH A . 
D 3 HOH 127 1129 127  HOH HOH A . 
D 3 HOH 128 1130 128  HOH HOH A . 
D 3 HOH 129 1131 129  HOH HOH A . 
D 3 HOH 130 1132 130  HOH HOH A . 
D 3 HOH 131 1133 131  HOH HOH A . 
D 3 HOH 132 1134 132  HOH HOH A . 
D 3 HOH 133 1135 133  HOH HOH A . 
D 3 HOH 134 1136 134  HOH HOH A . 
D 3 HOH 135 1137 135  HOH HOH A . 
D 3 HOH 136 1138 136  HOH HOH A . 
D 3 HOH 137 1139 137  HOH HOH A . 
D 3 HOH 138 1140 138  HOH HOH A . 
D 3 HOH 139 1141 139  HOH HOH A . 
D 3 HOH 140 1142 140  HOH HOH A . 
D 3 HOH 141 1143 141  HOH HOH A . 
D 3 HOH 142 1144 142  HOH HOH A . 
D 3 HOH 143 1145 143  HOH HOH A . 
D 3 HOH 144 1146 144  HOH HOH A . 
D 3 HOH 145 1147 145  HOH HOH A . 
D 3 HOH 146 1148 146  HOH HOH A . 
D 3 HOH 147 1149 147  HOH HOH A . 
D 3 HOH 148 1150 148  HOH HOH A . 
D 3 HOH 149 1151 149  HOH HOH A . 
D 3 HOH 150 1152 150  HOH HOH A . 
D 3 HOH 151 1153 151  HOH HOH A . 
D 3 HOH 152 1154 152  HOH HOH A . 
D 3 HOH 153 1155 153  HOH HOH A . 
D 3 HOH 154 1156 154  HOH HOH A . 
D 3 HOH 155 1157 155  HOH HOH A . 
D 3 HOH 156 1158 156  HOH HOH A . 
D 3 HOH 157 1159 157  HOH HOH A . 
D 3 HOH 158 1160 158  HOH HOH A . 
D 3 HOH 159 1161 159  HOH HOH A . 
D 3 HOH 160 1162 160  HOH HOH A . 
D 3 HOH 161 1163 161  HOH HOH A . 
# 
loop_
_software.name 
_software.classification 
_software.version 
_software.citation_id 
_software.pdbx_ordinal 
Blu-Ice   'data collection' . ? 1 
DENZO     'data reduction'  . ? 2 
SCALEPACK 'data scaling'    . ? 3 
SOLVE     phasing           . ? 4 
CNS       refinement        . ? 5 
# 
_cell.entry_id           2A11 
_cell.length_a           72.589 
_cell.length_b           72.589 
_cell.length_c           96.013 
_cell.angle_alpha        90.00 
_cell.angle_beta         90.00 
_cell.angle_gamma        90.00 
_cell.Z_PDB              8 
_cell.pdbx_unique_axis   ? 
# 
_symmetry.entry_id                         2A11 
_symmetry.space_group_name_H-M             'P 43 21 2' 
_symmetry.pdbx_full_space_group_name_H-M   ? 
_symmetry.cell_setting                     ? 
_symmetry.Int_Tables_number                96 
_symmetry.space_group_name_Hall            ? 
# 
_exptl.entry_id          2A11 
_exptl.crystals_number   2 
_exptl.method            'X-RAY DIFFRACTION' 
# 
_exptl_crystal.id                    1 
_exptl_crystal.density_Matthews      2.5 
_exptl_crystal.density_percent_sol   50.3 
_exptl_crystal.density_meas          ? 
_exptl_crystal.description           ? 
_exptl_crystal.F_000                 ? 
_exptl_crystal.preparation           ? 
# 
_exptl_crystal_grow.crystal_id      1 
_exptl_crystal_grow.method          'VAPOR DIFFUSION, HANGING DROP' 
_exptl_crystal_grow.pH              7.5 
_exptl_crystal_grow.temp            291 
_exptl_crystal_grow.pdbx_details    
'15% PEG 3000, 100 mM Ca-acetate, 100 mM Tris-HCl, pH 7.5, VAPOR DIFFUSION, HANGING DROP, temperature 291K' 
_exptl_crystal_grow.temp_details    ? 
_exptl_crystal_grow.pdbx_pH_range   . 
# 
loop_
_diffrn.id 
_diffrn.ambient_temp 
_diffrn.ambient_temp_details 
_diffrn.crystal_id 
1   100 ? 1 
2   ?   ? 1 
1,2 ?   ? 1 
# 
loop_
_diffrn_detector.diffrn_id 
_diffrn_detector.detector 
_diffrn_detector.type 
_diffrn_detector.pdbx_collection_date 
_diffrn_detector.details 
1 CCD 'ADSC QUANTUM 4' 2002-09-20 ? 
2 CCD 'ADSC QUANTUM 4' 2003-08-04 ? 
# 
loop_
_diffrn_radiation.diffrn_id 
_diffrn_radiation.wavelength_id 
_diffrn_radiation.pdbx_diffrn_protocol 
_diffrn_radiation.monochromator 
_diffrn_radiation.pdbx_monochromatic_or_laue_m_l 
_diffrn_radiation.pdbx_scattering_type 
1 1 MAD                 'ALS 8.3.1' M x-ray 
2 1 'SINGLE WAVELENGTH' 'ALS 8.3.1' M x-ray 
# 
loop_
_diffrn_radiation_wavelength.id 
_diffrn_radiation_wavelength.wavelength 
_diffrn_radiation_wavelength.wt 
1 0.9793 1.0 
2 1.000  1.0 
3 1.100  1.0 
# 
_diffrn_source.diffrn_id                   1 
_diffrn_source.source                      SYNCHROTRON 
_diffrn_source.type                        'ALS BEAMLINE 8.3.1' 
_diffrn_source.pdbx_wavelength_list        '0.9793, 1.000, 1.100' 
_diffrn_source.pdbx_synchrotron_site       ALS 
_diffrn_source.pdbx_synchrotron_beamline   8.3.1 
_diffrn_source.pdbx_wavelength             ? 
# 
_reflns.entry_id                     2A11 
_reflns.d_resolution_low             50.00 
_reflns.d_resolution_high            2.10 
_reflns.number_obs                   15508 
_reflns.percent_possible_obs         99.100 
_reflns.pdbx_Rmerge_I_obs            0.049 
_reflns.pdbx_chi_squared             0.973 
_reflns.pdbx_redundancy              4.600 
_reflns.pdbx_scaling_rejects         ? 
_reflns.pdbx_netI_over_sigmaI        28.0 
_reflns.pdbx_Rsym_value              ? 
_reflns.observed_criterion_sigma_F   ? 
_reflns.observed_criterion_sigma_I   0 
_reflns.number_all                   15593 
_reflns.B_iso_Wilson_estimate        ? 
_reflns.R_free_details               ? 
_reflns.limit_h_max                  ? 
_reflns.limit_h_min                  ? 
_reflns.limit_k_max                  ? 
_reflns.limit_k_min                  ? 
_reflns.limit_l_max                  ? 
_reflns.limit_l_min                  ? 
_reflns.observed_criterion_F_max     ? 
_reflns.observed_criterion_F_min     ? 
_reflns.pdbx_ordinal                 1 
_reflns.pdbx_diffrn_id               1,2 
# 
_reflns_shell.d_res_low              2.18 
_reflns_shell.d_res_high             2.10 
_reflns_shell.number_measured_obs    1517 
_reflns_shell.percent_possible_obs   99.600 
_reflns_shell.Rmerge_I_obs           0.252 
_reflns_shell.pdbx_chi_squared       0.900 
_reflns_shell.pdbx_redundancy        4.700 
_reflns_shell.number_unique_obs      ? 
_reflns_shell.meanI_over_sigI_obs    5.0 
_reflns_shell.pdbx_Rsym_value        ? 
_reflns_shell.percent_possible_all   99.6 
_reflns_shell.number_unique_all      ? 
_reflns_shell.number_measured_all    ? 
_reflns_shell.pdbx_ordinal           1 
_reflns_shell.pdbx_diffrn_id         1,2 
# 
_refine.ls_d_res_high                            2.100 
_refine.ls_d_res_low                             50. 
_refine.pdbx_ls_sigma_F                          0.00 
_refine.ls_percent_reflns_obs                    99.100 
_refine.ls_number_reflns_obs                     15447 
_refine.ls_R_factor_R_work                       0.2585 
_refine.ls_R_factor_R_free                       0.2857 
_refine.ls_percent_reflns_R_free                 5.000 
_refine.ls_number_reflns_R_free                  774 
_refine.B_iso_mean                               56.844 
_refine.solvent_model_param_bsol                 84.097 
_refine.aniso_B[1][1]                            -3.355 
_refine.aniso_B[2][2]                            -3.355 
_refine.aniso_B[3][3]                            6.710 
_refine.aniso_B[1][2]                            0.000 
_refine.aniso_B[1][3]                            0.000 
_refine.aniso_B[2][3]                            0.000 
_refine.pdbx_method_to_determine_struct          MAD 
_refine.entry_id                                 2A11 
_refine.pdbx_ls_sigma_I                          ? 
_refine.ls_number_reflns_all                     15593 
_refine.ls_R_factor_all                          0.286 
_refine.ls_R_factor_obs                          0.286 
_refine.ls_redundancy_reflns_obs                 ? 
_refine.pdbx_data_cutoff_high_absF               ? 
_refine.pdbx_data_cutoff_low_absF                ? 
_refine.ls_number_parameters                     ? 
_refine.ls_number_restraints                     ? 
_refine.ls_R_factor_R_free_error                 ? 
_refine.ls_R_factor_R_free_error_details         ? 
_refine.pdbx_starting_model                      ? 
_refine.pdbx_ls_cross_valid_method               THROUGHOUT 
_refine.pdbx_R_Free_selection_details            RANDOM 
_refine.pdbx_stereochem_target_val_spec_case     ? 
_refine.pdbx_stereochemistry_target_values       'Engh & Huber' 
_refine.solvent_model_details                    ? 
_refine.solvent_model_param_ksol                 ? 
_refine.occupancy_max                            ? 
_refine.occupancy_min                            ? 
_refine.pdbx_isotropic_thermal_model             ? 
_refine.details                                  ? 
_refine.B_iso_min                                ? 
_refine.B_iso_max                                ? 
_refine.correlation_coeff_Fo_to_Fc               ? 
_refine.correlation_coeff_Fo_to_Fc_free          ? 
_refine.pdbx_solvent_vdw_probe_radii             ? 
_refine.pdbx_solvent_ion_probe_radii             ? 
_refine.pdbx_solvent_shrinkage_radii             ? 
_refine.overall_SU_R_Cruickshank_DPI             ? 
_refine.overall_SU_R_free                        ? 
_refine.overall_SU_ML                            ? 
_refine.overall_SU_B                             ? 
_refine.pdbx_overall_ESU_R_Free                  ? 
_refine.pdbx_data_cutoff_high_rms_absF           ? 
_refine.pdbx_overall_ESU_R                       ? 
_refine.ls_wR_factor_R_free                      ? 
_refine.ls_wR_factor_R_work                      ? 
_refine.overall_FOM_free_R_set                   ? 
_refine.overall_FOM_work_R_set                   ? 
_refine.pdbx_refine_id                           'X-RAY DIFFRACTION' 
_refine.pdbx_diffrn_id                           1 
_refine.pdbx_TLS_residual_ADP_flag               ? 
_refine.pdbx_overall_phase_error                 ? 
_refine.pdbx_overall_SU_R_free_Cruickshank_DPI   ? 
_refine.pdbx_overall_SU_R_Blow_DPI               ? 
_refine.pdbx_overall_SU_R_free_Blow_DPI          ? 
# 
_refine_hist.pdbx_refine_id                   'X-RAY DIFFRACTION' 
_refine_hist.cycle_id                         LAST 
_refine_hist.pdbx_number_atoms_protein        1158 
_refine_hist.pdbx_number_atoms_nucleic_acid   0 
_refine_hist.pdbx_number_atoms_ligand         2 
_refine_hist.number_atoms_solvent             161 
_refine_hist.number_atoms_total               1321 
_refine_hist.d_res_high                       2.100 
_refine_hist.d_res_low                        50. 
# 
loop_
_refine_ls_restr.type 
_refine_ls_restr.dev_ideal 
_refine_ls_restr.dev_ideal_target 
_refine_ls_restr.number 
_refine_ls_restr.weight 
_refine_ls_restr.pdbx_refine_id 
_refine_ls_restr.pdbx_restraint_function 
c_angle_deg  1.40  ?   ? ? 'X-RAY DIFFRACTION' ? 
c_bond_d     0.008 ?   ? ? 'X-RAY DIFFRACTION' ? 
c_mcbond_it  3.720 3.0 ? ? 'X-RAY DIFFRACTION' ? 
c_mcangle_it 5.215 4.5 ? ? 'X-RAY DIFFRACTION' ? 
c_scbond_it  5.729 4.5 ? ? 'X-RAY DIFFRACTION' ? 
c_scangle_it 7.726 6.5 ? ? 'X-RAY DIFFRACTION' ? 
# 
loop_
_pdbx_xplor_file.serial_no 
_pdbx_xplor_file.param_file 
_pdbx_xplor_file.topol_file 
_pdbx_xplor_file.pdbx_refine_id 
1 CNS_TOPPAR:protein_rep.param CNS_TOPPAR:protein.top 'X-RAY DIFFRACTION' 
2 CNS_TOPPAR:dna-rna_rep.param CNS_TOPPAR:dna-rna.top 'X-RAY DIFFRACTION' 
3 CNS_TOPPAR:water_rep.param   CNS_TOPPAR:water.top   'X-RAY DIFFRACTION' 
4 CNS_TOPPAR:ion.param         CNS_TOPPAR:ion.top     'X-RAY DIFFRACTION' 
# 
_struct.entry_id                  2A11 
_struct.title                     'Crystal Structure of Nuclease Domain of Ribonuclase III from Mycobacterium Tuberculosis' 
_struct.pdbx_model_details        ? 
_struct.pdbx_CASP_flag            ? 
_struct.pdbx_model_type_details   ? 
# 
_struct_keywords.entry_id        2A11 
_struct_keywords.pdbx_keywords   TRANSCRIPTION,TRANSLATION,HYDROLASE 
_struct_keywords.text            
;ribonuclease; RNase III; nuclease domain; Structural Genomics, PSI, Protein Structure Initiative; Mycobacterium Tuberculosis Structural Proteomics Project (XMTB), TRANSCRIPTION, TRANSLATION, HYDROLASE
;
# 
loop_
_struct_asym.id 
_struct_asym.pdbx_blank_PDB_chainid_flag 
_struct_asym.pdbx_modified 
_struct_asym.entity_id 
_struct_asym.details 
A N N 1 ? 
B N N 2 ? 
C N N 2 ? 
D N N 3 ? 
# 
_struct_ref.id                         1 
_struct_ref.entity_id                  1 
_struct_ref.db_name                    UNP 
_struct_ref.db_code                    RNC_MYCTU 
_struct_ref.pdbx_db_accession          P66666 
_struct_ref.pdbx_align_begin           1 
_struct_ref.pdbx_seq_one_letter_code   
;MIRSRQPLLDALGVDLPDELLSLALTHRSYAYENGGLPTNERLEFLGDAVLGLTITDALFHRHPDRSEGDLAKLRASVVN
TQALADVARRLCAEGLGVHVLLGRGEANTGGADKSSILADGMESLLGAIYLQHGMEKAREVILRLFGPLLDAAPTLGAGL
DWKTSLQELTAARGLGAPSYLVTSTGPDHDKEFTAVVVVMDSEYGSGVGRSKKEAEQKAAAAAWKALEVLDNAMPGKTSA

;
_struct_ref.pdbx_db_isoform            ? 
# 
_struct_ref_seq.align_id                      1 
_struct_ref_seq.ref_id                        1 
_struct_ref_seq.pdbx_PDB_id_code              2A11 
_struct_ref_seq.pdbx_strand_id                A 
_struct_ref_seq.seq_align_beg                 3 
_struct_ref_seq.pdbx_seq_align_beg_ins_code   ? 
_struct_ref_seq.seq_align_end                 242 
_struct_ref_seq.pdbx_seq_align_end_ins_code   ? 
_struct_ref_seq.pdbx_db_accession             P66666 
_struct_ref_seq.db_align_beg                  1 
_struct_ref_seq.pdbx_db_align_beg_ins_code    ? 
_struct_ref_seq.db_align_end                  240 
_struct_ref_seq.pdbx_db_align_end_ins_code    ? 
_struct_ref_seq.pdbx_auth_seq_align_beg       1 
_struct_ref_seq.pdbx_auth_seq_align_end       240 
# 
loop_
_struct_ref_seq_dif.align_id 
_struct_ref_seq_dif.pdbx_pdb_id_code 
_struct_ref_seq_dif.mon_id 
_struct_ref_seq_dif.pdbx_pdb_strand_id 
_struct_ref_seq_dif.seq_num 
_struct_ref_seq_dif.pdbx_pdb_ins_code 
_struct_ref_seq_dif.pdbx_seq_db_name 
_struct_ref_seq_dif.pdbx_seq_db_accession_code 
_struct_ref_seq_dif.db_mon_id 
_struct_ref_seq_dif.pdbx_seq_db_seq_num 
_struct_ref_seq_dif.details 
_struct_ref_seq_dif.pdbx_auth_seq_num 
_struct_ref_seq_dif.pdbx_ordinal 
1 2A11 GLY A 1 ? UNP P66666 ? ? 'cloning artifact' -1 1 
1 2A11 ALA A 2 ? UNP P66666 ? ? 'cloning artifact' 0  2 
# 
_pdbx_struct_assembly.id                   1 
_pdbx_struct_assembly.details              author_and_software_defined_assembly 
_pdbx_struct_assembly.method_details       PISA,PQS 
_pdbx_struct_assembly.oligomeric_details   dimeric 
_pdbx_struct_assembly.oligomeric_count     2 
# 
loop_
_pdbx_struct_assembly_prop.biol_id 
_pdbx_struct_assembly_prop.type 
_pdbx_struct_assembly_prop.value 
_pdbx_struct_assembly_prop.details 
1 'ABSA (A^2)' 2650  ? 
1 MORE         -44   ? 
1 'SSA (A^2)'  13760 ? 
# 
_pdbx_struct_assembly_gen.assembly_id       1 
_pdbx_struct_assembly_gen.oper_expression   1,2 
_pdbx_struct_assembly_gen.asym_id_list      A,B,C,D 
# 
loop_
_pdbx_struct_oper_list.id 
_pdbx_struct_oper_list.type 
_pdbx_struct_oper_list.name 
_pdbx_struct_oper_list.symmetry_operation 
_pdbx_struct_oper_list.matrix[1][1] 
_pdbx_struct_oper_list.matrix[1][2] 
_pdbx_struct_oper_list.matrix[1][3] 
_pdbx_struct_oper_list.vector[1] 
_pdbx_struct_oper_list.matrix[2][1] 
_pdbx_struct_oper_list.matrix[2][2] 
_pdbx_struct_oper_list.matrix[2][3] 
_pdbx_struct_oper_list.vector[2] 
_pdbx_struct_oper_list.matrix[3][1] 
_pdbx_struct_oper_list.matrix[3][2] 
_pdbx_struct_oper_list.matrix[3][3] 
_pdbx_struct_oper_list.vector[3] 
1 'identity operation'         1_555 x,y,z            1.0000000000  0.0000000000  0.0000000000 0.0000000000   0.0000000000  1.0000000000  0.0000000000  0.0000000000  0.0000000000 0.0000000000  1.0000000000 0.0000000000 
2 'crystal symmetry operation' 8_666 -y+1,-x+1,-z+3/2 -0.8119858529 -0.0481207088 0.5816900997 -13.6132424347 -0.0481207088 -0.9876838916 -0.1488789026 24.0911547877 0.5816900997 -0.1488789026 0.7996697445 6.3930357613 
# 
_struct_biol.id                    1 
_struct_biol.details               
'The second part of the biological assembly is generated by the two fold symmetry operator:  -x, -y, -z+1/2' 
_struct_biol.pdbx_parent_biol_id   ? 
# 
loop_
_struct_conf.conf_type_id 
_struct_conf.id 
_struct_conf.pdbx_PDB_helix_id 
_struct_conf.beg_label_comp_id 
_struct_conf.beg_label_asym_id 
_struct_conf.beg_label_seq_id 
_struct_conf.pdbx_beg_PDB_ins_code 
_struct_conf.end_label_comp_id 
_struct_conf.end_label_asym_id 
_struct_conf.end_label_seq_id 
_struct_conf.pdbx_end_PDB_ins_code 
_struct_conf.beg_auth_comp_id 
_struct_conf.beg_auth_asym_id 
_struct_conf.beg_auth_seq_id 
_struct_conf.end_auth_comp_id 
_struct_conf.end_auth_asym_id 
_struct_conf.end_auth_seq_id 
_struct_conf.pdbx_PDB_helix_class 
_struct_conf.details 
_struct_conf.pdbx_PDB_helix_length 
HELX_P HELX_P1  1  ARG A 7   ? GLY A 15  ? ARG A 5   GLY A 13  1 ? 9  
HELX_P HELX_P2  2  PRO A 19  ? LEU A 27  ? PRO A 17  LEU A 25  1 ? 9  
HELX_P HELX_P3  3  HIS A 29  ? ASN A 36  ? HIS A 27  ASN A 34  1 ? 8  
HELX_P HELX_P4  4  ASN A 42  ? HIS A 65  ? ASN A 40  HIS A 63  1 ? 24 
HELX_P HELX_P5  5  SER A 69  ? ASN A 82  ? SER A 67  ASN A 80  1 ? 14 
HELX_P HELX_P6  6  ASN A 82  ? LEU A 93  ? ASN A 80  LEU A 91  1 ? 12 
HELX_P HELX_P7  7  LEU A 98  ? VAL A 102 ? LEU A 96  VAL A 100 5 ? 5  
HELX_P HELX_P8  8  GLY A 105 ? THR A 111 ? GLY A 103 THR A 109 1 ? 7  
HELX_P HELX_P9  9  GLY A 112 ? ASP A 115 ? GLY A 110 ASP A 113 5 ? 4  
HELX_P HELX_P10 10 LYS A 116 ? GLY A 136 ? LYS A 114 GLY A 134 1 ? 21 
HELX_P HELX_P11 11 GLY A 136 ? PHE A 148 ? GLY A 134 PHE A 146 1 ? 13 
HELX_P HELX_P12 12 PHE A 148 ? ALA A 155 ? PHE A 146 ALA A 153 1 ? 8  
# 
_struct_conf_type.id          HELX_P 
_struct_conf_type.criteria    ? 
_struct_conf_type.reference   ? 
# 
loop_
_struct_conn.id 
_struct_conn.conn_type_id 
_struct_conn.pdbx_leaving_atom_flag 
_struct_conn.pdbx_PDB_id 
_struct_conn.ptnr1_label_asym_id 
_struct_conn.ptnr1_label_comp_id 
_struct_conn.ptnr1_label_seq_id 
_struct_conn.ptnr1_label_atom_id 
_struct_conn.pdbx_ptnr1_label_alt_id 
_struct_conn.pdbx_ptnr1_PDB_ins_code 
_struct_conn.pdbx_ptnr1_standard_comp_id 
_struct_conn.ptnr1_symmetry 
_struct_conn.ptnr2_label_asym_id 
_struct_conn.ptnr2_label_comp_id 
_struct_conn.ptnr2_label_seq_id 
_struct_conn.ptnr2_label_atom_id 
_struct_conn.pdbx_ptnr2_label_alt_id 
_struct_conn.pdbx_ptnr2_PDB_ins_code 
_struct_conn.ptnr1_auth_asym_id 
_struct_conn.ptnr1_auth_comp_id 
_struct_conn.ptnr1_auth_seq_id 
_struct_conn.ptnr2_auth_asym_id 
_struct_conn.ptnr2_auth_comp_id 
_struct_conn.ptnr2_auth_seq_id 
_struct_conn.ptnr2_symmetry 
_struct_conn.pdbx_ptnr3_label_atom_id 
_struct_conn.pdbx_ptnr3_label_seq_id 
_struct_conn.pdbx_ptnr3_label_comp_id 
_struct_conn.pdbx_ptnr3_label_asym_id 
_struct_conn.pdbx_ptnr3_label_alt_id 
_struct_conn.pdbx_ptnr3_PDB_ins_code 
_struct_conn.details 
_struct_conn.pdbx_dist_value 
_struct_conn.pdbx_value_order 
_struct_conn.pdbx_role 
metalc1  metalc ? ? A GLU 46  OE2 ? ? ? 1_555 B CA  . CA ? ? A GLU 44   A CA  1001 1_555 ? ? ? ? ? ? ? 2.285 ? ? 
metalc2  metalc ? ? A GLU 125 OE1 ? ? ? 1_555 B CA  . CA ? ? A GLU 123  A CA  1001 1_555 ? ? ? ? ? ? ? 2.785 ? ? 
metalc3  metalc ? ? B CA  .   CA  ? ? ? 1_555 D HOH . O  ? ? A CA  1001 A HOH 1008 1_555 ? ? ? ? ? ? ? 2.842 ? ? 
metalc4  metalc ? ? B CA  .   CA  ? ? ? 1_555 D HOH . O  ? ? A CA  1001 A HOH 1009 1_555 ? ? ? ? ? ? ? 2.604 ? ? 
metalc5  metalc ? ? B CA  .   CA  ? ? ? 1_555 D HOH . O  ? ? A CA  1001 A HOH 1010 1_555 ? ? ? ? ? ? ? 2.884 ? ? 
metalc6  metalc ? ? C CA  .   CA  ? ? ? 1_555 D HOH . O  ? ? A CA  1002 A HOH 1004 1_555 ? ? ? ? ? ? ? 2.281 ? ? 
metalc7  metalc ? ? C CA  .   CA  ? ? ? 1_555 D HOH . O  ? ? A CA  1002 A HOH 1005 1_555 ? ? ? ? ? ? ? 2.516 ? ? 
metalc8  metalc ? ? C CA  .   CA  ? ? ? 1_555 D HOH . O  ? ? A CA  1002 A HOH 1006 1_555 ? ? ? ? ? ? ? 2.825 ? ? 
metalc9  metalc ? ? C CA  .   CA  ? ? ? 1_555 D HOH . O  ? ? A CA  1002 A HOH 1007 1_555 ? ? ? ? ? ? ? 2.481 ? ? 
metalc10 metalc ? ? C CA  .   CA  ? ? ? 1_555 D HOH . O  ? ? A CA  1002 A HOH 1010 1_555 ? ? ? ? ? ? ? 3.299 ? ? 
# 
_struct_conn_type.id          metalc 
_struct_conn_type.criteria    ? 
_struct_conn_type.reference   ? 
# 
loop_
_pdbx_struct_conn_angle.id 
_pdbx_struct_conn_angle.ptnr1_label_atom_id 
_pdbx_struct_conn_angle.ptnr1_label_alt_id 
_pdbx_struct_conn_angle.ptnr1_label_asym_id 
_pdbx_struct_conn_angle.ptnr1_label_comp_id 
_pdbx_struct_conn_angle.ptnr1_label_seq_id 
_pdbx_struct_conn_angle.ptnr1_auth_atom_id 
_pdbx_struct_conn_angle.ptnr1_auth_asym_id 
_pdbx_struct_conn_angle.ptnr1_auth_comp_id 
_pdbx_struct_conn_angle.ptnr1_auth_seq_id 
_pdbx_struct_conn_angle.ptnr1_PDB_ins_code 
_pdbx_struct_conn_angle.ptnr1_symmetry 
_pdbx_struct_conn_angle.ptnr2_label_atom_id 
_pdbx_struct_conn_angle.ptnr2_label_alt_id 
_pdbx_struct_conn_angle.ptnr2_label_asym_id 
_pdbx_struct_conn_angle.ptnr2_label_comp_id 
_pdbx_struct_conn_angle.ptnr2_label_seq_id 
_pdbx_struct_conn_angle.ptnr2_auth_atom_id 
_pdbx_struct_conn_angle.ptnr2_auth_asym_id 
_pdbx_struct_conn_angle.ptnr2_auth_comp_id 
_pdbx_struct_conn_angle.ptnr2_auth_seq_id 
_pdbx_struct_conn_angle.ptnr2_PDB_ins_code 
_pdbx_struct_conn_angle.ptnr2_symmetry 
_pdbx_struct_conn_angle.ptnr3_label_atom_id 
_pdbx_struct_conn_angle.ptnr3_label_alt_id 
_pdbx_struct_conn_angle.ptnr3_label_asym_id 
_pdbx_struct_conn_angle.ptnr3_label_comp_id 
_pdbx_struct_conn_angle.ptnr3_label_seq_id 
_pdbx_struct_conn_angle.ptnr3_auth_atom_id 
_pdbx_struct_conn_angle.ptnr3_auth_asym_id 
_pdbx_struct_conn_angle.ptnr3_auth_comp_id 
_pdbx_struct_conn_angle.ptnr3_auth_seq_id 
_pdbx_struct_conn_angle.ptnr3_PDB_ins_code 
_pdbx_struct_conn_angle.ptnr3_symmetry 
_pdbx_struct_conn_angle.value 
_pdbx_struct_conn_angle.value_esd 
1  OE2 ? A GLU 46  ? A GLU 44   ? 1_555 CA ? B CA . ? A CA 1001 ? 1_555 OE1 ? A GLU 125 ? A GLU 123  ? 1_555 117.3 ? 
2  OE2 ? A GLU 46  ? A GLU 44   ? 1_555 CA ? B CA . ? A CA 1001 ? 1_555 O   ? D HOH .   ? A HOH 1008 ? 1_555 70.2  ? 
3  OE1 ? A GLU 125 ? A GLU 123  ? 1_555 CA ? B CA . ? A CA 1001 ? 1_555 O   ? D HOH .   ? A HOH 1008 ? 1_555 112.0 ? 
4  OE2 ? A GLU 46  ? A GLU 44   ? 1_555 CA ? B CA . ? A CA 1001 ? 1_555 O   ? D HOH .   ? A HOH 1009 ? 1_555 170.5 ? 
5  OE1 ? A GLU 125 ? A GLU 123  ? 1_555 CA ? B CA . ? A CA 1001 ? 1_555 O   ? D HOH .   ? A HOH 1009 ? 1_555 72.1  ? 
6  O   ? D HOH .   ? A HOH 1008 ? 1_555 CA ? B CA . ? A CA 1001 ? 1_555 O   ? D HOH .   ? A HOH 1009 ? 1_555 108.2 ? 
7  OE2 ? A GLU 46  ? A GLU 44   ? 1_555 CA ? B CA . ? A CA 1001 ? 1_555 O   ? D HOH .   ? A HOH 1010 ? 1_555 73.0  ? 
8  OE1 ? A GLU 125 ? A GLU 123  ? 1_555 CA ? B CA . ? A CA 1001 ? 1_555 O   ? D HOH .   ? A HOH 1010 ? 1_555 163.0 ? 
9  O   ? D HOH .   ? A HOH 1008 ? 1_555 CA ? B CA . ? A CA 1001 ? 1_555 O   ? D HOH .   ? A HOH 1010 ? 1_555 83.8  ? 
10 O   ? D HOH .   ? A HOH 1009 ? 1_555 CA ? B CA . ? A CA 1001 ? 1_555 O   ? D HOH .   ? A HOH 1010 ? 1_555 97.6  ? 
11 O   ? D HOH .   ? A HOH 1004 ? 1_555 CA ? C CA . ? A CA 1002 ? 1_555 O   ? D HOH .   ? A HOH 1005 ? 1_555 100.2 ? 
12 O   ? D HOH .   ? A HOH 1004 ? 1_555 CA ? C CA . ? A CA 1002 ? 1_555 O   ? D HOH .   ? A HOH 1006 ? 1_555 102.2 ? 
13 O   ? D HOH .   ? A HOH 1005 ? 1_555 CA ? C CA . ? A CA 1002 ? 1_555 O   ? D HOH .   ? A HOH 1006 ? 1_555 80.7  ? 
14 O   ? D HOH .   ? A HOH 1004 ? 1_555 CA ? C CA . ? A CA 1002 ? 1_555 O   ? D HOH .   ? A HOH 1007 ? 1_555 95.8  ? 
15 O   ? D HOH .   ? A HOH 1005 ? 1_555 CA ? C CA . ? A CA 1002 ? 1_555 O   ? D HOH .   ? A HOH 1007 ? 1_555 163.9 ? 
16 O   ? D HOH .   ? A HOH 1006 ? 1_555 CA ? C CA . ? A CA 1002 ? 1_555 O   ? D HOH .   ? A HOH 1007 ? 1_555 96.5  ? 
17 O   ? D HOH .   ? A HOH 1004 ? 1_555 CA ? C CA . ? A CA 1002 ? 1_555 O   ? D HOH .   ? A HOH 1010 ? 1_555 98.9  ? 
18 O   ? D HOH .   ? A HOH 1005 ? 1_555 CA ? C CA . ? A CA 1002 ? 1_555 O   ? D HOH .   ? A HOH 1010 ? 1_555 121.5 ? 
19 O   ? D HOH .   ? A HOH 1006 ? 1_555 CA ? C CA . ? A CA 1002 ? 1_555 O   ? D HOH .   ? A HOH 1010 ? 1_555 145.9 ? 
20 O   ? D HOH .   ? A HOH 1007 ? 1_555 CA ? C CA . ? A CA 1002 ? 1_555 O   ? D HOH .   ? A HOH 1010 ? 1_555 54.6  ? 
# 
loop_
_struct_site.id 
_struct_site.pdbx_evidence_code 
_struct_site.pdbx_auth_asym_id 
_struct_site.pdbx_auth_comp_id 
_struct_site.pdbx_auth_seq_id 
_struct_site.pdbx_auth_ins_code 
_struct_site.pdbx_num_residues 
_struct_site.details 
AC1 Software A CA 1001 ? 6 'BINDING SITE FOR RESIDUE CA A 1001' 
AC2 Software A CA 1002 ? 4 'BINDING SITE FOR RESIDUE CA A 1002' 
# 
loop_
_struct_site_gen.id 
_struct_site_gen.site_id 
_struct_site_gen.pdbx_num_res 
_struct_site_gen.label_comp_id 
_struct_site_gen.label_asym_id 
_struct_site_gen.label_seq_id 
_struct_site_gen.pdbx_auth_ins_code 
_struct_site_gen.auth_comp_id 
_struct_site_gen.auth_asym_id 
_struct_site_gen.auth_seq_id 
_struct_site_gen.label_atom_id 
_struct_site_gen.label_alt_id 
_struct_site_gen.symmetry 
_struct_site_gen.details 
1  AC1 6 GLU A 46  ? GLU A 44   . ? 1_555 ? 
2  AC1 6 ASP A 122 ? ASP A 120  . ? 1_555 ? 
3  AC1 6 GLU A 125 ? GLU A 123  . ? 1_555 ? 
4  AC1 6 HOH D .   ? HOH A 1008 . ? 1_555 ? 
5  AC1 6 HOH D .   ? HOH A 1009 . ? 1_555 ? 
6  AC1 6 HOH D .   ? HOH A 1010 . ? 1_555 ? 
7  AC2 4 HOH D .   ? HOH A 1004 . ? 1_555 ? 
8  AC2 4 HOH D .   ? HOH A 1005 . ? 1_555 ? 
9  AC2 4 HOH D .   ? HOH A 1006 . ? 1_555 ? 
10 AC2 4 HOH D .   ? HOH A 1007 . ? 1_555 ? 
# 
loop_
_pdbx_validate_close_contact.id 
_pdbx_validate_close_contact.PDB_model_num 
_pdbx_validate_close_contact.auth_atom_id_1 
_pdbx_validate_close_contact.auth_asym_id_1 
_pdbx_validate_close_contact.auth_comp_id_1 
_pdbx_validate_close_contact.auth_seq_id_1 
_pdbx_validate_close_contact.PDB_ins_code_1 
_pdbx_validate_close_contact.label_alt_id_1 
_pdbx_validate_close_contact.auth_atom_id_2 
_pdbx_validate_close_contact.auth_asym_id_2 
_pdbx_validate_close_contact.auth_comp_id_2 
_pdbx_validate_close_contact.auth_seq_id_2 
_pdbx_validate_close_contact.PDB_ins_code_2 
_pdbx_validate_close_contact.label_alt_id_2 
_pdbx_validate_close_contact.dist 
1 1 NH1 A ARG 28   ? ? OH A TYR 32   ? ? 2.04 
2 1 O   A HOH 1016 ? ? O  A HOH 1099 ? ? 2.12 
# 
_pdbx_validate_torsion.id              1 
_pdbx_validate_torsion.PDB_model_num   1 
_pdbx_validate_torsion.auth_comp_id    ARG 
_pdbx_validate_torsion.auth_asym_id    A 
_pdbx_validate_torsion.auth_seq_id     3 
_pdbx_validate_torsion.PDB_ins_code    ? 
_pdbx_validate_torsion.label_alt_id    ? 
_pdbx_validate_torsion.phi             24.57 
_pdbx_validate_torsion.psi             -70.62 
# 
_pdbx_validate_planes.id              1 
_pdbx_validate_planes.PDB_model_num   1 
_pdbx_validate_planes.auth_comp_id    ARG 
_pdbx_validate_planes.auth_asym_id    A 
_pdbx_validate_planes.auth_seq_id     28 
_pdbx_validate_planes.PDB_ins_code    ? 
_pdbx_validate_planes.label_alt_id    ? 
_pdbx_validate_planes.rmsd            0.267 
_pdbx_validate_planes.type            'SIDE CHAIN' 
# 
_pdbx_SG_project.id                    1 
_pdbx_SG_project.project_name          ? 
_pdbx_SG_project.full_name_of_center   'Mycobacterium Tuberculosis Structural Proteomics Project' 
_pdbx_SG_project.initial_of_center     XMTB 
# 
_pdbx_struct_special_symmetry.id              1 
_pdbx_struct_special_symmetry.PDB_model_num   1 
_pdbx_struct_special_symmetry.auth_asym_id    A 
_pdbx_struct_special_symmetry.auth_comp_id    HOH 
_pdbx_struct_special_symmetry.auth_seq_id     1003 
_pdbx_struct_special_symmetry.PDB_ins_code    ? 
_pdbx_struct_special_symmetry.label_asym_id   D 
_pdbx_struct_special_symmetry.label_comp_id   HOH 
_pdbx_struct_special_symmetry.label_seq_id    . 
# 
loop_
_diffrn_reflns.diffrn_id 
_diffrn_reflns.pdbx_d_res_low 
_diffrn_reflns.pdbx_d_res_high 
_diffrn_reflns.number 
_diffrn_reflns.pdbx_percent_possible_obs 
_diffrn_reflns.pdbx_Rmerge_I_obs 
_diffrn_reflns.pdbx_chi_squared 
_diffrn_reflns.pdbx_redundancy 
_diffrn_reflns.pdbx_rejects 
_diffrn_reflns.pdbx_number_obs 
_diffrn_reflns.av_sigmaI_over_netI 
_diffrn_reflns.pdbx_Rsym_value 
1 30.00 2.50 16673 97.300 0.048 1.014 ? ? ? ? ? 
2 30.00 2.50 16477 96.100 0.047 1.028 ? ? ? ? ? 
# 
loop_
_pdbx_diffrn_reflns_shell.diffrn_id 
_pdbx_diffrn_reflns_shell.d_res_low 
_pdbx_diffrn_reflns_shell.d_res_high 
_pdbx_diffrn_reflns_shell.percent_possible_obs 
_pdbx_diffrn_reflns_shell.Rmerge_I_obs 
_pdbx_diffrn_reflns_shell.chi_squared 
_pdbx_diffrn_reflns_shell.redundancy 
_pdbx_diffrn_reflns_shell.rejects 
_pdbx_diffrn_reflns_shell.number_obs 
_pdbx_diffrn_reflns_shell.Rsym_value 
1 30.00 5.38 90.500 0.037 0.917 ? ? ? ? 
1 5.38  4.27 97.400 0.041 0.913 ? ? ? ? 
1 4.27  3.73 98.700 0.041 0.953 ? ? ? ? 
1 3.73  3.39 99.200 0.044 0.972 ? ? ? ? 
1 3.39  3.15 99.600 0.052 1.047 ? ? ? ? 
1 3.15  2.96 99.900 0.064 1.031 ? ? ? ? 
1 2.96  2.82 99.800 0.078 1.081 ? ? ? ? 
1 2.82  2.69 99.900 0.100 1.063 ? ? ? ? 
1 2.69  2.59 99.600 0.118 1.095 ? ? ? ? 
1 2.59  2.50 88.700 0.138 1.075 ? ? ? ? 
2 30.00 5.38 90.700 0.038 1.033 ? ? ? ? 
2 5.38  4.27 97.500 0.041 0.994 ? ? ? ? 
2 4.27  3.73 98.700 0.041 1.011 ? ? ? ? 
2 3.73  3.39 99.200 0.043 1.014 ? ? ? ? 
2 3.39  3.15 99.600 0.052 0.944 ? ? ? ? 
2 3.15  2.96 99.900 0.064 1.033 ? ? ? ? 
2 2.96  2.82 99.800 0.076 1.071 ? ? ? ? 
2 2.82  2.69 99.900 0.098 1.075 ? ? ? ? 
2 2.69  2.59 95.300 0.111 1.052 ? ? ? ? 
2 2.59  2.50 80.100 0.133 1.089 ? ? ? ? 
# 
_pdbx_phasing_MAD_set_site.id                 1 
_pdbx_phasing_MAD_set_site.atom_type_symbol   LAM1 
_pdbx_phasing_MAD_set_site.occupancy          0.900 
_pdbx_phasing_MAD_set_site.fract_x            0.763 
_pdbx_phasing_MAD_set_site.fract_y            0.754 
_pdbx_phasing_MAD_set_site.fract_z            0.028 
_pdbx_phasing_MAD_set_site.b_iso              60.000 
# 
_phasing.method   MAD 
# 
_phasing_MAD_clust.id           1 
_phasing_MAD_clust.expt_id      '2 wavelength' 
_phasing_MAD_clust.number_set   ? 
# 
_phasing_MAD_expt.id         '2 wavelength' 
_phasing_MAD_expt.mean_fom   ? 
# 
loop_
_phasing_MAD_set.clust_id 
_phasing_MAD_set.expt_id 
_phasing_MAD_set.set_id 
_phasing_MAD_set.wavelength 
_phasing_MAD_set.pdbx_f_prime_refined 
_phasing_MAD_set.pdbx_f_double_prime_refined 
1 '2 wavelength' 1 0.9793 -9.81 10.84 
1 '2 wavelength' 2 1.0000 -3.48 1.23  
# 
loop_
_phasing_set.id 
_phasing_set.pdbx_d_res_high 
_phasing_set.pdbx_d_res_low 
1 . . 
2 . . 
# 
loop_
_pdbx_unobs_or_zero_occ_residues.id 
_pdbx_unobs_or_zero_occ_residues.PDB_model_num 
_pdbx_unobs_or_zero_occ_residues.polymer_flag 
_pdbx_unobs_or_zero_occ_residues.occupancy_flag 
_pdbx_unobs_or_zero_occ_residues.auth_asym_id 
_pdbx_unobs_or_zero_occ_residues.auth_comp_id 
_pdbx_unobs_or_zero_occ_residues.auth_seq_id 
_pdbx_unobs_or_zero_occ_residues.PDB_ins_code 
_pdbx_unobs_or_zero_occ_residues.label_asym_id 
_pdbx_unobs_or_zero_occ_residues.label_comp_id 
_pdbx_unobs_or_zero_occ_residues.label_seq_id 
1  1 Y 1 A GLY -1  ? A GLY 1   
2  1 Y 1 A ALA 0   ? A ALA 2   
3  1 Y 1 A MET 1   ? A MET 3   
4  1 Y 1 A LEU 156 ? A LEU 158 
5  1 Y 1 A GLY 157 ? A GLY 159 
6  1 Y 1 A ALA 158 ? A ALA 160 
7  1 Y 1 A GLY 159 ? A GLY 161 
8  1 Y 1 A LEU 160 ? A LEU 162 
9  1 Y 1 A ASP 161 ? A ASP 163 
10 1 Y 1 A TRP 162 ? A TRP 164 
11 1 Y 1 A LYS 163 ? A LYS 165 
12 1 Y 1 A THR 164 ? A THR 166 
13 1 Y 1 A SER 165 ? A SER 167 
14 1 Y 1 A LEU 166 ? A LEU 168 
15 1 Y 1 A GLN 167 ? A GLN 169 
16 1 Y 1 A GLU 168 ? A GLU 170 
17 1 Y 1 A LEU 169 ? A LEU 171 
18 1 Y 1 A THR 170 ? A THR 172 
19 1 Y 1 A ALA 171 ? A ALA 173 
20 1 Y 1 A ALA 172 ? A ALA 174 
21 1 Y 1 A ARG 173 ? A ARG 175 
22 1 Y 1 A GLY 174 ? A GLY 176 
23 1 Y 1 A LEU 175 ? A LEU 177 
24 1 Y 1 A GLY 176 ? A GLY 178 
25 1 Y 1 A ALA 177 ? A ALA 179 
26 1 Y 1 A PRO 178 ? A PRO 180 
27 1 Y 1 A SER 179 ? A SER 181 
28 1 Y 1 A TYR 180 ? A TYR 182 
29 1 Y 1 A LEU 181 ? A LEU 183 
30 1 Y 1 A VAL 182 ? A VAL 184 
31 1 Y 1 A THR 183 ? A THR 185 
32 1 Y 1 A SER 184 ? A SER 186 
33 1 Y 1 A THR 185 ? A THR 187 
34 1 Y 1 A GLY 186 ? A GLY 188 
35 1 Y 1 A PRO 187 ? A PRO 189 
36 1 Y 1 A ASP 188 ? A ASP 190 
37 1 Y 1 A HIS 189 ? A HIS 191 
38 1 Y 1 A ASP 190 ? A ASP 192 
39 1 Y 1 A LYS 191 ? A LYS 193 
40 1 Y 1 A GLU 192 ? A GLU 194 
41 1 Y 1 A PHE 193 ? A PHE 195 
42 1 Y 1 A THR 194 ? A THR 196 
43 1 Y 1 A ALA 195 ? A ALA 197 
44 1 Y 1 A VAL 196 ? A VAL 198 
45 1 Y 1 A VAL 197 ? A VAL 199 
46 1 Y 1 A VAL 198 ? A VAL 200 
47 1 Y 1 A VAL 199 ? A VAL 201 
48 1 Y 1 A MET 200 ? A MET 202 
49 1 Y 1 A ASP 201 ? A ASP 203 
50 1 Y 1 A SER 202 ? A SER 204 
51 1 Y 1 A GLU 203 ? A GLU 205 
52 1 Y 1 A TYR 204 ? A TYR 206 
53 1 Y 1 A GLY 205 ? A GLY 207 
54 1 Y 1 A SER 206 ? A SER 208 
55 1 Y 1 A GLY 207 ? A GLY 209 
56 1 Y 1 A VAL 208 ? A VAL 210 
57 1 Y 1 A GLY 209 ? A GLY 211 
58 1 Y 1 A ARG 210 ? A ARG 212 
59 1 Y 1 A SER 211 ? A SER 213 
60 1 Y 1 A LYS 212 ? A LYS 214 
61 1 Y 1 A LYS 213 ? A LYS 215 
62 1 Y 1 A GLU 214 ? A GLU 216 
63 1 Y 1 A ALA 215 ? A ALA 217 
64 1 Y 1 A GLU 216 ? A GLU 218 
65 1 Y 1 A GLN 217 ? A GLN 219 
66 1 Y 1 A LYS 218 ? A LYS 220 
67 1 Y 1 A ALA 219 ? A ALA 221 
68 1 Y 1 A ALA 220 ? A ALA 222 
69 1 Y 1 A ALA 221 ? A ALA 223 
70 1 Y 1 A ALA 222 ? A ALA 224 
71 1 Y 1 A ALA 223 ? A ALA 225 
72 1 Y 1 A TRP 224 ? A TRP 226 
73 1 Y 1 A LYS 225 ? A LYS 227 
74 1 Y 1 A ALA 226 ? A ALA 228 
75 1 Y 1 A LEU 227 ? A LEU 229 
76 1 Y 1 A GLU 228 ? A GLU 230 
77 1 Y 1 A VAL 229 ? A VAL 231 
78 1 Y 1 A LEU 230 ? A LEU 232 
79 1 Y 1 A ASP 231 ? A ASP 233 
80 1 Y 1 A ASN 232 ? A ASN 234 
81 1 Y 1 A ALA 233 ? A ALA 235 
82 1 Y 1 A MET 234 ? A MET 236 
83 1 Y 1 A PRO 235 ? A PRO 237 
84 1 Y 1 A GLY 236 ? A GLY 238 
85 1 Y 1 A LYS 237 ? A LYS 239 
86 1 Y 1 A THR 238 ? A THR 240 
87 1 Y 1 A SER 239 ? A SER 241 
88 1 Y 1 A ALA 240 ? A ALA 242 
# 
loop_
_chem_comp_atom.comp_id 
_chem_comp_atom.atom_id 
_chem_comp_atom.type_symbol 
_chem_comp_atom.pdbx_aromatic_flag 
_chem_comp_atom.pdbx_stereo_config 
_chem_comp_atom.pdbx_ordinal 
ALA N    N  N N 1   
ALA CA   C  N S 2   
ALA C    C  N N 3   
ALA O    O  N N 4   
ALA CB   C  N N 5   
ALA OXT  O  N N 6   
ALA H    H  N N 7   
ALA H2   H  N N 8   
ALA HA   H  N N 9   
ALA HB1  H  N N 10  
ALA HB2  H  N N 11  
ALA HB3  H  N N 12  
ALA HXT  H  N N 13  
ARG N    N  N N 14  
ARG CA   C  N S 15  
ARG C    C  N N 16  
ARG O    O  N N 17  
ARG CB   C  N N 18  
ARG CG   C  N N 19  
ARG CD   C  N N 20  
ARG NE   N  N N 21  
ARG CZ   C  N N 22  
ARG NH1  N  N N 23  
ARG NH2  N  N N 24  
ARG OXT  O  N N 25  
ARG H    H  N N 26  
ARG H2   H  N N 27  
ARG HA   H  N N 28  
ARG HB2  H  N N 29  
ARG HB3  H  N N 30  
ARG HG2  H  N N 31  
ARG HG3  H  N N 32  
ARG HD2  H  N N 33  
ARG HD3  H  N N 34  
ARG HE   H  N N 35  
ARG HH11 H  N N 36  
ARG HH12 H  N N 37  
ARG HH21 H  N N 38  
ARG HH22 H  N N 39  
ARG HXT  H  N N 40  
ASN N    N  N N 41  
ASN CA   C  N S 42  
ASN C    C  N N 43  
ASN O    O  N N 44  
ASN CB   C  N N 45  
ASN CG   C  N N 46  
ASN OD1  O  N N 47  
ASN ND2  N  N N 48  
ASN OXT  O  N N 49  
ASN H    H  N N 50  
ASN H2   H  N N 51  
ASN HA   H  N N 52  
ASN HB2  H  N N 53  
ASN HB3  H  N N 54  
ASN HD21 H  N N 55  
ASN HD22 H  N N 56  
ASN HXT  H  N N 57  
ASP N    N  N N 58  
ASP CA   C  N S 59  
ASP C    C  N N 60  
ASP O    O  N N 61  
ASP CB   C  N N 62  
ASP CG   C  N N 63  
ASP OD1  O  N N 64  
ASP OD2  O  N N 65  
ASP OXT  O  N N 66  
ASP H    H  N N 67  
ASP H2   H  N N 68  
ASP HA   H  N N 69  
ASP HB2  H  N N 70  
ASP HB3  H  N N 71  
ASP HD2  H  N N 72  
ASP HXT  H  N N 73  
CA  CA   CA N N 74  
CYS N    N  N N 75  
CYS CA   C  N R 76  
CYS C    C  N N 77  
CYS O    O  N N 78  
CYS CB   C  N N 79  
CYS SG   S  N N 80  
CYS OXT  O  N N 81  
CYS H    H  N N 82  
CYS H2   H  N N 83  
CYS HA   H  N N 84  
CYS HB2  H  N N 85  
CYS HB3  H  N N 86  
CYS HG   H  N N 87  
CYS HXT  H  N N 88  
GLN N    N  N N 89  
GLN CA   C  N S 90  
GLN C    C  N N 91  
GLN O    O  N N 92  
GLN CB   C  N N 93  
GLN CG   C  N N 94  
GLN CD   C  N N 95  
GLN OE1  O  N N 96  
GLN NE2  N  N N 97  
GLN OXT  O  N N 98  
GLN H    H  N N 99  
GLN H2   H  N N 100 
GLN HA   H  N N 101 
GLN HB2  H  N N 102 
GLN HB3  H  N N 103 
GLN HG2  H  N N 104 
GLN HG3  H  N N 105 
GLN HE21 H  N N 106 
GLN HE22 H  N N 107 
GLN HXT  H  N N 108 
GLU N    N  N N 109 
GLU CA   C  N S 110 
GLU C    C  N N 111 
GLU O    O  N N 112 
GLU CB   C  N N 113 
GLU CG   C  N N 114 
GLU CD   C  N N 115 
GLU OE1  O  N N 116 
GLU OE2  O  N N 117 
GLU OXT  O  N N 118 
GLU H    H  N N 119 
GLU H2   H  N N 120 
GLU HA   H  N N 121 
GLU HB2  H  N N 122 
GLU HB3  H  N N 123 
GLU HG2  H  N N 124 
GLU HG3  H  N N 125 
GLU HE2  H  N N 126 
GLU HXT  H  N N 127 
GLY N    N  N N 128 
GLY CA   C  N N 129 
GLY C    C  N N 130 
GLY O    O  N N 131 
GLY OXT  O  N N 132 
GLY H    H  N N 133 
GLY H2   H  N N 134 
GLY HA2  H  N N 135 
GLY HA3  H  N N 136 
GLY HXT  H  N N 137 
HIS N    N  N N 138 
HIS CA   C  N S 139 
HIS C    C  N N 140 
HIS O    O  N N 141 
HIS CB   C  N N 142 
HIS CG   C  Y N 143 
HIS ND1  N  Y N 144 
HIS CD2  C  Y N 145 
HIS CE1  C  Y N 146 
HIS NE2  N  Y N 147 
HIS OXT  O  N N 148 
HIS H    H  N N 149 
HIS H2   H  N N 150 
HIS HA   H  N N 151 
HIS HB2  H  N N 152 
HIS HB3  H  N N 153 
HIS HD1  H  N N 154 
HIS HD2  H  N N 155 
HIS HE1  H  N N 156 
HIS HE2  H  N N 157 
HIS HXT  H  N N 158 
HOH O    O  N N 159 
HOH H1   H  N N 160 
HOH H2   H  N N 161 
ILE N    N  N N 162 
ILE CA   C  N S 163 
ILE C    C  N N 164 
ILE O    O  N N 165 
ILE CB   C  N S 166 
ILE CG1  C  N N 167 
ILE CG2  C  N N 168 
ILE CD1  C  N N 169 
ILE OXT  O  N N 170 
ILE H    H  N N 171 
ILE H2   H  N N 172 
ILE HA   H  N N 173 
ILE HB   H  N N 174 
ILE HG12 H  N N 175 
ILE HG13 H  N N 176 
ILE HG21 H  N N 177 
ILE HG22 H  N N 178 
ILE HG23 H  N N 179 
ILE HD11 H  N N 180 
ILE HD12 H  N N 181 
ILE HD13 H  N N 182 
ILE HXT  H  N N 183 
LEU N    N  N N 184 
LEU CA   C  N S 185 
LEU C    C  N N 186 
LEU O    O  N N 187 
LEU CB   C  N N 188 
LEU CG   C  N N 189 
LEU CD1  C  N N 190 
LEU CD2  C  N N 191 
LEU OXT  O  N N 192 
LEU H    H  N N 193 
LEU H2   H  N N 194 
LEU HA   H  N N 195 
LEU HB2  H  N N 196 
LEU HB3  H  N N 197 
LEU HG   H  N N 198 
LEU HD11 H  N N 199 
LEU HD12 H  N N 200 
LEU HD13 H  N N 201 
LEU HD21 H  N N 202 
LEU HD22 H  N N 203 
LEU HD23 H  N N 204 
LEU HXT  H  N N 205 
LYS N    N  N N 206 
LYS CA   C  N S 207 
LYS C    C  N N 208 
LYS O    O  N N 209 
LYS CB   C  N N 210 
LYS CG   C  N N 211 
LYS CD   C  N N 212 
LYS CE   C  N N 213 
LYS NZ   N  N N 214 
LYS OXT  O  N N 215 
LYS H    H  N N 216 
LYS H2   H  N N 217 
LYS HA   H  N N 218 
LYS HB2  H  N N 219 
LYS HB3  H  N N 220 
LYS HG2  H  N N 221 
LYS HG3  H  N N 222 
LYS HD2  H  N N 223 
LYS HD3  H  N N 224 
LYS HE2  H  N N 225 
LYS HE3  H  N N 226 
LYS HZ1  H  N N 227 
LYS HZ2  H  N N 228 
LYS HZ3  H  N N 229 
LYS HXT  H  N N 230 
MET N    N  N N 231 
MET CA   C  N S 232 
MET C    C  N N 233 
MET O    O  N N 234 
MET CB   C  N N 235 
MET CG   C  N N 236 
MET SD   S  N N 237 
MET CE   C  N N 238 
MET OXT  O  N N 239 
MET H    H  N N 240 
MET H2   H  N N 241 
MET HA   H  N N 242 
MET HB2  H  N N 243 
MET HB3  H  N N 244 
MET HG2  H  N N 245 
MET HG3  H  N N 246 
MET HE1  H  N N 247 
MET HE2  H  N N 248 
MET HE3  H  N N 249 
MET HXT  H  N N 250 
PHE N    N  N N 251 
PHE CA   C  N S 252 
PHE C    C  N N 253 
PHE O    O  N N 254 
PHE CB   C  N N 255 
PHE CG   C  Y N 256 
PHE CD1  C  Y N 257 
PHE CD2  C  Y N 258 
PHE CE1  C  Y N 259 
PHE CE2  C  Y N 260 
PHE CZ   C  Y N 261 
PHE OXT  O  N N 262 
PHE H    H  N N 263 
PHE H2   H  N N 264 
PHE HA   H  N N 265 
PHE HB2  H  N N 266 
PHE HB3  H  N N 267 
PHE HD1  H  N N 268 
PHE HD2  H  N N 269 
PHE HE1  H  N N 270 
PHE HE2  H  N N 271 
PHE HZ   H  N N 272 
PHE HXT  H  N N 273 
PRO N    N  N N 274 
PRO CA   C  N S 275 
PRO C    C  N N 276 
PRO O    O  N N 277 
PRO CB   C  N N 278 
PRO CG   C  N N 279 
PRO CD   C  N N 280 
PRO OXT  O  N N 281 
PRO H    H  N N 282 
PRO HA   H  N N 283 
PRO HB2  H  N N 284 
PRO HB3  H  N N 285 
PRO HG2  H  N N 286 
PRO HG3  H  N N 287 
PRO HD2  H  N N 288 
PRO HD3  H  N N 289 
PRO HXT  H  N N 290 
SER N    N  N N 291 
SER CA   C  N S 292 
SER C    C  N N 293 
SER O    O  N N 294 
SER CB   C  N N 295 
SER OG   O  N N 296 
SER OXT  O  N N 297 
SER H    H  N N 298 
SER H2   H  N N 299 
SER HA   H  N N 300 
SER HB2  H  N N 301 
SER HB3  H  N N 302 
SER HG   H  N N 303 
SER HXT  H  N N 304 
THR N    N  N N 305 
THR CA   C  N S 306 
THR C    C  N N 307 
THR O    O  N N 308 
THR CB   C  N R 309 
THR OG1  O  N N 310 
THR CG2  C  N N 311 
THR OXT  O  N N 312 
THR H    H  N N 313 
THR H2   H  N N 314 
THR HA   H  N N 315 
THR HB   H  N N 316 
THR HG1  H  N N 317 
THR HG21 H  N N 318 
THR HG22 H  N N 319 
THR HG23 H  N N 320 
THR HXT  H  N N 321 
TRP N    N  N N 322 
TRP CA   C  N S 323 
TRP C    C  N N 324 
TRP O    O  N N 325 
TRP CB   C  N N 326 
TRP CG   C  Y N 327 
TRP CD1  C  Y N 328 
TRP CD2  C  Y N 329 
TRP NE1  N  Y N 330 
TRP CE2  C  Y N 331 
TRP CE3  C  Y N 332 
TRP CZ2  C  Y N 333 
TRP CZ3  C  Y N 334 
TRP CH2  C  Y N 335 
TRP OXT  O  N N 336 
TRP H    H  N N 337 
TRP H2   H  N N 338 
TRP HA   H  N N 339 
TRP HB2  H  N N 340 
TRP HB3  H  N N 341 
TRP HD1  H  N N 342 
TRP HE1  H  N N 343 
TRP HE3  H  N N 344 
TRP HZ2  H  N N 345 
TRP HZ3  H  N N 346 
TRP HH2  H  N N 347 
TRP HXT  H  N N 348 
TYR N    N  N N 349 
TYR CA   C  N S 350 
TYR C    C  N N 351 
TYR O    O  N N 352 
TYR CB   C  N N 353 
TYR CG   C  Y N 354 
TYR CD1  C  Y N 355 
TYR CD2  C  Y N 356 
TYR CE1  C  Y N 357 
TYR CE2  C  Y N 358 
TYR CZ   C  Y N 359 
TYR OH   O  N N 360 
TYR OXT  O  N N 361 
TYR H    H  N N 362 
TYR H2   H  N N 363 
TYR HA   H  N N 364 
TYR HB2  H  N N 365 
TYR HB3  H  N N 366 
TYR HD1  H  N N 367 
TYR HD2  H  N N 368 
TYR HE1  H  N N 369 
TYR HE2  H  N N 370 
TYR HH   H  N N 371 
TYR HXT  H  N N 372 
VAL N    N  N N 373 
VAL CA   C  N S 374 
VAL C    C  N N 375 
VAL O    O  N N 376 
VAL CB   C  N N 377 
VAL CG1  C  N N 378 
VAL CG2  C  N N 379 
VAL OXT  O  N N 380 
VAL H    H  N N 381 
VAL H2   H  N N 382 
VAL HA   H  N N 383 
VAL HB   H  N N 384 
VAL HG11 H  N N 385 
VAL HG12 H  N N 386 
VAL HG13 H  N N 387 
VAL HG21 H  N N 388 
VAL HG22 H  N N 389 
VAL HG23 H  N N 390 
VAL HXT  H  N N 391 
# 
loop_
_chem_comp_bond.comp_id 
_chem_comp_bond.atom_id_1 
_chem_comp_bond.atom_id_2 
_chem_comp_bond.value_order 
_chem_comp_bond.pdbx_aromatic_flag 
_chem_comp_bond.pdbx_stereo_config 
_chem_comp_bond.pdbx_ordinal 
ALA N   CA   sing N N 1   
ALA N   H    sing N N 2   
ALA N   H2   sing N N 3   
ALA CA  C    sing N N 4   
ALA CA  CB   sing N N 5   
ALA CA  HA   sing N N 6   
ALA C   O    doub N N 7   
ALA C   OXT  sing N N 8   
ALA CB  HB1  sing N N 9   
ALA CB  HB2  sing N N 10  
ALA CB  HB3  sing N N 11  
ALA OXT HXT  sing N N 12  
ARG N   CA   sing N N 13  
ARG N   H    sing N N 14  
ARG N   H2   sing N N 15  
ARG CA  C    sing N N 16  
ARG CA  CB   sing N N 17  
ARG CA  HA   sing N N 18  
ARG C   O    doub N N 19  
ARG C   OXT  sing N N 20  
ARG CB  CG   sing N N 21  
ARG CB  HB2  sing N N 22  
ARG CB  HB3  sing N N 23  
ARG CG  CD   sing N N 24  
ARG CG  HG2  sing N N 25  
ARG CG  HG3  sing N N 26  
ARG CD  NE   sing N N 27  
ARG CD  HD2  sing N N 28  
ARG CD  HD3  sing N N 29  
ARG NE  CZ   sing N N 30  
ARG NE  HE   sing N N 31  
ARG CZ  NH1  sing N N 32  
ARG CZ  NH2  doub N N 33  
ARG NH1 HH11 sing N N 34  
ARG NH1 HH12 sing N N 35  
ARG NH2 HH21 sing N N 36  
ARG NH2 HH22 sing N N 37  
ARG OXT HXT  sing N N 38  
ASN N   CA   sing N N 39  
ASN N   H    sing N N 40  
ASN N   H2   sing N N 41  
ASN CA  C    sing N N 42  
ASN CA  CB   sing N N 43  
ASN CA  HA   sing N N 44  
ASN C   O    doub N N 45  
ASN C   OXT  sing N N 46  
ASN CB  CG   sing N N 47  
ASN CB  HB2  sing N N 48  
ASN CB  HB3  sing N N 49  
ASN CG  OD1  doub N N 50  
ASN CG  ND2  sing N N 51  
ASN ND2 HD21 sing N N 52  
ASN ND2 HD22 sing N N 53  
ASN OXT HXT  sing N N 54  
ASP N   CA   sing N N 55  
ASP N   H    sing N N 56  
ASP N   H2   sing N N 57  
ASP CA  C    sing N N 58  
ASP CA  CB   sing N N 59  
ASP CA  HA   sing N N 60  
ASP C   O    doub N N 61  
ASP C   OXT  sing N N 62  
ASP CB  CG   sing N N 63  
ASP CB  HB2  sing N N 64  
ASP CB  HB3  sing N N 65  
ASP CG  OD1  doub N N 66  
ASP CG  OD2  sing N N 67  
ASP OD2 HD2  sing N N 68  
ASP OXT HXT  sing N N 69  
CYS N   CA   sing N N 70  
CYS N   H    sing N N 71  
CYS N   H2   sing N N 72  
CYS CA  C    sing N N 73  
CYS CA  CB   sing N N 74  
CYS CA  HA   sing N N 75  
CYS C   O    doub N N 76  
CYS C   OXT  sing N N 77  
CYS CB  SG   sing N N 78  
CYS CB  HB2  sing N N 79  
CYS CB  HB3  sing N N 80  
CYS SG  HG   sing N N 81  
CYS OXT HXT  sing N N 82  
GLN N   CA   sing N N 83  
GLN N   H    sing N N 84  
GLN N   H2   sing N N 85  
GLN CA  C    sing N N 86  
GLN CA  CB   sing N N 87  
GLN CA  HA   sing N N 88  
GLN C   O    doub N N 89  
GLN C   OXT  sing N N 90  
GLN CB  CG   sing N N 91  
GLN CB  HB2  sing N N 92  
GLN CB  HB3  sing N N 93  
GLN CG  CD   sing N N 94  
GLN CG  HG2  sing N N 95  
GLN CG  HG3  sing N N 96  
GLN CD  OE1  doub N N 97  
GLN CD  NE2  sing N N 98  
GLN NE2 HE21 sing N N 99  
GLN NE2 HE22 sing N N 100 
GLN OXT HXT  sing N N 101 
GLU N   CA   sing N N 102 
GLU N   H    sing N N 103 
GLU N   H2   sing N N 104 
GLU CA  C    sing N N 105 
GLU CA  CB   sing N N 106 
GLU CA  HA   sing N N 107 
GLU C   O    doub N N 108 
GLU C   OXT  sing N N 109 
GLU CB  CG   sing N N 110 
GLU CB  HB2  sing N N 111 
GLU CB  HB3  sing N N 112 
GLU CG  CD   sing N N 113 
GLU CG  HG2  sing N N 114 
GLU CG  HG3  sing N N 115 
GLU CD  OE1  doub N N 116 
GLU CD  OE2  sing N N 117 
GLU OE2 HE2  sing N N 118 
GLU OXT HXT  sing N N 119 
GLY N   CA   sing N N 120 
GLY N   H    sing N N 121 
GLY N   H2   sing N N 122 
GLY CA  C    sing N N 123 
GLY CA  HA2  sing N N 124 
GLY CA  HA3  sing N N 125 
GLY C   O    doub N N 126 
GLY C   OXT  sing N N 127 
GLY OXT HXT  sing N N 128 
HIS N   CA   sing N N 129 
HIS N   H    sing N N 130 
HIS N   H2   sing N N 131 
HIS CA  C    sing N N 132 
HIS CA  CB   sing N N 133 
HIS CA  HA   sing N N 134 
HIS C   O    doub N N 135 
HIS C   OXT  sing N N 136 
HIS CB  CG   sing N N 137 
HIS CB  HB2  sing N N 138 
HIS CB  HB3  sing N N 139 
HIS CG  ND1  sing Y N 140 
HIS CG  CD2  doub Y N 141 
HIS ND1 CE1  doub Y N 142 
HIS ND1 HD1  sing N N 143 
HIS CD2 NE2  sing Y N 144 
HIS CD2 HD2  sing N N 145 
HIS CE1 NE2  sing Y N 146 
HIS CE1 HE1  sing N N 147 
HIS NE2 HE2  sing N N 148 
HIS OXT HXT  sing N N 149 
HOH O   H1   sing N N 150 
HOH O   H2   sing N N 151 
ILE N   CA   sing N N 152 
ILE N   H    sing N N 153 
ILE N   H2   sing N N 154 
ILE CA  C    sing N N 155 
ILE CA  CB   sing N N 156 
ILE CA  HA   sing N N 157 
ILE C   O    doub N N 158 
ILE C   OXT  sing N N 159 
ILE CB  CG1  sing N N 160 
ILE CB  CG2  sing N N 161 
ILE CB  HB   sing N N 162 
ILE CG1 CD1  sing N N 163 
ILE CG1 HG12 sing N N 164 
ILE CG1 HG13 sing N N 165 
ILE CG2 HG21 sing N N 166 
ILE CG2 HG22 sing N N 167 
ILE CG2 HG23 sing N N 168 
ILE CD1 HD11 sing N N 169 
ILE CD1 HD12 sing N N 170 
ILE CD1 HD13 sing N N 171 
ILE OXT HXT  sing N N 172 
LEU N   CA   sing N N 173 
LEU N   H    sing N N 174 
LEU N   H2   sing N N 175 
LEU CA  C    sing N N 176 
LEU CA  CB   sing N N 177 
LEU CA  HA   sing N N 178 
LEU C   O    doub N N 179 
LEU C   OXT  sing N N 180 
LEU CB  CG   sing N N 181 
LEU CB  HB2  sing N N 182 
LEU CB  HB3  sing N N 183 
LEU CG  CD1  sing N N 184 
LEU CG  CD2  sing N N 185 
LEU CG  HG   sing N N 186 
LEU CD1 HD11 sing N N 187 
LEU CD1 HD12 sing N N 188 
LEU CD1 HD13 sing N N 189 
LEU CD2 HD21 sing N N 190 
LEU CD2 HD22 sing N N 191 
LEU CD2 HD23 sing N N 192 
LEU OXT HXT  sing N N 193 
LYS N   CA   sing N N 194 
LYS N   H    sing N N 195 
LYS N   H2   sing N N 196 
LYS CA  C    sing N N 197 
LYS CA  CB   sing N N 198 
LYS CA  HA   sing N N 199 
LYS C   O    doub N N 200 
LYS C   OXT  sing N N 201 
LYS CB  CG   sing N N 202 
LYS CB  HB2  sing N N 203 
LYS CB  HB3  sing N N 204 
LYS CG  CD   sing N N 205 
LYS CG  HG2  sing N N 206 
LYS CG  HG3  sing N N 207 
LYS CD  CE   sing N N 208 
LYS CD  HD2  sing N N 209 
LYS CD  HD3  sing N N 210 
LYS CE  NZ   sing N N 211 
LYS CE  HE2  sing N N 212 
LYS CE  HE3  sing N N 213 
LYS NZ  HZ1  sing N N 214 
LYS NZ  HZ2  sing N N 215 
LYS NZ  HZ3  sing N N 216 
LYS OXT HXT  sing N N 217 
MET N   CA   sing N N 218 
MET N   H    sing N N 219 
MET N   H2   sing N N 220 
MET CA  C    sing N N 221 
MET CA  CB   sing N N 222 
MET CA  HA   sing N N 223 
MET C   O    doub N N 224 
MET C   OXT  sing N N 225 
MET CB  CG   sing N N 226 
MET CB  HB2  sing N N 227 
MET CB  HB3  sing N N 228 
MET CG  SD   sing N N 229 
MET CG  HG2  sing N N 230 
MET CG  HG3  sing N N 231 
MET SD  CE   sing N N 232 
MET CE  HE1  sing N N 233 
MET CE  HE2  sing N N 234 
MET CE  HE3  sing N N 235 
MET OXT HXT  sing N N 236 
PHE N   CA   sing N N 237 
PHE N   H    sing N N 238 
PHE N   H2   sing N N 239 
PHE CA  C    sing N N 240 
PHE CA  CB   sing N N 241 
PHE CA  HA   sing N N 242 
PHE C   O    doub N N 243 
PHE C   OXT  sing N N 244 
PHE CB  CG   sing N N 245 
PHE CB  HB2  sing N N 246 
PHE CB  HB3  sing N N 247 
PHE CG  CD1  doub Y N 248 
PHE CG  CD2  sing Y N 249 
PHE CD1 CE1  sing Y N 250 
PHE CD1 HD1  sing N N 251 
PHE CD2 CE2  doub Y N 252 
PHE CD2 HD2  sing N N 253 
PHE CE1 CZ   doub Y N 254 
PHE CE1 HE1  sing N N 255 
PHE CE2 CZ   sing Y N 256 
PHE CE2 HE2  sing N N 257 
PHE CZ  HZ   sing N N 258 
PHE OXT HXT  sing N N 259 
PRO N   CA   sing N N 260 
PRO N   CD   sing N N 261 
PRO N   H    sing N N 262 
PRO CA  C    sing N N 263 
PRO CA  CB   sing N N 264 
PRO CA  HA   sing N N 265 
PRO C   O    doub N N 266 
PRO C   OXT  sing N N 267 
PRO CB  CG   sing N N 268 
PRO CB  HB2  sing N N 269 
PRO CB  HB3  sing N N 270 
PRO CG  CD   sing N N 271 
PRO CG  HG2  sing N N 272 
PRO CG  HG3  sing N N 273 
PRO CD  HD2  sing N N 274 
PRO CD  HD3  sing N N 275 
PRO OXT HXT  sing N N 276 
SER N   CA   sing N N 277 
SER N   H    sing N N 278 
SER N   H2   sing N N 279 
SER CA  C    sing N N 280 
SER CA  CB   sing N N 281 
SER CA  HA   sing N N 282 
SER C   O    doub N N 283 
SER C   OXT  sing N N 284 
SER CB  OG   sing N N 285 
SER CB  HB2  sing N N 286 
SER CB  HB3  sing N N 287 
SER OG  HG   sing N N 288 
SER OXT HXT  sing N N 289 
THR N   CA   sing N N 290 
THR N   H    sing N N 291 
THR N   H2   sing N N 292 
THR CA  C    sing N N 293 
THR CA  CB   sing N N 294 
THR CA  HA   sing N N 295 
THR C   O    doub N N 296 
THR C   OXT  sing N N 297 
THR CB  OG1  sing N N 298 
THR CB  CG2  sing N N 299 
THR CB  HB   sing N N 300 
THR OG1 HG1  sing N N 301 
THR CG2 HG21 sing N N 302 
THR CG2 HG22 sing N N 303 
THR CG2 HG23 sing N N 304 
THR OXT HXT  sing N N 305 
TRP N   CA   sing N N 306 
TRP N   H    sing N N 307 
TRP N   H2   sing N N 308 
TRP CA  C    sing N N 309 
TRP CA  CB   sing N N 310 
TRP CA  HA   sing N N 311 
TRP C   O    doub N N 312 
TRP C   OXT  sing N N 313 
TRP CB  CG   sing N N 314 
TRP CB  HB2  sing N N 315 
TRP CB  HB3  sing N N 316 
TRP CG  CD1  doub Y N 317 
TRP CG  CD2  sing Y N 318 
TRP CD1 NE1  sing Y N 319 
TRP CD1 HD1  sing N N 320 
TRP CD2 CE2  doub Y N 321 
TRP CD2 CE3  sing Y N 322 
TRP NE1 CE2  sing Y N 323 
TRP NE1 HE1  sing N N 324 
TRP CE2 CZ2  sing Y N 325 
TRP CE3 CZ3  doub Y N 326 
TRP CE3 HE3  sing N N 327 
TRP CZ2 CH2  doub Y N 328 
TRP CZ2 HZ2  sing N N 329 
TRP CZ3 CH2  sing Y N 330 
TRP CZ3 HZ3  sing N N 331 
TRP CH2 HH2  sing N N 332 
TRP OXT HXT  sing N N 333 
TYR N   CA   sing N N 334 
TYR N   H    sing N N 335 
TYR N   H2   sing N N 336 
TYR CA  C    sing N N 337 
TYR CA  CB   sing N N 338 
TYR CA  HA   sing N N 339 
TYR C   O    doub N N 340 
TYR C   OXT  sing N N 341 
TYR CB  CG   sing N N 342 
TYR CB  HB2  sing N N 343 
TYR CB  HB3  sing N N 344 
TYR CG  CD1  doub Y N 345 
TYR CG  CD2  sing Y N 346 
TYR CD1 CE1  sing Y N 347 
TYR CD1 HD1  sing N N 348 
TYR CD2 CE2  doub Y N 349 
TYR CD2 HD2  sing N N 350 
TYR CE1 CZ   doub Y N 351 
TYR CE1 HE1  sing N N 352 
TYR CE2 CZ   sing Y N 353 
TYR CE2 HE2  sing N N 354 
TYR CZ  OH   sing N N 355 
TYR OH  HH   sing N N 356 
TYR OXT HXT  sing N N 357 
VAL N   CA   sing N N 358 
VAL N   H    sing N N 359 
VAL N   H2   sing N N 360 
VAL CA  C    sing N N 361 
VAL CA  CB   sing N N 362 
VAL CA  HA   sing N N 363 
VAL C   O    doub N N 364 
VAL C   OXT  sing N N 365 
VAL CB  CG1  sing N N 366 
VAL CB  CG2  sing N N 367 
VAL CB  HB   sing N N 368 
VAL CG1 HG11 sing N N 369 
VAL CG1 HG12 sing N N 370 
VAL CG1 HG13 sing N N 371 
VAL CG2 HG21 sing N N 372 
VAL CG2 HG22 sing N N 373 
VAL CG2 HG23 sing N N 374 
VAL OXT HXT  sing N N 375 
# 
_atom_sites.entry_id                    2A11 
_atom_sites.fract_transf_matrix[1][1]   -0.01062301 
_atom_sites.fract_transf_matrix[1][2]   -0.00494450 
_atom_sites.fract_transf_matrix[1][3]   -0.00724443 
_atom_sites.fract_transf_matrix[2][1]   -0.00464966 
_atom_sites.fract_transf_matrix[2][2]   -0.00647333 
_atom_sites.fract_transf_matrix[2][3]   0.01123632 
_atom_sites.fract_transf_matrix[3][1]   -0.00562263 
_atom_sites.fract_transf_matrix[3][2]   0.00839924 
_atom_sites.fract_transf_matrix[3][3]   0.00251218 
_atom_sites.fract_transf_vector[1]      0.829906 
_atom_sites.fract_transf_vector[2]      0.190899 
_atom_sites.fract_transf_vector[3]      0.602507 
# 
loop_
_atom_type.symbol 
C  
CA 
N  
O  
S  
# 
loop_
_atom_site.group_PDB 
_atom_site.id 
_atom_site.type_symbol 
_atom_site.label_atom_id 
_atom_site.label_alt_id 
_atom_site.label_comp_id 
_atom_site.label_asym_id 
_atom_site.label_entity_id 
_atom_site.label_seq_id 
_atom_site.pdbx_PDB_ins_code 
_atom_site.Cartn_x 
_atom_site.Cartn_y 
_atom_site.Cartn_z 
_atom_site.occupancy 
_atom_site.B_iso_or_equiv 
_atom_site.pdbx_formal_charge 
_atom_site.auth_seq_id 
_atom_site.auth_comp_id 
_atom_site.auth_asym_id 
_atom_site.auth_atom_id 
_atom_site.pdbx_PDB_model_num 
ATOM   1    N  N   . ILE A 1 4   ? 7.315   -17.459 -0.474  1.00 97.20  ? 2    ILE A N   1 
ATOM   2    C  CA  . ILE A 1 4   ? 5.890   -17.185 -0.364  1.00 98.00  ? 2    ILE A CA  1 
ATOM   3    C  C   . ILE A 1 4   ? 5.396   -17.548 1.057   1.00 97.56  ? 2    ILE A C   1 
ATOM   4    O  O   . ILE A 1 4   ? 6.030   -17.193 2.046   1.00 98.88  ? 2    ILE A O   1 
ATOM   5    C  CB  . ILE A 1 4   ? 5.114   -17.896 -1.487  1.00 101.57 ? 2    ILE A CB  1 
ATOM   6    C  CG1 . ILE A 1 4   ? 5.079   -17.010 -2.741  1.00 104.18 ? 2    ILE A CG1 1 
ATOM   7    C  CG2 . ILE A 1 4   ? 3.713   -18.244 -1.034  1.00 102.33 ? 2    ILE A CG2 1 
ATOM   8    C  CD1 . ILE A 1 4   ? 3.859   -17.176 -3.698  1.00 105.81 ? 2    ILE A CD1 1 
ATOM   9    N  N   . ARG A 1 5   ? 4.275   -18.263 1.153   1.00 94.72  ? 3    ARG A N   1 
ATOM   10   C  CA  . ARG A 1 5   ? 3.606   -18.701 2.381   1.00 92.24  ? 3    ARG A CA  1 
ATOM   11   C  C   . ARG A 1 5   ? 3.857   -17.885 3.651   1.00 89.01  ? 3    ARG A C   1 
ATOM   12   O  O   . ARG A 1 5   ? 2.938   -17.195 4.121   1.00 90.23  ? 3    ARG A O   1 
ATOM   13   C  CB  . ARG A 1 5   ? 3.911   -20.174 2.650   1.00 95.99  ? 3    ARG A CB  1 
ATOM   14   C  CG  . ARG A 1 5   ? 2.704   -21.020 3.127   1.00 101.73 ? 3    ARG A CG  1 
ATOM   15   C  CD  . ARG A 1 5   ? 1.692   -21.225 2.011   1.00 106.75 ? 3    ARG A CD  1 
ATOM   16   N  NE  . ARG A 1 5   ? 0.866   -22.409 2.253   1.00 109.65 ? 3    ARG A NE  1 
ATOM   17   C  CZ  . ARG A 1 5   ? 1.113   -23.617 1.748   1.00 110.23 ? 3    ARG A CZ  1 
ATOM   18   N  NH1 . ARG A 1 5   ? 2.161   -23.803 0.958   1.00 109.26 ? 3    ARG A NH1 1 
ATOM   19   N  NH2 . ARG A 1 5   ? 0.329   -24.646 2.046   1.00 106.22 ? 3    ARG A NH2 1 
ATOM   20   N  N   . SER A 1 6   ? 5.065   -17.955 4.215   1.00 82.04  ? 4    SER A N   1 
ATOM   21   C  CA  . SER A 1 6   ? 5.335   -17.204 5.436   1.00 74.29  ? 4    SER A CA  1 
ATOM   22   C  C   . SER A 1 6   ? 5.229   -15.699 5.234   1.00 67.31  ? 4    SER A C   1 
ATOM   23   O  O   . SER A 1 6   ? 5.873   -15.112 4.361   1.00 60.90  ? 4    SER A O   1 
ATOM   24   C  CB  . SER A 1 6   ? 6.706   -17.536 6.013   1.00 74.67  ? 4    SER A CB  1 
ATOM   25   O  OG  . SER A 1 6   ? 6.896   -16.824 7.224   1.00 66.02  ? 4    SER A OG  1 
ATOM   26   N  N   . ARG A 1 7   ? 4.429   -15.072 6.081   1.00 64.96  ? 5    ARG A N   1 
ATOM   27   C  CA  . ARG A 1 7   ? 4.212   -13.641 5.986   1.00 65.58  ? 5    ARG A CA  1 
ATOM   28   C  C   . ARG A 1 7   ? 5.101   -12.830 6.917   1.00 66.78  ? 5    ARG A C   1 
ATOM   29   O  O   . ARG A 1 7   ? 4.919   -11.622 7.037   1.00 66.68  ? 5    ARG A O   1 
ATOM   30   C  CB  . ARG A 1 7   ? 2.736   -13.332 6.256   1.00 56.65  ? 5    ARG A CB  1 
ATOM   31   C  CG  . ARG A 1 7   ? 1.809   -13.970 5.226   1.00 50.31  ? 5    ARG A CG  1 
ATOM   32   C  CD  . ARG A 1 7   ? 0.341   -13.903 5.619   1.00 47.89  ? 5    ARG A CD  1 
ATOM   33   N  NE  . ARG A 1 7   ? -0.453  -14.375 4.501   1.00 42.22  ? 5    ARG A NE  1 
ATOM   34   C  CZ  . ARG A 1 7   ? -1.759  -14.569 4.534   1.00 43.82  ? 5    ARG A CZ  1 
ATOM   35   N  NH1 . ARG A 1 7   ? -2.445  -14.331 5.651   1.00 42.76  ? 5    ARG A NH1 1 
ATOM   36   N  NH2 . ARG A 1 7   ? -2.377  -14.999 3.439   1.00 44.43  ? 5    ARG A NH2 1 
ATOM   37   N  N   . GLN A 1 8   ? 6.076   -13.474 7.556   1.00 67.57  ? 6    GLN A N   1 
ATOM   38   C  CA  . GLN A 1 8   ? 6.954   -12.743 8.469   1.00 67.93  ? 6    GLN A CA  1 
ATOM   39   C  C   . GLN A 1 8   ? 7.834   -11.745 7.735   1.00 64.89  ? 6    GLN A C   1 
ATOM   40   O  O   . GLN A 1 8   ? 7.974   -10.606 8.161   1.00 64.75  ? 6    GLN A O   1 
ATOM   41   C  CB  . GLN A 1 8   ? 7.832   -13.693 9.287   1.00 69.72  ? 6    GLN A CB  1 
ATOM   42   C  CG  . GLN A 1 8   ? 8.413   -13.023 10.527  1.00 67.95  ? 6    GLN A CG  1 
ATOM   43   C  CD  . GLN A 1 8   ? 7.333   -12.566 11.509  1.00 73.35  ? 6    GLN A CD  1 
ATOM   44   O  OE1 . GLN A 1 8   ? 7.504   -11.577 12.217  1.00 77.52  ? 6    GLN A OE1 1 
ATOM   45   N  NE2 . GLN A 1 8   ? 6.224   -13.297 11.560  1.00 75.47  ? 6    GLN A NE2 1 
ATOM   46   N  N   . PRO A 1 9   ? 8.439   -12.158 6.616   1.00 63.38  ? 7    PRO A N   1 
ATOM   47   C  CA  . PRO A 1 9   ? 9.289   -11.208 5.891   1.00 65.63  ? 7    PRO A CA  1 
ATOM   48   C  C   . PRO A 1 9   ? 8.494   -9.956  5.488   1.00 68.50  ? 7    PRO A C   1 
ATOM   49   O  O   . PRO A 1 9   ? 9.062   -8.881  5.283   1.00 71.81  ? 7    PRO A O   1 
ATOM   50   C  CB  . PRO A 1 9   ? 9.778   -12.027 4.696   1.00 63.38  ? 7    PRO A CB  1 
ATOM   51   C  CG  . PRO A 1 9   ? 8.655   -12.982 4.462   1.00 63.17  ? 7    PRO A CG  1 
ATOM   52   C  CD  . PRO A 1 9   ? 8.252   -13.400 5.852   1.00 61.09  ? 7    PRO A CD  1 
ATOM   53   N  N   . LEU A 1 10  ? 7.174   -10.101 5.394   1.00 67.50  ? 8    LEU A N   1 
ATOM   54   C  CA  . LEU A 1 10  ? 6.300   -8.984  5.046   1.00 61.94  ? 8    LEU A CA  1 
ATOM   55   C  C   . LEU A 1 10  ? 6.047   -8.153  6.305   1.00 61.62  ? 8    LEU A C   1 
ATOM   56   O  O   . LEU A 1 10  ? 6.236   -6.941  6.301   1.00 57.16  ? 8    LEU A O   1 
ATOM   57   C  CB  . LEU A 1 10  ? 4.962   -9.498  4.498   1.00 60.78  ? 8    LEU A CB  1 
ATOM   58   C  CG  . LEU A 1 10  ? 4.324   -8.764  3.311   1.00 55.15  ? 8    LEU A CG  1 
ATOM   59   C  CD1 . LEU A 1 10  ? 2.882   -9.187  3.235   1.00 58.02  ? 8    LEU A CD1 1 
ATOM   60   C  CD2 . LEU A 1 10  ? 4.411   -7.258  3.469   1.00 50.45  ? 8    LEU A CD2 1 
ATOM   61   N  N   . LEU A 1 11  ? 5.613   -8.808  7.380   1.00 59.17  ? 9    LEU A N   1 
ATOM   62   C  CA  . LEU A 1 11  ? 5.353   -8.104  8.630   1.00 63.57  ? 9    LEU A CA  1 
ATOM   63   C  C   . LEU A 1 11  ? 6.622   -7.403  9.089   1.00 69.13  ? 9    LEU A C   1 
ATOM   64   O  O   . LEU A 1 11  ? 6.575   -6.445  9.873   1.00 67.44  ? 9    LEU A O   1 
ATOM   65   C  CB  . LEU A 1 11  ? 4.875   -9.071  9.714   1.00 60.46  ? 9    LEU A CB  1 
ATOM   66   C  CG  . LEU A 1 11  ? 3.428   -9.577  9.627   1.00 60.83  ? 9    LEU A CG  1 
ATOM   67   C  CD1 . LEU A 1 11  ? 3.228   -10.659 10.667  1.00 54.95  ? 9    LEU A CD1 1 
ATOM   68   C  CD2 . LEU A 1 11  ? 2.434   -8.427  9.844   1.00 54.74  ? 9    LEU A CD2 1 
ATOM   69   N  N   . ASP A 1 12  ? 7.755   -7.887  8.588   1.00 69.47  ? 10   ASP A N   1 
ATOM   70   C  CA  . ASP A 1 12  ? 9.046   -7.308  8.914   1.00 71.93  ? 10   ASP A CA  1 
ATOM   71   C  C   . ASP A 1 12  ? 9.260   -6.055  8.083   1.00 72.55  ? 10   ASP A C   1 
ATOM   72   O  O   . ASP A 1 12  ? 9.552   -4.995  8.627   1.00 76.50  ? 10   ASP A O   1 
ATOM   73   C  CB  . ASP A 1 12  ? 10.178  -8.315  8.669   1.00 77.94  ? 10   ASP A CB  1 
ATOM   74   C  CG  . ASP A 1 12  ? 10.266  -9.374  9.763   1.00 84.25  ? 10   ASP A CG  1 
ATOM   75   O  OD1 . ASP A 1 12  ? 10.209  -9.005  10.954  1.00 85.31  ? 10   ASP A OD1 1 
ATOM   76   O  OD2 . ASP A 1 12  ? 10.401  -10.573 9.439   1.00 91.66  ? 10   ASP A OD2 1 
ATOM   77   N  N   . ALA A 1 13  ? 9.116   -6.162  6.767   1.00 73.75  ? 11   ALA A N   1 
ATOM   78   C  CA  . ALA A 1 13  ? 9.277   -4.988  5.917   1.00 73.51  ? 11   ALA A CA  1 
ATOM   79   C  C   . ALA A 1 13  ? 8.415   -3.852  6.479   1.00 72.94  ? 11   ALA A C   1 
ATOM   80   O  O   . ALA A 1 13  ? 8.887   -2.738  6.685   1.00 71.58  ? 11   ALA A O   1 
ATOM   81   C  CB  . ALA A 1 13  ? 8.853   -5.313  4.495   1.00 73.58  ? 11   ALA A CB  1 
ATOM   82   N  N   . LEU A 1 14  ? 7.149   -4.158  6.741   1.00 70.90  ? 12   LEU A N   1 
ATOM   83   C  CA  . LEU A 1 14  ? 6.211   -3.187  7.281   1.00 70.71  ? 12   LEU A CA  1 
ATOM   84   C  C   . LEU A 1 14  ? 6.716   -2.570  8.573   1.00 72.83  ? 12   LEU A C   1 
ATOM   85   O  O   . LEU A 1 14  ? 6.559   -1.369  8.796   1.00 76.78  ? 12   LEU A O   1 
ATOM   86   C  CB  . LEU A 1 14  ? 4.855   -3.844  7.521   1.00 66.92  ? 12   LEU A CB  1 
ATOM   87   C  CG  . LEU A 1 14  ? 3.836   -3.696  6.390   1.00 60.44  ? 12   LEU A CG  1 
ATOM   88   C  CD1 . LEU A 1 14  ? 4.513   -3.784  5.030   1.00 62.04  ? 12   LEU A CD1 1 
ATOM   89   C  CD2 . LEU A 1 14  ? 2.775   -4.761  6.546   1.00 49.55  ? 12   LEU A CD2 1 
ATOM   90   N  N   . GLY A 1 15  ? 7.307   -3.394  9.429   1.00 67.86  ? 13   GLY A N   1 
ATOM   91   C  CA  . GLY A 1 15  ? 7.842   -2.892  10.679  1.00 62.43  ? 13   GLY A CA  1 
ATOM   92   C  C   . GLY A 1 15  ? 6.873   -2.932  11.841  1.00 61.05  ? 13   GLY A C   1 
ATOM   93   O  O   . GLY A 1 15  ? 7.181   -2.458  12.932  1.00 61.63  ? 13   GLY A O   1 
ATOM   94   N  N   . VAL A 1 16  ? 5.691   -3.480  11.622  1.00 58.06  ? 14   VAL A N   1 
ATOM   95   C  CA  . VAL A 1 16  ? 4.732   -3.572  12.707  1.00 56.17  ? 14   VAL A CA  1 
ATOM   96   C  C   . VAL A 1 16  ? 4.198   -4.977  12.729  1.00 58.95  ? 14   VAL A C   1 
ATOM   97   O  O   . VAL A 1 16  ? 4.670   -5.841  11.997  1.00 63.03  ? 14   VAL A O   1 
ATOM   98   C  CB  . VAL A 1 16  ? 3.552   -2.612  12.523  1.00 61.45  ? 14   VAL A CB  1 
ATOM   99   C  CG1 . VAL A 1 16  ? 4.060   -1.172  12.468  1.00 63.26  ? 14   VAL A CG1 1 
ATOM   100  C  CG2 . VAL A 1 16  ? 2.770   -2.982  11.260  1.00 50.39  ? 14   VAL A CG2 1 
ATOM   101  N  N   . ASP A 1 17  ? 3.210   -5.213  13.575  1.00 58.48  ? 15   ASP A N   1 
ATOM   102  C  CA  . ASP A 1 17  ? 2.634   -6.531  13.653  1.00 58.27  ? 15   ASP A CA  1 
ATOM   103  C  C   . ASP A 1 17  ? 1.150   -6.464  13.366  1.00 56.82  ? 15   ASP A C   1 
ATOM   104  O  O   . ASP A 1 17  ? 0.459   -5.535  13.787  1.00 53.67  ? 15   ASP A O   1 
ATOM   105  C  CB  . ASP A 1 17  ? 2.852   -7.142  15.033  1.00 66.73  ? 15   ASP A CB  1 
ATOM   106  C  CG  . ASP A 1 17  ? 2.382   -8.577  15.096  1.00 77.13  ? 15   ASP A CG  1 
ATOM   107  O  OD1 . ASP A 1 17  ? 3.071   -9.449  14.517  1.00 81.97  ? 15   ASP A OD1 1 
ATOM   108  O  OD2 . ASP A 1 17  ? 1.315   -8.830  15.701  1.00 80.48  ? 15   ASP A OD2 1 
ATOM   109  N  N   . LEU A 1 18  ? 0.657   -7.455  12.640  1.00 51.63  ? 16   LEU A N   1 
ATOM   110  C  CA  . LEU A 1 18  ? -0.751  -7.480  12.317  1.00 50.72  ? 16   LEU A CA  1 
ATOM   111  C  C   . LEU A 1 18  ? -1.349  -8.839  12.574  1.00 49.07  ? 16   LEU A C   1 
ATOM   112  O  O   . LEU A 1 18  ? -0.802  -9.860  12.152  1.00 55.04  ? 16   LEU A O   1 
ATOM   113  C  CB  . LEU A 1 18  ? -0.972  -7.110  10.843  1.00 47.55  ? 16   LEU A CB  1 
ATOM   114  C  CG  . LEU A 1 18  ? -0.621  -5.695  10.370  1.00 44.35  ? 16   LEU A CG  1 
ATOM   115  C  CD1 . LEU A 1 18  ? -0.782  -5.626  8.846   1.00 36.38  ? 16   LEU A CD1 1 
ATOM   116  C  CD2 . LEU A 1 18  ? -1.530  -4.674  11.060  1.00 43.43  ? 16   LEU A CD2 1 
ATOM   117  N  N   . PRO A 1 19  ? -2.486  -8.870  13.269  1.00 38.01  ? 17   PRO A N   1 
ATOM   118  C  CA  . PRO A 1 19  ? -3.192  -10.111 13.581  1.00 39.67  ? 17   PRO A CA  1 
ATOM   119  C  C   . PRO A 1 19  ? -3.408  -10.853 12.252  1.00 49.41  ? 17   PRO A C   1 
ATOM   120  O  O   . PRO A 1 19  ? -3.649  -10.220 11.210  1.00 37.66  ? 17   PRO A O   1 
ATOM   121  C  CB  . PRO A 1 19  ? -4.520  -9.626  14.150  1.00 40.57  ? 17   PRO A CB  1 
ATOM   122  C  CG  . PRO A 1 19  ? -4.202  -8.271  14.696  1.00 51.30  ? 17   PRO A CG  1 
ATOM   123  C  CD  . PRO A 1 19  ? -3.267  -7.692  13.672  1.00 47.36  ? 17   PRO A CD  1 
ATOM   124  N  N   . ASP A 1 20  ? -3.341  -12.184 12.299  1.00 48.52  ? 18   ASP A N   1 
ATOM   125  C  CA  . ASP A 1 20  ? -3.505  -13.034 11.116  1.00 45.34  ? 18   ASP A CA  1 
ATOM   126  C  C   . ASP A 1 20  ? -4.738  -12.728 10.262  1.00 39.64  ? 18   ASP A C   1 
ATOM   127  O  O   . ASP A 1 20  ? -4.635  -12.611 9.048   1.00 42.36  ? 18   ASP A O   1 
ATOM   128  C  CB  . ASP A 1 20  ? -3.568  -14.500 11.542  1.00 56.12  ? 18   ASP A CB  1 
ATOM   129  C  CG  . ASP A 1 20  ? -2.461  -14.875 12.503  1.00 65.46  ? 18   ASP A CG  1 
ATOM   130  O  OD1 . ASP A 1 20  ? -1.275  -14.753 12.131  1.00 68.96  ? 18   ASP A OD1 1 
ATOM   131  O  OD2 . ASP A 1 20  ? -2.782  -15.294 13.633  1.00 74.88  ? 18   ASP A OD2 1 
ATOM   132  N  N   . GLU A 1 21  ? -5.901  -12.621 10.896  1.00 37.57  ? 19   GLU A N   1 
ATOM   133  C  CA  . GLU A 1 21  ? -7.129  -12.350 10.177  1.00 45.87  ? 19   GLU A CA  1 
ATOM   134  C  C   . GLU A 1 21  ? -7.134  -11.016 9.420   1.00 50.61  ? 19   GLU A C   1 
ATOM   135  O  O   . GLU A 1 21  ? -7.599  -10.945 8.277   1.00 49.96  ? 19   GLU A O   1 
ATOM   136  C  CB  . GLU A 1 21  ? -8.317  -12.403 11.136  1.00 51.14  ? 19   GLU A CB  1 
ATOM   137  C  CG  . GLU A 1 21  ? -8.022  -11.881 12.530  1.00 75.93  ? 19   GLU A CG  1 
ATOM   138  C  CD  . GLU A 1 21  ? -7.009  -12.743 13.273  1.00 85.95  ? 19   GLU A CD  1 
ATOM   139  O  OE1 . GLU A 1 21  ? -7.199  -13.978 13.333  1.00 92.84  ? 19   GLU A OE1 1 
ATOM   140  O  OE2 . GLU A 1 21  ? -6.024  -12.185 13.801  1.00 91.24  ? 19   GLU A OE2 1 
ATOM   141  N  N   . LEU A 1 22  ? -6.618  -9.964  10.047  1.00 47.17  ? 20   LEU A N   1 
ATOM   142  C  CA  . LEU A 1 22  ? -6.591  -8.655  9.405   1.00 48.04  ? 20   LEU A CA  1 
ATOM   143  C  C   . LEU A 1 22  ? -5.603  -8.631  8.265   1.00 41.52  ? 20   LEU A C   1 
ATOM   144  O  O   . LEU A 1 22  ? -5.860  -8.035  7.219   1.00 44.93  ? 20   LEU A O   1 
ATOM   145  C  CB  . LEU A 1 22  ? -6.220  -7.559  10.406  1.00 48.71  ? 20   LEU A CB  1 
ATOM   146  C  CG  . LEU A 1 22  ? -6.083  -6.146  9.838   1.00 43.63  ? 20   LEU A CG  1 
ATOM   147  C  CD1 . LEU A 1 22  ? -7.441  -5.677  9.309   1.00 39.59  ? 20   LEU A CD1 1 
ATOM   148  C  CD2 . LEU A 1 22  ? -5.570  -5.205  10.931  1.00 41.65  ? 20   LEU A CD2 1 
ATOM   149  N  N   . LEU A 1 23  ? -4.463  -9.266  8.465   1.00 34.81  ? 21   LEU A N   1 
ATOM   150  C  CA  . LEU A 1 23  ? -3.457  -9.291  7.421   1.00 34.68  ? 21   LEU A CA  1 
ATOM   151  C  C   . LEU A 1 23  ? -3.963  -10.110 6.235   1.00 40.54  ? 21   LEU A C   1 
ATOM   152  O  O   . LEU A 1 23  ? -3.683  -9.776  5.074   1.00 38.62  ? 21   LEU A O   1 
ATOM   153  C  CB  . LEU A 1 23  ? -2.154  -9.874  7.964   1.00 34.15  ? 21   LEU A CB  1 
ATOM   154  C  CG  . LEU A 1 23  ? -1.049  -10.156 6.954   1.00 34.84  ? 21   LEU A CG  1 
ATOM   155  C  CD1 . LEU A 1 23  ? -0.715  -8.913  6.128   1.00 39.46  ? 21   LEU A CD1 1 
ATOM   156  C  CD2 . LEU A 1 23  ? 0.166   -10.672 7.712   1.00 32.14  ? 21   LEU A CD2 1 
ATOM   157  N  N   . SER A 1 24  ? -4.719  -11.172 6.526   1.00 37.60  ? 22   SER A N   1 
ATOM   158  C  CA  . SER A 1 24  ? -5.260  -12.020 5.467   1.00 40.70  ? 22   SER A CA  1 
ATOM   159  C  C   . SER A 1 24  ? -6.266  -11.215 4.651   1.00 39.20  ? 22   SER A C   1 
ATOM   160  O  O   . SER A 1 24  ? -6.193  -11.196 3.433   1.00 36.52  ? 22   SER A O   1 
ATOM   161  C  CB  . SER A 1 24  ? -5.928  -13.275 6.042   1.00 41.41  ? 22   SER A CB  1 
ATOM   162  O  OG  . SER A 1 24  ? -4.955  -14.180 6.537   1.00 47.36  ? 22   SER A OG  1 
ATOM   163  N  N   . LEU A 1 25  ? -7.187  -10.543 5.335   1.00 35.75  ? 23   LEU A N   1 
ATOM   164  C  CA  . LEU A 1 25  ? -8.177  -9.721  4.667   1.00 39.12  ? 23   LEU A CA  1 
ATOM   165  C  C   . LEU A 1 25  ? -7.454  -8.701  3.791   1.00 40.82  ? 23   LEU A C   1 
ATOM   166  O  O   . LEU A 1 25  ? -7.780  -8.540  2.614   1.00 36.73  ? 23   LEU A O   1 
ATOM   167  C  CB  . LEU A 1 25  ? -9.054  -8.994  5.693   1.00 35.31  ? 23   LEU A CB  1 
ATOM   168  C  CG  . LEU A 1 25  ? -10.113 -8.025  5.141   1.00 39.92  ? 23   LEU A CG  1 
ATOM   169  C  CD1 . LEU A 1 25  ? -11.121 -8.807  4.307   1.00 40.95  ? 23   LEU A CD1 1 
ATOM   170  C  CD2 . LEU A 1 25  ? -10.831 -7.298  6.284   1.00 35.53  ? 23   LEU A CD2 1 
ATOM   171  N  N   . ALA A 1 26  ? -6.461  -8.023  4.363   1.00 35.08  ? 24   ALA A N   1 
ATOM   172  C  CA  . ALA A 1 26  ? -5.709  -7.021  3.614   1.00 31.99  ? 24   ALA A CA  1 
ATOM   173  C  C   . ALA A 1 26  ? -5.146  -7.589  2.333   1.00 30.63  ? 24   ALA A C   1 
ATOM   174  O  O   . ALA A 1 26  ? -5.089  -6.895  1.324   1.00 30.72  ? 24   ALA A O   1 
ATOM   175  C  CB  . ALA A 1 26  ? -4.568  -6.444  4.467   1.00 33.11  ? 24   ALA A CB  1 
ATOM   176  N  N   . LEU A 1 27  ? -4.731  -8.854  2.360   1.00 33.66  ? 25   LEU A N   1 
ATOM   177  C  CA  . LEU A 1 27  ? -4.139  -9.473  1.165   1.00 32.94  ? 25   LEU A CA  1 
ATOM   178  C  C   . LEU A 1 27  ? -5.180  -10.129 0.229   1.00 34.50  ? 25   LEU A C   1 
ATOM   179  O  O   . LEU A 1 27  ? -4.826  -10.687 -0.808  1.00 32.38  ? 25   LEU A O   1 
ATOM   180  C  CB  . LEU A 1 27  ? -3.090  -10.522 1.588   1.00 36.65  ? 25   LEU A CB  1 
ATOM   181  C  CG  . LEU A 1 27  ? -1.824  -10.072 2.351   1.00 35.07  ? 25   LEU A CG  1 
ATOM   182  C  CD1 . LEU A 1 27  ? -1.026  -11.278 2.800   1.00 35.58  ? 25   LEU A CD1 1 
ATOM   183  C  CD2 . LEU A 1 27  ? -0.961  -9.187  1.470   1.00 38.15  ? 25   LEU A CD2 1 
ATOM   184  N  N   . THR A 1 28  ? -6.460  -10.047 0.581   1.00 28.19  ? 26   THR A N   1 
ATOM   185  C  CA  . THR A 1 28  ? -7.484  -10.684 -0.221  1.00 39.03  ? 26   THR A CA  1 
ATOM   186  C  C   . THR A 1 28  ? -8.013  -9.901  -1.419  1.00 35.64  ? 26   THR A C   1 
ATOM   187  O  O   . THR A 1 28  ? -8.883  -9.071  -1.279  1.00 35.30  ? 26   THR A O   1 
ATOM   188  C  CB  . THR A 1 28  ? -8.651  -11.072 0.652   1.00 31.40  ? 26   THR A CB  1 
ATOM   189  O  OG1 . THR A 1 28  ? -8.170  -11.891 1.715   1.00 40.09  ? 26   THR A OG1 1 
ATOM   190  C  CG2 . THR A 1 28  ? -9.685  -11.868 -0.148  1.00 39.65  ? 26   THR A CG2 1 
ATOM   191  N  N   . HIS A 1 29  ? -7.479  -10.173 -2.599  1.00 35.82  ? 27   HIS A N   1 
ATOM   192  C  CA  . HIS A 1 29  ? -7.964  -9.488  -3.793  1.00 33.67  ? 27   HIS A CA  1 
ATOM   193  C  C   . HIS A 1 29  ? -9.353  -10.016 -4.096  1.00 32.96  ? 27   HIS A C   1 
ATOM   194  O  O   . HIS A 1 29  ? -9.667  -11.165 -3.791  1.00 37.40  ? 27   HIS A O   1 
ATOM   195  C  CB  . HIS A 1 29  ? -7.027  -9.738  -4.965  1.00 37.82  ? 27   HIS A CB  1 
ATOM   196  C  CG  . HIS A 1 29  ? -7.400  -8.983  -6.204  1.00 46.98  ? 27   HIS A CG  1 
ATOM   197  N  ND1 . HIS A 1 29  ? -8.247  -9.499  -7.164  1.00 43.21  ? 27   HIS A ND1 1 
ATOM   198  C  CD2 . HIS A 1 29  ? -7.068  -7.737  -6.624  1.00 44.05  ? 27   HIS A CD2 1 
ATOM   199  C  CE1 . HIS A 1 29  ? -8.419  -8.601  -8.120  1.00 45.69  ? 27   HIS A CE1 1 
ATOM   200  N  NE2 . HIS A 1 29  ? -7.716  -7.522  -7.816  1.00 37.13  ? 27   HIS A NE2 1 
ATOM   201  N  N   . ARG A 1 30  ? -10.197 -9.185  -4.688  1.00 29.04  ? 28   ARG A N   1 
ATOM   202  C  CA  . ARG A 1 30  ? -11.562 -9.584  -4.994  1.00 39.01  ? 28   ARG A CA  1 
ATOM   203  C  C   . ARG A 1 30  ? -11.702 -10.888 -5.797  1.00 35.95  ? 28   ARG A C   1 
ATOM   204  O  O   . ARG A 1 30  ? -12.643 -11.651 -5.578  1.00 47.47  ? 28   ARG A O   1 
ATOM   205  C  CB  . ARG A 1 30  ? -12.281 -8.441  -5.717  1.00 44.11  ? 28   ARG A CB  1 
ATOM   206  C  CG  . ARG A 1 30  ? -11.711 -8.115  -7.087  1.00 48.99  ? 28   ARG A CG  1 
ATOM   207  C  CD  . ARG A 1 30  ? -11.721 -6.617  -7.324  1.00 56.20  ? 28   ARG A CD  1 
ATOM   208  N  NE  . ARG A 1 30  ? -13.057 -6.135  -7.646  1.00 63.68  ? 28   ARG A NE  1 
ATOM   209  C  CZ  . ARG A 1 30  ? -13.941 -6.812  -8.371  1.00 78.29  ? 28   ARG A CZ  1 
ATOM   210  N  NH1 . ARG A 1 30  ? -15.068 -7.239  -7.812  1.00 81.04  ? 28   ARG A NH1 1 
ATOM   211  N  NH2 . ARG A 1 30  ? -13.695 -7.074  -9.652  1.00 80.52  ? 28   ARG A NH2 1 
ATOM   212  N  N   . SER A 1 31  ? -10.780 -11.137 -6.717  1.00 37.89  ? 29   SER A N   1 
ATOM   213  C  CA  . SER A 1 31  ? -10.823 -12.358 -7.529  1.00 45.92  ? 29   SER A CA  1 
ATOM   214  C  C   . SER A 1 31  ? -10.843 -13.597 -6.627  1.00 46.55  ? 29   SER A C   1 
ATOM   215  O  O   . SER A 1 31  ? -11.729 -14.458 -6.732  1.00 47.04  ? 29   SER A O   1 
ATOM   216  C  CB  . SER A 1 31  ? -9.608  -12.415 -8.451  1.00 34.78  ? 29   SER A CB  1 
ATOM   217  O  OG  . SER A 1 31  ? -8.418  -12.511 -7.704  1.00 51.67  ? 29   SER A OG  1 
ATOM   218  N  N   . TYR A 1 32  ? -9.854  -13.673 -5.742  1.00 46.45  ? 30   TYR A N   1 
ATOM   219  C  CA  . TYR A 1 32  ? -9.748  -14.768 -4.796  1.00 39.16  ? 30   TYR A CA  1 
ATOM   220  C  C   . TYR A 1 32  ? -11.039 -14.825 -4.028  1.00 41.34  ? 30   TYR A C   1 
ATOM   221  O  O   . TYR A 1 32  ? -11.643 -15.878 -3.864  1.00 50.25  ? 30   TYR A O   1 
ATOM   222  C  CB  . TYR A 1 32  ? -8.604  -14.515 -3.815  1.00 41.21  ? 30   TYR A CB  1 
ATOM   223  C  CG  . TYR A 1 32  ? -8.401  -15.635 -2.828  1.00 41.41  ? 30   TYR A CG  1 
ATOM   224  C  CD1 . TYR A 1 32  ? -7.499  -16.667 -3.094  1.00 39.01  ? 30   TYR A CD1 1 
ATOM   225  C  CD2 . TYR A 1 32  ? -9.130  -15.683 -1.635  1.00 41.00  ? 30   TYR A CD2 1 
ATOM   226  C  CE1 . TYR A 1 32  ? -7.325  -17.719 -2.194  1.00 42.66  ? 30   TYR A CE1 1 
ATOM   227  C  CE2 . TYR A 1 32  ? -8.967  -16.732 -0.729  1.00 35.63  ? 30   TYR A CE2 1 
ATOM   228  C  CZ  . TYR A 1 32  ? -8.058  -17.743 -1.021  1.00 44.34  ? 30   TYR A CZ  1 
ATOM   229  O  OH  . TYR A 1 32  ? -7.882  -18.777 -0.136  1.00 52.26  ? 30   TYR A OH  1 
ATOM   230  N  N   . ALA A 1 33  ? -11.472 -13.666 -3.556  1.00 38.95  ? 31   ALA A N   1 
ATOM   231  C  CA  . ALA A 1 33  ? -12.683 -13.582 -2.764  1.00 31.44  ? 31   ALA A CA  1 
ATOM   232  C  C   . ALA A 1 33  ? -13.904 -14.217 -3.440  1.00 39.12  ? 31   ALA A C   1 
ATOM   233  O  O   . ALA A 1 33  ? -14.631 -14.986 -2.811  1.00 44.42  ? 31   ALA A O   1 
ATOM   234  C  CB  . ALA A 1 33  ? -12.976 -12.115 -2.416  1.00 31.58  ? 31   ALA A CB  1 
ATOM   235  N  N   . TYR A 1 34  ? -14.143 -13.878 -4.704  1.00 47.31  ? 32   TYR A N   1 
ATOM   236  C  CA  . TYR A 1 34  ? -15.298 -14.423 -5.435  1.00 49.84  ? 32   TYR A CA  1 
ATOM   237  C  C   . TYR A 1 34  ? -15.153 -15.932 -5.677  1.00 45.09  ? 32   TYR A C   1 
ATOM   238  O  O   . TYR A 1 34  ? -16.052 -16.715 -5.383  1.00 49.96  ? 32   TYR A O   1 
ATOM   239  C  CB  . TYR A 1 34  ? -15.463 -13.694 -6.774  1.00 49.79  ? 32   TYR A CB  1 
ATOM   240  C  CG  . TYR A 1 34  ? -15.653 -12.188 -6.654  1.00 53.96  ? 32   TYR A CG  1 
ATOM   241  C  CD1 . TYR A 1 34  ? -16.419 -11.633 -5.617  1.00 51.13  ? 32   TYR A CD1 1 
ATOM   242  C  CD2 . TYR A 1 34  ? -15.103 -11.323 -7.596  1.00 54.91  ? 32   TYR A CD2 1 
ATOM   243  C  CE1 . TYR A 1 34  ? -16.631 -10.256 -5.527  1.00 45.55  ? 32   TYR A CE1 1 
ATOM   244  C  CE2 . TYR A 1 34  ? -15.310 -9.940  -7.512  1.00 52.99  ? 32   TYR A CE2 1 
ATOM   245  C  CZ  . TYR A 1 34  ? -16.076 -9.421  -6.476  1.00 46.55  ? 32   TYR A CZ  1 
ATOM   246  O  OH  . TYR A 1 34  ? -16.289 -8.065  -6.400  1.00 55.37  ? 32   TYR A OH  1 
ATOM   247  N  N   . GLU A 1 35  ? -14.005 -16.318 -6.212  1.00 47.36  ? 33   GLU A N   1 
ATOM   248  C  CA  . GLU A 1 35  ? -13.697 -17.709 -6.488  1.00 49.87  ? 33   GLU A CA  1 
ATOM   249  C  C   . GLU A 1 35  ? -13.858 -18.610 -5.269  1.00 56.58  ? 33   GLU A C   1 
ATOM   250  O  O   . GLU A 1 35  ? -14.107 -19.804 -5.411  1.00 57.24  ? 33   GLU A O   1 
ATOM   251  C  CB  . GLU A 1 35  ? -12.272 -17.795 -7.012  1.00 58.28  ? 33   GLU A CB  1 
ATOM   252  C  CG  . GLU A 1 35  ? -11.669 -19.175 -7.045  1.00 69.24  ? 33   GLU A CG  1 
ATOM   253  C  CD  . GLU A 1 35  ? -10.242 -19.133 -7.552  1.00 75.82  ? 33   GLU A CD  1 
ATOM   254  O  OE1 . GLU A 1 35  ? -10.042 -18.707 -8.714  1.00 75.98  ? 33   GLU A OE1 1 
ATOM   255  O  OE2 . GLU A 1 35  ? -9.327  -19.509 -6.787  1.00 75.89  ? 33   GLU A OE2 1 
ATOM   256  N  N   . ASN A 1 36  ? -13.727 -18.059 -4.067  1.00 50.96  ? 34   ASN A N   1 
ATOM   257  C  CA  . ASN A 1 36  ? -13.854 -18.901 -2.891  1.00 50.25  ? 34   ASN A CA  1 
ATOM   258  C  C   . ASN A 1 36  ? -15.131 -18.745 -2.087  1.00 51.53  ? 34   ASN A C   1 
ATOM   259  O  O   . ASN A 1 36  ? -15.153 -18.959 -0.875  1.00 53.23  ? 34   ASN A O   1 
ATOM   260  C  CB  . ASN A 1 36  ? -12.624 -18.754 -1.989  1.00 51.78  ? 34   ASN A CB  1 
ATOM   261  C  CG  . ASN A 1 36  ? -11.357 -19.251 -2.666  1.00 54.60  ? 34   ASN A CG  1 
ATOM   262  O  OD1 . ASN A 1 36  ? -10.678 -18.507 -3.367  1.00 61.71  ? 34   ASN A OD1 1 
ATOM   263  N  ND2 . ASN A 1 36  ? -11.055 -20.525 -2.486  1.00 57.51  ? 34   ASN A ND2 1 
ATOM   264  N  N   . GLY A 1 37  ? -16.206 -18.365 -2.763  1.00 51.98  ? 35   GLY A N   1 
ATOM   265  C  CA  . GLY A 1 37  ? -17.481 -18.265 -2.081  1.00 53.26  ? 35   GLY A CA  1 
ATOM   266  C  C   . GLY A 1 37  ? -17.954 -16.935 -1.547  1.00 50.72  ? 35   GLY A C   1 
ATOM   267  O  O   . GLY A 1 37  ? -18.852 -16.908 -0.712  1.00 54.20  ? 35   GLY A O   1 
ATOM   268  N  N   . GLY A 1 38  ? -17.374 -15.838 -2.020  1.00 50.93  ? 36   GLY A N   1 
ATOM   269  C  CA  . GLY A 1 38  ? -17.801 -14.537 -1.543  1.00 54.07  ? 36   GLY A CA  1 
ATOM   270  C  C   . GLY A 1 38  ? -17.223 -14.171 -0.188  1.00 49.05  ? 36   GLY A C   1 
ATOM   271  O  O   . GLY A 1 38  ? -17.957 -13.918 0.769   1.00 55.10  ? 36   GLY A O   1 
ATOM   272  N  N   . LEU A 1 39  ? -15.896 -14.165 -0.116  1.00 46.42  ? 37   LEU A N   1 
ATOM   273  C  CA  . LEU A 1 39  ? -15.156 -13.801 1.096   1.00 41.69  ? 37   LEU A CA  1 
ATOM   274  C  C   . LEU A 1 39  ? -15.037 -12.273 1.128   1.00 45.38  ? 37   LEU A C   1 
ATOM   275  O  O   . LEU A 1 39  ? -15.164 -11.622 0.089   1.00 41.86  ? 37   LEU A O   1 
ATOM   276  C  CB  . LEU A 1 39  ? -13.735 -14.371 1.026   1.00 38.56  ? 37   LEU A CB  1 
ATOM   277  C  CG  . LEU A 1 39  ? -13.339 -15.708 1.667   1.00 42.10  ? 37   LEU A CG  1 
ATOM   278  C  CD1 . LEU A 1 39  ? -14.477 -16.680 1.612   1.00 37.92  ? 37   LEU A CD1 1 
ATOM   279  C  CD2 . LEU A 1 39  ? -12.096 -16.264 0.964   1.00 36.85  ? 37   LEU A CD2 1 
ATOM   280  N  N   . PRO A 1 40  ? -14.798 -11.680 2.314   1.00 44.54  ? 38   PRO A N   1 
ATOM   281  C  CA  . PRO A 1 40  ? -14.660 -10.215 2.363   1.00 36.30  ? 38   PRO A CA  1 
ATOM   282  C  C   . PRO A 1 40  ? -13.388 -9.858  1.586   1.00 32.44  ? 38   PRO A C   1 
ATOM   283  O  O   . PRO A 1 40  ? -12.445 -10.637 1.562   1.00 32.41  ? 38   PRO A O   1 
ATOM   284  C  CB  . PRO A 1 40  ? -14.505 -9.930  3.857   1.00 40.49  ? 38   PRO A CB  1 
ATOM   285  C  CG  . PRO A 1 40  ? -15.262 -11.067 4.502   1.00 46.59  ? 38   PRO A CG  1 
ATOM   286  C  CD  . PRO A 1 40  ? -14.839 -12.258 3.672   1.00 39.59  ? 38   PRO A CD  1 
ATOM   287  N  N   . THR A 1 41  ? -13.344 -8.694  0.949   1.00 30.17  ? 39   THR A N   1 
ATOM   288  C  CA  . THR A 1 41  ? -12.148 -8.330  0.187   1.00 32.20  ? 39   THR A CA  1 
ATOM   289  C  C   . THR A 1 41  ? -11.358 -7.213  0.847   1.00 29.62  ? 39   THR A C   1 
ATOM   290  O  O   . THR A 1 41  ? -11.837 -6.576  1.766   1.00 30.37  ? 39   THR A O   1 
ATOM   291  C  CB  . THR A 1 41  ? -12.506 -7.832  -1.221  1.00 32.76  ? 39   THR A CB  1 
ATOM   292  O  OG1 . THR A 1 41  ? -13.123 -6.541  -1.118  1.00 31.85  ? 39   THR A OG1 1 
ATOM   293  C  CG2 . THR A 1 41  ? -13.476 -8.792  -1.886  1.00 33.04  ? 39   THR A CG2 1 
ATOM   294  N  N   . ASN A 1 42  ? -10.157 -6.964  0.346   1.00 30.53  ? 40   ASN A N   1 
ATOM   295  C  CA  . ASN A 1 42  ? -9.322  -5.895  0.881   1.00 28.63  ? 40   ASN A CA  1 
ATOM   296  C  C   . ASN A 1 42  ? -9.731  -4.505  0.372   1.00 33.60  ? 40   ASN A C   1 
ATOM   297  O  O   . ASN A 1 42  ? -9.040  -3.531  0.637   1.00 32.15  ? 40   ASN A O   1 
ATOM   298  C  CB  . ASN A 1 42  ? -7.871  -6.119  0.509   1.00 24.82  ? 40   ASN A CB  1 
ATOM   299  C  CG  . ASN A 1 42  ? -7.623  -5.995  -0.992  1.00 37.34  ? 40   ASN A CG  1 
ATOM   300  O  OD1 . ASN A 1 42  ? -8.529  -5.666  -1.766  1.00 29.65  ? 40   ASN A OD1 1 
ATOM   301  N  ND2 . ASN A 1 42  ? -6.386  -6.255  -1.406  1.00 30.81  ? 40   ASN A ND2 1 
ATOM   302  N  N   . GLU A 1 43  ? -10.857 -4.410  -0.331  1.00 34.05  ? 41   GLU A N   1 
ATOM   303  C  CA  . GLU A 1 43  ? -11.298 -3.131  -0.892  1.00 29.70  ? 41   GLU A CA  1 
ATOM   304  C  C   . GLU A 1 43  ? -11.626 -2.014  0.096   1.00 28.95  ? 41   GLU A C   1 
ATOM   305  O  O   . GLU A 1 43  ? -11.304 -0.861  -0.174  1.00 34.19  ? 41   GLU A O   1 
ATOM   306  C  CB  . GLU A 1 43  ? -12.477 -3.361  -1.850  1.00 27.53  ? 41   GLU A CB  1 
ATOM   307  C  CG  . GLU A 1 43  ? -12.033 -4.160  -3.086  1.00 40.98  ? 41   GLU A CG  1 
ATOM   308  C  CD  . GLU A 1 43  ? -13.186 -4.632  -3.936  1.00 49.68  ? 41   GLU A CD  1 
ATOM   309  O  OE1 . GLU A 1 43  ? -13.956 -5.501  -3.465  1.00 47.63  ? 41   GLU A OE1 1 
ATOM   310  O  OE2 . GLU A 1 43  ? -13.318 -4.126  -5.072  1.00 50.60  ? 41   GLU A OE2 1 
ATOM   311  N  N   . ARG A 1 44  ? -12.249 -2.344  1.227   1.00 29.73  ? 42   ARG A N   1 
ATOM   312  C  CA  . ARG A 1 44  ? -12.585 -1.334  2.239   1.00 29.32  ? 42   ARG A CA  1 
ATOM   313  C  C   . ARG A 1 44  ? -11.284 -0.812  2.840   1.00 34.81  ? 42   ARG A C   1 
ATOM   314  O  O   . ARG A 1 44  ? -11.091 0.407   3.015   1.00 31.16  ? 42   ARG A O   1 
ATOM   315  C  CB  . ARG A 1 44  ? -13.480 -1.942  3.324   1.00 34.63  ? 42   ARG A CB  1 
ATOM   316  C  CG  . ARG A 1 44  ? -14.955 -2.135  2.893   1.00 40.70  ? 42   ARG A CG  1 
ATOM   317  C  CD  . ARG A 1 44  ? -15.687 -3.060  3.872   1.00 43.65  ? 42   ARG A CD  1 
ATOM   318  N  NE  . ARG A 1 44  ? -15.394 -2.722  5.264   1.00 39.33  ? 42   ARG A NE  1 
ATOM   319  C  CZ  . ARG A 1 44  ? -15.971 -1.730  5.932   1.00 40.28  ? 42   ARG A CZ  1 
ATOM   320  N  NH1 . ARG A 1 44  ? -16.888 -0.974  5.342   1.00 32.35  ? 42   ARG A NH1 1 
ATOM   321  N  NH2 . ARG A 1 44  ? -15.622 -1.490  7.185   1.00 35.61  ? 42   ARG A NH2 1 
ATOM   322  N  N   . LEU A 1 45  ? -10.382 -1.748  3.114   1.00 26.86  ? 43   LEU A N   1 
ATOM   323  C  CA  . LEU A 1 45  ? -9.072  -1.437  3.661   1.00 29.10  ? 43   LEU A CA  1 
ATOM   324  C  C   . LEU A 1 45  ? -8.297  -0.526  2.686   1.00 28.06  ? 43   LEU A C   1 
ATOM   325  O  O   . LEU A 1 45  ? -7.617  0.421   3.094   1.00 28.34  ? 43   LEU A O   1 
ATOM   326  C  CB  . LEU A 1 45  ? -8.307  -2.752  3.912   1.00 25.21  ? 43   LEU A CB  1 
ATOM   327  C  CG  . LEU A 1 45  ? -8.006  -3.266  5.329   1.00 35.29  ? 43   LEU A CG  1 
ATOM   328  C  CD1 . LEU A 1 45  ? -8.759  -2.479  6.393   1.00 32.40  ? 43   LEU A CD1 1 
ATOM   329  C  CD2 . LEU A 1 45  ? -8.308  -4.755  5.388   1.00 30.84  ? 43   LEU A CD2 1 
ATOM   330  N  N   . GLU A 1 46  ? -8.401  -0.819  1.393   1.00 26.59  ? 44   GLU A N   1 
ATOM   331  C  CA  . GLU A 1 46  ? -7.734  -0.022  0.352   1.00 27.59  ? 44   GLU A CA  1 
ATOM   332  C  C   . GLU A 1 46  ? -8.233  1.435   0.406   1.00 24.30  ? 44   GLU A C   1 
ATOM   333  O  O   . GLU A 1 46  ? -7.453  2.383   0.361   1.00 31.58  ? 44   GLU A O   1 
ATOM   334  C  CB  . GLU A 1 46  ? -8.063  -0.617  -1.031  1.00 31.78  ? 44   GLU A CB  1 
ATOM   335  C  CG  . GLU A 1 46  ? -7.573  0.199   -2.208  1.00 43.59  ? 44   GLU A CG  1 
ATOM   336  C  CD  . GLU A 1 46  ? -8.401  -0.043  -3.461  1.00 56.22  ? 44   GLU A CD  1 
ATOM   337  O  OE1 . GLU A 1 46  ? -8.807  -1.197  -3.695  1.00 57.87  ? 44   GLU A OE1 1 
ATOM   338  O  OE2 . GLU A 1 46  ? -8.640  0.918   -4.215  1.00 62.51  ? 44   GLU A OE2 1 
ATOM   339  N  N   . PHE A 1 47  ? -9.542  1.576   0.495   1.00 23.05  ? 45   PHE A N   1 
ATOM   340  C  CA  . PHE A 1 47  ? -10.240 2.863   0.575   1.00 27.52  ? 45   PHE A CA  1 
ATOM   341  C  C   . PHE A 1 47  ? -9.713  3.642   1.774   1.00 28.15  ? 45   PHE A C   1 
ATOM   342  O  O   . PHE A 1 47  ? -9.426  4.841   1.697   1.00 28.11  ? 45   PHE A O   1 
ATOM   343  C  CB  . PHE A 1 47  ? -11.729 2.586   0.770   1.00 34.17  ? 45   PHE A CB  1 
ATOM   344  C  CG  . PHE A 1 47  ? -12.600 3.808   0.813   1.00 31.66  ? 45   PHE A CG  1 
ATOM   345  C  CD1 . PHE A 1 47  ? -12.790 4.593   -0.322  1.00 36.80  ? 45   PHE A CD1 1 
ATOM   346  C  CD2 . PHE A 1 47  ? -13.294 4.130   1.974   1.00 38.20  ? 45   PHE A CD2 1 
ATOM   347  C  CE1 . PHE A 1 47  ? -13.668 5.675   -0.307  1.00 27.63  ? 45   PHE A CE1 1 
ATOM   348  C  CE2 . PHE A 1 47  ? -14.175 5.209   2.001   1.00 32.37  ? 45   PHE A CE2 1 
ATOM   349  C  CZ  . PHE A 1 47  ? -14.358 5.980   0.856   1.00 30.45  ? 45   PHE A CZ  1 
ATOM   350  N  N   . LEU A 1 48  ? -9.593  2.952   2.897   1.00 28.17  ? 46   LEU A N   1 
ATOM   351  C  CA  . LEU A 1 48  ? -9.086  3.597   4.096   1.00 21.80  ? 46   LEU A CA  1 
ATOM   352  C  C   . LEU A 1 48  ? -7.610  3.952   3.930   1.00 25.09  ? 46   LEU A C   1 
ATOM   353  O  O   . LEU A 1 48  ? -7.217  5.086   4.188   1.00 27.88  ? 46   LEU A O   1 
ATOM   354  C  CB  . LEU A 1 48  ? -9.242  2.690   5.308   1.00 29.62  ? 46   LEU A CB  1 
ATOM   355  C  CG  . LEU A 1 48  ? -8.672  3.272   6.616   1.00 25.69  ? 46   LEU A CG  1 
ATOM   356  C  CD1 . LEU A 1 48  ? -9.430  4.557   6.985   1.00 25.59  ? 46   LEU A CD1 1 
ATOM   357  C  CD2 . LEU A 1 48  ? -8.814  2.224   7.729   1.00 26.00  ? 46   LEU A CD2 1 
ATOM   358  N  N   . GLY A 1 49  ? -6.811  2.989   3.473   1.00 22.32  ? 47   GLY A N   1 
ATOM   359  C  CA  . GLY A 1 49  ? -5.392  3.223   3.316   1.00 18.58  ? 47   GLY A CA  1 
ATOM   360  C  C   . GLY A 1 49  ? -5.080  4.374   2.376   1.00 29.42  ? 47   GLY A C   1 
ATOM   361  O  O   . GLY A 1 49  ? -4.076  5.088   2.561   1.00 25.22  ? 47   GLY A O   1 
ATOM   362  N  N   . ASP A 1 50  ? -5.946  4.561   1.375   1.00 28.05  ? 48   ASP A N   1 
ATOM   363  C  CA  . ASP A 1 50  ? -5.770  5.624   0.396   1.00 28.76  ? 48   ASP A CA  1 
ATOM   364  C  C   . ASP A 1 50  ? -5.882  6.993   1.084   1.00 25.54  ? 48   ASP A C   1 
ATOM   365  O  O   . ASP A 1 50  ? -5.075  7.886   0.850   1.00 27.05  ? 48   ASP A O   1 
ATOM   366  C  CB  . ASP A 1 50  ? -6.819  5.504   -0.716  1.00 31.21  ? 48   ASP A CB  1 
ATOM   367  C  CG  . ASP A 1 50  ? -6.525  6.443   -1.879  1.00 40.13  ? 48   ASP A CG  1 
ATOM   368  O  OD1 . ASP A 1 50  ? -5.704  6.079   -2.729  1.00 52.53  ? 48   ASP A OD1 1 
ATOM   369  O  OD2 . ASP A 1 50  ? -7.080  7.548   -1.922  1.00 46.01  ? 48   ASP A OD2 1 
ATOM   370  N  N   . ALA A 1 51  ? -6.875  7.152   1.943   1.00 28.43  ? 49   ALA A N   1 
ATOM   371  C  CA  . ALA A 1 51  ? -7.026  8.422   2.662   1.00 29.30  ? 49   ALA A CA  1 
ATOM   372  C  C   . ALA A 1 51  ? -5.864  8.642   3.668   1.00 24.12  ? 49   ALA A C   1 
ATOM   373  O  O   . ALA A 1 51  ? -5.386  9.770   3.852   1.00 27.82  ? 49   ALA A O   1 
ATOM   374  C  CB  . ALA A 1 51  ? -8.365  8.446   3.382   1.00 25.20  ? 49   ALA A CB  1 
ATOM   375  N  N   . VAL A 1 52  ? -5.416  7.569   4.318   1.00 26.52  ? 50   VAL A N   1 
ATOM   376  C  CA  . VAL A 1 52  ? -4.302  7.655   5.284   1.00 23.84  ? 50   VAL A CA  1 
ATOM   377  C  C   . VAL A 1 52  ? -3.016  8.074   4.547   1.00 27.95  ? 50   VAL A C   1 
ATOM   378  O  O   . VAL A 1 52  ? -2.299  8.980   4.978   1.00 32.80  ? 50   VAL A O   1 
ATOM   379  C  CB  . VAL A 1 52  ? -4.053  6.288   6.014   1.00 23.44  ? 50   VAL A CB  1 
ATOM   380  C  CG1 . VAL A 1 52  ? -2.760  6.352   6.866   1.00 28.58  ? 50   VAL A CG1 1 
ATOM   381  C  CG2 . VAL A 1 52  ? -5.187  5.992   6.951   1.00 22.41  ? 50   VAL A CG2 1 
ATOM   382  N  N   . LEU A 1 53  ? -2.727  7.402   3.435   1.00 28.28  ? 51   LEU A N   1 
ATOM   383  C  CA  . LEU A 1 53  ? -1.562  7.730   2.631   1.00 25.34  ? 51   LEU A CA  1 
ATOM   384  C  C   . LEU A 1 53  ? -1.699  9.168   2.101   1.00 30.58  ? 51   LEU A C   1 
ATOM   385  O  O   . LEU A 1 53  ? -0.729  9.949   2.115   1.00 28.09  ? 51   LEU A O   1 
ATOM   386  C  CB  . LEU A 1 53  ? -1.434  6.775   1.431   1.00 23.88  ? 51   LEU A CB  1 
ATOM   387  C  CG  . LEU A 1 53  ? -0.257  7.079   0.495   1.00 30.04  ? 51   LEU A CG  1 
ATOM   388  C  CD1 . LEU A 1 53  ? 1.024   6.863   1.247   1.00 29.97  ? 51   LEU A CD1 1 
ATOM   389  C  CD2 . LEU A 1 53  ? -0.297  6.188   -0.750  1.00 37.20  ? 51   LEU A CD2 1 
ATOM   390  N  N   . GLY A 1 54  ? -2.900  9.511   1.638   1.00 26.30  ? 52   GLY A N   1 
ATOM   391  C  CA  . GLY A 1 54  ? -3.133  10.841  1.104   1.00 25.29  ? 52   GLY A CA  1 
ATOM   392  C  C   . GLY A 1 54  ? -2.808  11.946  2.112   1.00 34.09  ? 52   GLY A C   1 
ATOM   393  O  O   . GLY A 1 54  ? -2.094  12.902  1.785   1.00 28.69  ? 52   GLY A O   1 
ATOM   394  N  N   . LEU A 1 55  ? -3.307  11.818  3.343   1.00 28.27  ? 53   LEU A N   1 
ATOM   395  C  CA  . LEU A 1 55  ? -3.033  12.848  4.348   1.00 31.72  ? 53   LEU A CA  1 
ATOM   396  C  C   . LEU A 1 55  ? -1.541  12.889  4.692   1.00 35.88  ? 53   LEU A C   1 
ATOM   397  O  O   . LEU A 1 55  ? -0.928  13.961  4.706   1.00 36.52  ? 53   LEU A O   1 
ATOM   398  C  CB  . LEU A 1 55  ? -3.840  12.615  5.629   1.00 28.15  ? 53   LEU A CB  1 
ATOM   399  C  CG  . LEU A 1 55  ? -3.421  13.562  6.760   1.00 34.76  ? 53   LEU A CG  1 
ATOM   400  C  CD1 . LEU A 1 55  ? -3.685  15.015  6.350   1.00 31.21  ? 53   LEU A CD1 1 
ATOM   401  C  CD2 . LEU A 1 55  ? -4.192  13.242  8.017   1.00 22.49  ? 53   LEU A CD2 1 
ATOM   402  N  N   . THR A 1 56  ? -0.951  11.727  4.946   1.00 31.15  ? 54   THR A N   1 
ATOM   403  C  CA  . THR A 1 56  ? 0.468   11.678  5.303   1.00 36.50  ? 54   THR A CA  1 
ATOM   404  C  C   . THR A 1 56  ? 1.377   12.340  4.264   1.00 37.13  ? 54   THR A C   1 
ATOM   405  O  O   . THR A 1 56  ? 2.244   13.138  4.603   1.00 34.56  ? 54   THR A O   1 
ATOM   406  C  CB  . THR A 1 56  ? 0.948   10.220  5.529   1.00 38.12  ? 54   THR A CB  1 
ATOM   407  O  OG1 . THR A 1 56  ? 0.161   9.601   6.561   1.00 37.12  ? 54   THR A OG1 1 
ATOM   408  C  CG2 . THR A 1 56  ? 2.400   10.209  5.956   1.00 36.10  ? 54   THR A CG2 1 
ATOM   409  N  N   . ILE A 1 57  ? 1.186   12.017  2.995   1.00 36.83  ? 55   ILE A N   1 
ATOM   410  C  CA  . ILE A 1 57  ? 2.024   12.614  1.964   1.00 34.16  ? 55   ILE A CA  1 
ATOM   411  C  C   . ILE A 1 57  ? 1.717   14.110  1.810   1.00 41.37  ? 55   ILE A C   1 
ATOM   412  O  O   . ILE A 1 57  ? 2.613   14.909  1.535   1.00 38.96  ? 55   ILE A O   1 
ATOM   413  C  CB  . ILE A 1 57  ? 1.807   11.906  0.608   1.00 37.43  ? 55   ILE A CB  1 
ATOM   414  C  CG1 . ILE A 1 57  ? 2.275   10.444  0.702   1.00 43.77  ? 55   ILE A CG1 1 
ATOM   415  C  CG2 . ILE A 1 57  ? 2.529   12.653  -0.498  1.00 38.24  ? 55   ILE A CG2 1 
ATOM   416  C  CD1 . ILE A 1 57  ? 3.675   10.269  1.312   1.00 39.92  ? 55   ILE A CD1 1 
ATOM   417  N  N   . THR A 1 58  ? 0.451   14.481  2.007   1.00 35.98  ? 56   THR A N   1 
ATOM   418  C  CA  . THR A 1 58  ? 0.033   15.867  1.875   1.00 34.55  ? 56   THR A CA  1 
ATOM   419  C  C   . THR A 1 58  ? 0.711   16.669  2.961   1.00 37.27  ? 56   THR A C   1 
ATOM   420  O  O   . THR A 1 58  ? 1.283   17.726  2.695   1.00 38.64  ? 56   THR A O   1 
ATOM   421  C  CB  . THR A 1 58  ? -1.519  16.017  2.006   1.00 32.07  ? 56   THR A CB  1 
ATOM   422  O  OG1 . THR A 1 58  ? -2.160  15.392  0.888   1.00 28.83  ? 56   THR A OG1 1 
ATOM   423  C  CG2 . THR A 1 58  ? -1.921  17.492  2.034   1.00 27.39  ? 56   THR A CG2 1 
ATOM   424  N  N   . ASP A 1 59  ? 0.640   16.139  4.183   1.00 34.17  ? 57   ASP A N   1 
ATOM   425  C  CA  . ASP A 1 59  ? 1.210   16.745  5.382   1.00 37.49  ? 57   ASP A CA  1 
ATOM   426  C  C   . ASP A 1 59  ? 2.727   16.946  5.219   1.00 41.97  ? 57   ASP A C   1 
ATOM   427  O  O   . ASP A 1 59  ? 3.255   18.010  5.512   1.00 41.70  ? 57   ASP A O   1 
ATOM   428  C  CB  . ASP A 1 59  ? 0.906   15.828  6.584   1.00 41.55  ? 57   ASP A CB  1 
ATOM   429  C  CG  . ASP A 1 59  ? 1.365   16.399  7.910   1.00 39.13  ? 57   ASP A CG  1 
ATOM   430  O  OD1 . ASP A 1 59  ? 2.432   17.034  7.958   1.00 59.21  ? 57   ASP A OD1 1 
ATOM   431  O  OD2 . ASP A 1 59  ? 0.667   16.194  8.919   1.00 42.68  ? 57   ASP A OD2 1 
ATOM   432  N  N   . ALA A 1 60  ? 3.418   15.922  4.740   1.00 41.01  ? 58   ALA A N   1 
ATOM   433  C  CA  . ALA A 1 60  ? 4.869   15.996  4.548   1.00 49.60  ? 58   ALA A CA  1 
ATOM   434  C  C   . ALA A 1 60  ? 5.278   17.059  3.528   1.00 46.72  ? 58   ALA A C   1 
ATOM   435  O  O   . ALA A 1 60  ? 6.107   17.922  3.809   1.00 50.21  ? 58   ALA A O   1 
ATOM   436  C  CB  . ALA A 1 60  ? 5.419   14.627  4.113   1.00 39.63  ? 58   ALA A CB  1 
ATOM   437  N  N   . LEU A 1 61  ? 4.705   16.975  2.337   1.00 44.09  ? 59   LEU A N   1 
ATOM   438  C  CA  . LEU A 1 61  ? 5.008   17.935  1.293   1.00 40.93  ? 59   LEU A CA  1 
ATOM   439  C  C   . LEU A 1 61  ? 4.703   19.351  1.788   1.00 44.24  ? 59   LEU A C   1 
ATOM   440  O  O   . LEU A 1 61  ? 5.454   20.281  1.501   1.00 43.13  ? 59   LEU A O   1 
ATOM   441  C  CB  . LEU A 1 61  ? 4.191   17.625  0.040   1.00 44.32  ? 59   LEU A CB  1 
ATOM   442  C  CG  . LEU A 1 61  ? 4.502   16.306  -0.666  1.00 42.48  ? 59   LEU A CG  1 
ATOM   443  C  CD1 . LEU A 1 61  ? 3.512   16.074  -1.783  1.00 42.30  ? 59   LEU A CD1 1 
ATOM   444  C  CD2 . LEU A 1 61  ? 5.922   16.352  -1.219  1.00 57.00  ? 59   LEU A CD2 1 
ATOM   445  N  N   . PHE A 1 62  ? 3.611   19.511  2.536   1.00 38.85  ? 60   PHE A N   1 
ATOM   446  C  CA  . PHE A 1 62  ? 3.226   20.816  3.081   1.00 37.50  ? 60   PHE A CA  1 
ATOM   447  C  C   . PHE A 1 62  ? 4.369   21.400  3.898   1.00 43.61  ? 60   PHE A C   1 
ATOM   448  O  O   . PHE A 1 62  ? 4.714   22.569  3.744   1.00 41.85  ? 60   PHE A O   1 
ATOM   449  C  CB  . PHE A 1 62  ? 2.005   20.676  3.993   1.00 29.70  ? 60   PHE A CB  1 
ATOM   450  C  CG  . PHE A 1 62  ? 1.503   21.977  4.581   1.00 26.48  ? 60   PHE A CG  1 
ATOM   451  C  CD1 . PHE A 1 62  ? 0.507   22.706  3.932   1.00 28.31  ? 60   PHE A CD1 1 
ATOM   452  C  CD2 . PHE A 1 62  ? 1.982   22.441  5.803   1.00 31.33  ? 60   PHE A CD2 1 
ATOM   453  C  CE1 . PHE A 1 62  ? -0.007  23.871  4.486   1.00 25.45  ? 60   PHE A CE1 1 
ATOM   454  C  CE2 . PHE A 1 62  ? 1.482   23.605  6.371   1.00 26.90  ? 60   PHE A CE2 1 
ATOM   455  C  CZ  . PHE A 1 62  ? 0.479   24.329  5.709   1.00 36.47  ? 60   PHE A CZ  1 
ATOM   456  N  N   . HIS A 1 63  ? 4.941   20.586  4.779   1.00 41.47  ? 61   HIS A N   1 
ATOM   457  C  CA  . HIS A 1 63  ? 6.037   21.043  5.633   1.00 47.44  ? 61   HIS A CA  1 
ATOM   458  C  C   . HIS A 1 63  ? 7.378   21.194  4.901   1.00 52.67  ? 61   HIS A C   1 
ATOM   459  O  O   . HIS A 1 63  ? 8.114   22.157  5.106   1.00 53.82  ? 61   HIS A O   1 
ATOM   460  C  CB  . HIS A 1 63  ? 6.220   20.080  6.800   1.00 44.75  ? 61   HIS A CB  1 
ATOM   461  C  CG  . HIS A 1 63  ? 5.121   20.125  7.823   1.00 47.45  ? 61   HIS A CG  1 
ATOM   462  N  ND1 . HIS A 1 63  ? 5.194   20.895  8.965   1.00 42.09  ? 61   HIS A ND1 1 
ATOM   463  C  CD2 . HIS A 1 63  ? 3.942   19.461  7.898   1.00 38.63  ? 61   HIS A CD2 1 
ATOM   464  C  CE1 . HIS A 1 63  ? 4.112   20.700  9.699   1.00 42.32  ? 61   HIS A CE1 1 
ATOM   465  N  NE2 . HIS A 1 63  ? 3.336   19.833  9.074   1.00 41.44  ? 61   HIS A NE2 1 
ATOM   466  N  N   . ARG A 1 64  ? 7.681   20.255  4.024   1.00 54.15  ? 62   ARG A N   1 
ATOM   467  C  CA  . ARG A 1 64  ? 8.945   20.290  3.301   1.00 59.04  ? 62   ARG A CA  1 
ATOM   468  C  C   . ARG A 1 64  ? 9.087   21.376  2.245   1.00 61.15  ? 62   ARG A C   1 
ATOM   469  O  O   . ARG A 1 64  ? 10.194  21.668  1.803   1.00 60.66  ? 62   ARG A O   1 
ATOM   470  C  CB  . ARG A 1 64  ? 9.198   18.944  2.634   1.00 59.02  ? 62   ARG A CB  1 
ATOM   471  C  CG  . ARG A 1 64  ? 9.368   17.791  3.599   1.00 59.79  ? 62   ARG A CG  1 
ATOM   472  C  CD  . ARG A 1 64  ? 9.820   16.552  2.854   1.00 67.48  ? 62   ARG A CD  1 
ATOM   473  N  NE  . ARG A 1 64  ? 10.174  15.473  3.771   1.00 70.28  ? 62   ARG A NE  1 
ATOM   474  C  CZ  . ARG A 1 64  ? 10.848  14.387  3.416   1.00 69.33  ? 62   ARG A CZ  1 
ATOM   475  N  NH1 . ARG A 1 64  ? 11.240  14.245  2.164   1.00 59.12  ? 62   ARG A NH1 1 
ATOM   476  N  NH2 . ARG A 1 64  ? 11.128  13.452  4.314   1.00 63.97  ? 62   ARG A NH2 1 
ATOM   477  N  N   . HIS A 1 65  ? 7.970   21.949  1.814   1.00 55.78  ? 63   HIS A N   1 
ATOM   478  C  CA  . HIS A 1 65  ? 7.993   22.985  0.792   1.00 55.03  ? 63   HIS A CA  1 
ATOM   479  C  C   . HIS A 1 65  ? 7.026   24.098  1.175   1.00 53.26  ? 63   HIS A C   1 
ATOM   480  O  O   . HIS A 1 65  ? 5.984   24.267  0.544   1.00 50.12  ? 63   HIS A O   1 
ATOM   481  C  CB  . HIS A 1 65  ? 7.578   22.407  -0.558  1.00 56.99  ? 63   HIS A CB  1 
ATOM   482  C  CG  . HIS A 1 65  ? 8.328   21.171  -0.951  1.00 68.70  ? 63   HIS A CG  1 
ATOM   483  N  ND1 . HIS A 1 65  ? 8.779   20.955  -2.236  1.00 70.62  ? 63   HIS A ND1 1 
ATOM   484  C  CD2 . HIS A 1 65  ? 8.670   20.067  -0.247  1.00 70.45  ? 63   HIS A CD2 1 
ATOM   485  C  CE1 . HIS A 1 65  ? 9.364   19.774  -2.305  1.00 67.29  ? 63   HIS A CE1 1 
ATOM   486  N  NE2 . HIS A 1 65  ? 9.312   19.214  -1.111  1.00 70.23  ? 63   HIS A NE2 1 
ATOM   487  N  N   . PRO A 1 66  ? 7.375   24.878  2.207   1.00 52.79  ? 64   PRO A N   1 
ATOM   488  C  CA  . PRO A 1 66  ? 6.582   25.991  2.735   1.00 55.14  ? 64   PRO A CA  1 
ATOM   489  C  C   . PRO A 1 66  ? 6.311   27.080  1.722   1.00 58.66  ? 64   PRO A C   1 
ATOM   490  O  O   . PRO A 1 66  ? 5.333   27.813  1.834   1.00 57.38  ? 64   PRO A O   1 
ATOM   491  C  CB  . PRO A 1 66  ? 7.441   26.535  3.875   1.00 55.03  ? 64   PRO A CB  1 
ATOM   492  C  CG  . PRO A 1 66  ? 8.428   25.431  4.169   1.00 55.14  ? 64   PRO A CG  1 
ATOM   493  C  CD  . PRO A 1 66  ? 8.710   24.861  2.823   1.00 54.75  ? 64   PRO A CD  1 
ATOM   494  N  N   . ASP A 1 67  ? 7.181   27.185  0.730   1.00 59.25  ? 65   ASP A N   1 
ATOM   495  C  CA  . ASP A 1 67  ? 7.041   28.235  -0.254  1.00 62.96  ? 65   ASP A CA  1 
ATOM   496  C  C   . ASP A 1 67  ? 6.372   27.844  -1.549  1.00 59.74  ? 65   ASP A C   1 
ATOM   497  O  O   . ASP A 1 67  ? 6.229   28.679  -2.438  1.00 64.96  ? 65   ASP A O   1 
ATOM   498  C  CB  . ASP A 1 67  ? 8.412   28.840  -0.546  1.00 73.86  ? 65   ASP A CB  1 
ATOM   499  C  CG  . ASP A 1 67  ? 9.114   29.314  0.716   1.00 82.96  ? 65   ASP A CG  1 
ATOM   500  O  OD1 . ASP A 1 67  ? 8.535   30.153  1.445   1.00 84.67  ? 65   ASP A OD1 1 
ATOM   501  O  OD2 . ASP A 1 67  ? 10.243  28.842  0.979   1.00 90.27  ? 65   ASP A OD2 1 
ATOM   502  N  N   . ARG A 1 68  ? 5.958   26.587  -1.666  1.00 52.49  ? 66   ARG A N   1 
ATOM   503  C  CA  . ARG A 1 68  ? 5.294   26.142  -2.883  1.00 51.72  ? 66   ARG A CA  1 
ATOM   504  C  C   . ARG A 1 68  ? 3.769   26.233  -2.796  1.00 50.30  ? 66   ARG A C   1 
ATOM   505  O  O   . ARG A 1 68  ? 3.182   26.001  -1.742  1.00 49.24  ? 66   ARG A O   1 
ATOM   506  C  CB  . ARG A 1 68  ? 5.753   24.727  -3.230  1.00 60.97  ? 66   ARG A CB  1 
ATOM   507  C  CG  . ARG A 1 68  ? 7.112   24.701  -3.946  1.00 66.88  ? 66   ARG A CG  1 
ATOM   508  C  CD  . ARG A 1 68  ? 7.912   23.461  -3.597  1.00 76.64  ? 66   ARG A CD  1 
ATOM   509  N  NE  . ARG A 1 68  ? 8.736   22.980  -4.701  1.00 82.20  ? 66   ARG A NE  1 
ATOM   510  C  CZ  . ARG A 1 68  ? 8.266   22.690  -5.910  1.00 87.11  ? 66   ARG A CZ  1 
ATOM   511  N  NH1 . ARG A 1 68  ? 6.976   22.841  -6.175  1.00 92.81  ? 66   ARG A NH1 1 
ATOM   512  N  NH2 . ARG A 1 68  ? 9.079   22.217  -6.844  1.00 85.18  ? 66   ARG A NH2 1 
ATOM   513  N  N   . SER A 1 69  ? 3.147   26.589  -3.917  1.00 46.58  ? 67   SER A N   1 
ATOM   514  C  CA  . SER A 1 69  ? 1.702   26.770  -4.014  1.00 44.64  ? 67   SER A CA  1 
ATOM   515  C  C   . SER A 1 69  ? 0.887   25.484  -3.950  1.00 41.13  ? 67   SER A C   1 
ATOM   516  O  O   . SER A 1 69  ? 1.398   24.394  -4.202  1.00 41.35  ? 67   SER A O   1 
ATOM   517  C  CB  . SER A 1 69  ? 1.364   27.490  -5.323  1.00 43.83  ? 67   SER A CB  1 
ATOM   518  O  OG  . SER A 1 69  ? 1.490   26.600  -6.430  1.00 48.42  ? 67   SER A OG  1 
ATOM   519  N  N   . GLU A 1 70  ? -0.398  25.623  -3.647  1.00 34.52  ? 68   GLU A N   1 
ATOM   520  C  CA  . GLU A 1 70  ? -1.256  24.459  -3.585  1.00 38.96  ? 68   GLU A CA  1 
ATOM   521  C  C   . GLU A 1 70  ? -1.069  23.635  -4.850  1.00 43.70  ? 68   GLU A C   1 
ATOM   522  O  O   . GLU A 1 70  ? -0.810  22.434  -4.784  1.00 43.60  ? 68   GLU A O   1 
ATOM   523  C  CB  . GLU A 1 70  ? -2.720  24.872  -3.444  1.00 37.91  ? 68   GLU A CB  1 
ATOM   524  C  CG  . GLU A 1 70  ? -3.682  23.997  -4.242  1.00 57.02  ? 68   GLU A CG  1 
ATOM   525  C  CD  . GLU A 1 70  ? -5.130  24.168  -3.823  1.00 69.61  ? 68   GLU A CD  1 
ATOM   526  O  OE1 . GLU A 1 70  ? -5.584  25.326  -3.665  1.00 74.40  ? 68   GLU A OE1 1 
ATOM   527  O  OE2 . GLU A 1 70  ? -5.820  23.139  -3.655  1.00 77.10  ? 68   GLU A OE2 1 
ATOM   528  N  N   . GLY A 1 71  ? -1.193  24.297  -6.001  1.00 47.21  ? 69   GLY A N   1 
ATOM   529  C  CA  . GLY A 1 71  ? -1.054  23.630  -7.284  1.00 42.19  ? 69   GLY A CA  1 
ATOM   530  C  C   . GLY A 1 71  ? 0.213   22.819  -7.390  1.00 44.26  ? 69   GLY A C   1 
ATOM   531  O  O   . GLY A 1 71  ? 0.192   21.669  -7.823  1.00 51.75  ? 69   GLY A O   1 
ATOM   532  N  N   . ASP A 1 72  ? 1.329   23.419  -7.005  1.00 43.57  ? 70   ASP A N   1 
ATOM   533  C  CA  . ASP A 1 72  ? 2.597   22.712  -7.054  1.00 49.85  ? 70   ASP A CA  1 
ATOM   534  C  C   . ASP A 1 72  ? 2.552   21.535  -6.088  1.00 49.20  ? 70   ASP A C   1 
ATOM   535  O  O   . ASP A 1 72  ? 2.972   20.427  -6.429  1.00 55.89  ? 70   ASP A O   1 
ATOM   536  C  CB  . ASP A 1 72  ? 3.758   23.643  -6.684  1.00 58.28  ? 70   ASP A CB  1 
ATOM   537  C  CG  . ASP A 1 72  ? 4.201   24.528  -7.847  1.00 69.91  ? 70   ASP A CG  1 
ATOM   538  O  OD1 . ASP A 1 72  ? 3.555   24.483  -8.919  1.00 74.28  ? 70   ASP A OD1 1 
ATOM   539  O  OD2 . ASP A 1 72  ? 5.206   25.259  -7.693  1.00 75.10  ? 70   ASP A OD2 1 
ATOM   540  N  N   . LEU A 1 73  ? 2.045   21.780  -4.883  1.00 42.59  ? 71   LEU A N   1 
ATOM   541  C  CA  . LEU A 1 73  ? 1.944   20.734  -3.893  1.00 39.86  ? 71   LEU A CA  1 
ATOM   542  C  C   . LEU A 1 73  ? 1.111   19.589  -4.478  1.00 41.35  ? 71   LEU A C   1 
ATOM   543  O  O   . LEU A 1 73  ? 1.479   18.429  -4.345  1.00 37.74  ? 71   LEU A O   1 
ATOM   544  C  CB  . LEU A 1 73  ? 1.321   21.277  -2.612  1.00 34.13  ? 71   LEU A CB  1 
ATOM   545  C  CG  . LEU A 1 73  ? 2.231   22.178  -1.769  1.00 37.94  ? 71   LEU A CG  1 
ATOM   546  C  CD1 . LEU A 1 73  ? 1.515   22.596  -0.482  1.00 32.65  ? 71   LEU A CD1 1 
ATOM   547  C  CD2 . LEU A 1 73  ? 3.510   21.424  -1.425  1.00 39.64  ? 71   LEU A CD2 1 
ATOM   548  N  N   . ALA A 1 74  ? 0.008   19.909  -5.146  1.00 38.69  ? 72   ALA A N   1 
ATOM   549  C  CA  . ALA A 1 74  ? -0.817  18.867  -5.741  1.00 43.45  ? 72   ALA A CA  1 
ATOM   550  C  C   . ALA A 1 74  ? -0.016  18.083  -6.783  1.00 52.97  ? 72   ALA A C   1 
ATOM   551  O  O   . ALA A 1 74  ? -0.199  16.874  -6.948  1.00 49.33  ? 72   ALA A O   1 
ATOM   552  C  CB  . ALA A 1 74  ? -2.041  19.470  -6.383  1.00 43.62  ? 72   ALA A CB  1 
ATOM   553  N  N   . LYS A 1 75  ? 0.875   18.772  -7.488  1.00 57.99  ? 73   LYS A N   1 
ATOM   554  C  CA  . LYS A 1 75  ? 1.692   18.106  -8.500  1.00 60.10  ? 73   LYS A CA  1 
ATOM   555  C  C   . LYS A 1 75  ? 2.753   17.216  -7.839  1.00 56.91  ? 73   LYS A C   1 
ATOM   556  O  O   . LYS A 1 75  ? 2.979   16.082  -8.276  1.00 57.68  ? 73   LYS A O   1 
ATOM   557  C  CB  . LYS A 1 75  ? 2.345   19.142  -9.428  1.00 60.60  ? 73   LYS A CB  1 
ATOM   558  C  CG  . LYS A 1 75  ? 2.109   18.841  -10.894 1.00 65.00  ? 73   LYS A CG  1 
ATOM   559  C  CD  . LYS A 1 75  ? 2.453   20.013  -11.809 1.00 74.13  ? 73   LYS A CD  1 
ATOM   560  C  CE  . LYS A 1 75  ? 1.512   21.194  -11.619 1.00 74.24  ? 73   LYS A CE  1 
ATOM   561  N  NZ  . LYS A 1 75  ? 2.234   22.494  -11.608 1.00 79.91  ? 73   LYS A NZ  1 
ATOM   562  N  N   . LEU A 1 76  ? 3.394   17.721  -6.788  1.00 52.34  ? 74   LEU A N   1 
ATOM   563  C  CA  . LEU A 1 76  ? 4.398   16.937  -6.069  1.00 56.87  ? 74   LEU A CA  1 
ATOM   564  C  C   . LEU A 1 76  ? 3.785   15.685  -5.428  1.00 60.21  ? 74   LEU A C   1 
ATOM   565  O  O   . LEU A 1 76  ? 4.437   14.647  -5.334  1.00 63.88  ? 74   LEU A O   1 
ATOM   566  C  CB  . LEU A 1 76  ? 5.044   17.772  -4.966  1.00 59.37  ? 74   LEU A CB  1 
ATOM   567  C  CG  . LEU A 1 76  ? 6.247   18.662  -5.290  1.00 66.91  ? 74   LEU A CG  1 
ATOM   568  C  CD1 . LEU A 1 76  ? 5.897   19.629  -6.405  1.00 73.54  ? 74   LEU A CD1 1 
ATOM   569  C  CD2 . LEU A 1 76  ? 6.658   19.416  -4.031  1.00 61.45  ? 74   LEU A CD2 1 
ATOM   570  N  N   . ARG A 1 77  ? 2.541   15.784  -4.972  1.00 55.11  ? 75   ARG A N   1 
ATOM   571  C  CA  . ARG A 1 77  ? 1.890   14.644  -4.345  1.00 52.13  ? 75   ARG A CA  1 
ATOM   572  C  C   . ARG A 1 77  ? 1.602   13.557  -5.374  1.00 52.16  ? 75   ARG A C   1 
ATOM   573  O  O   . ARG A 1 77  ? 1.866   12.377  -5.141  1.00 50.50  ? 75   ARG A O   1 
ATOM   574  C  CB  . ARG A 1 77  ? 0.588   15.079  -3.658  1.00 46.00  ? 75   ARG A CB  1 
ATOM   575  C  CG  . ARG A 1 77  ? -0.166  13.931  -2.970  1.00 41.12  ? 75   ARG A CG  1 
ATOM   576  C  CD  . ARG A 1 77  ? -1.372  14.442  -2.203  1.00 35.50  ? 75   ARG A CD  1 
ATOM   577  N  NE  . ARG A 1 77  ? -2.354  15.034  -3.106  1.00 35.02  ? 75   ARG A NE  1 
ATOM   578  C  CZ  . ARG A 1 77  ? -3.387  15.779  -2.722  1.00 39.03  ? 75   ARG A CZ  1 
ATOM   579  N  NH1 . ARG A 1 77  ? -3.585  16.044  -1.427  1.00 35.40  ? 75   ARG A NH1 1 
ATOM   580  N  NH2 . ARG A 1 77  ? -4.234  16.254  -3.639  1.00 30.34  ? 75   ARG A NH2 1 
ATOM   581  N  N   . ALA A 1 78  ? 1.056   13.965  -6.512  1.00 53.36  ? 76   ALA A N   1 
ATOM   582  C  CA  . ALA A 1 78  ? 0.721   13.036  -7.580  1.00 58.84  ? 76   ALA A CA  1 
ATOM   583  C  C   . ALA A 1 78  ? 1.921   12.195  -8.010  1.00 61.43  ? 76   ALA A C   1 
ATOM   584  O  O   . ALA A 1 78  ? 1.765   11.101  -8.560  1.00 64.81  ? 76   ALA A O   1 
ATOM   585  C  CB  . ALA A 1 78  ? 0.171   13.801  -8.767  1.00 59.98  ? 76   ALA A CB  1 
ATOM   586  N  N   . SER A 1 79  ? 3.118   12.699  -7.750  1.00 59.50  ? 77   SER A N   1 
ATOM   587  C  CA  . SER A 1 79  ? 4.330   11.985  -8.125  1.00 65.42  ? 77   SER A CA  1 
ATOM   588  C  C   . SER A 1 79  ? 4.519   10.791  -7.213  1.00 63.57  ? 77   SER A C   1 
ATOM   589  O  O   . SER A 1 79  ? 4.861   9.692   -7.651  1.00 66.61  ? 77   SER A O   1 
ATOM   590  C  CB  . SER A 1 79  ? 5.547   12.899  -7.975  1.00 65.97  ? 77   SER A CB  1 
ATOM   591  O  OG  . SER A 1 79  ? 5.160   14.258  -7.983  1.00 79.90  ? 77   SER A OG  1 
ATOM   592  N  N   . VAL A 1 80  ? 4.285   11.041  -5.934  1.00 62.36  ? 78   VAL A N   1 
ATOM   593  C  CA  . VAL A 1 80  ? 4.451   10.053  -4.893  1.00 56.94  ? 78   VAL A CA  1 
ATOM   594  C  C   . VAL A 1 80  ? 3.350   9.017   -4.737  1.00 55.01  ? 78   VAL A C   1 
ATOM   595  O  O   . VAL A 1 80  ? 3.638   7.896   -4.340  1.00 57.37  ? 78   VAL A O   1 
ATOM   596  C  CB  . VAL A 1 80  ? 4.649   10.755  -3.555  1.00 58.79  ? 78   VAL A CB  1 
ATOM   597  C  CG1 . VAL A 1 80  ? 4.932   9.743   -2.463  1.00 61.36  ? 78   VAL A CG1 1 
ATOM   598  C  CG2 . VAL A 1 80  ? 5.782   11.755  -3.674  1.00 63.94  ? 78   VAL A CG2 1 
ATOM   599  N  N   . VAL A 1 81  ? 2.102   9.341   -5.062  1.00 52.41  ? 79   VAL A N   1 
ATOM   600  C  CA  . VAL A 1 81  ? 1.054   8.342   -4.853  1.00 50.89  ? 79   VAL A CA  1 
ATOM   601  C  C   . VAL A 1 81  ? 0.348   7.728   -6.059  1.00 53.71  ? 79   VAL A C   1 
ATOM   602  O  O   . VAL A 1 81  ? -0.688  7.072   -5.906  1.00 55.94  ? 79   VAL A O   1 
ATOM   603  C  CB  . VAL A 1 81  ? -0.020  8.883   -3.887  1.00 51.81  ? 79   VAL A CB  1 
ATOM   604  C  CG1 . VAL A 1 81  ? 0.632   9.332   -2.588  1.00 44.10  ? 79   VAL A CG1 1 
ATOM   605  C  CG2 . VAL A 1 81  ? -0.766  10.038  -4.530  1.00 49.64  ? 79   VAL A CG2 1 
ATOM   606  N  N   . ASN A 1 82  ? 0.905   7.900   -7.249  1.00 52.39  ? 80   ASN A N   1 
ATOM   607  C  CA  . ASN A 1 82  ? 0.291   7.334   -8.449  1.00 53.38  ? 80   ASN A CA  1 
ATOM   608  C  C   . ASN A 1 82  ? 0.388   5.799   -8.457  1.00 50.12  ? 80   ASN A C   1 
ATOM   609  O  O   . ASN A 1 82  ? 1.235   5.219   -7.769  1.00 46.48  ? 80   ASN A O   1 
ATOM   610  C  CB  . ASN A 1 82  ? 0.990   7.891   -9.680  1.00 58.76  ? 80   ASN A CB  1 
ATOM   611  C  CG  . ASN A 1 82  ? 2.406   7.402   -9.796  1.00 60.26  ? 80   ASN A CG  1 
ATOM   612  O  OD1 . ASN A 1 82  ? 2.654   6.314   -10.306 1.00 63.80  ? 80   ASN A OD1 1 
ATOM   613  N  ND2 . ASN A 1 82  ? 3.347   8.188   -9.293  1.00 67.23  ? 80   ASN A ND2 1 
ATOM   614  N  N   . THR A 1 83  ? -0.478  5.149   -9.235  1.00 50.42  ? 81   THR A N   1 
ATOM   615  C  CA  . THR A 1 83  ? -0.472  3.687   -9.329  1.00 52.22  ? 81   THR A CA  1 
ATOM   616  C  C   . THR A 1 83  ? 0.941   3.121   -9.498  1.00 60.74  ? 81   THR A C   1 
ATOM   617  O  O   . THR A 1 83  ? 1.342   2.222   -8.756  1.00 61.11  ? 81   THR A O   1 
ATOM   618  C  CB  . THR A 1 83  ? -1.335  3.196   -10.495 1.00 52.85  ? 81   THR A CB  1 
ATOM   619  O  OG1 . THR A 1 83  ? -2.670  3.695   -10.348 1.00 61.09  ? 81   THR A OG1 1 
ATOM   620  C  CG2 . THR A 1 83  ? -1.386  1.680   -10.514 1.00 57.85  ? 81   THR A CG2 1 
ATOM   621  N  N   . GLN A 1 84  ? 1.696   3.656   -10.462 1.00 64.84  ? 82   GLN A N   1 
ATOM   622  C  CA  . GLN A 1 84  ? 3.068   3.202   -10.718 1.00 66.24  ? 82   GLN A CA  1 
ATOM   623  C  C   . GLN A 1 84  ? 3.974   3.271   -9.502  1.00 61.77  ? 82   GLN A C   1 
ATOM   624  O  O   . GLN A 1 84  ? 4.681   2.317   -9.195  1.00 62.82  ? 82   GLN A O   1 
ATOM   625  C  CB  . GLN A 1 84  ? 3.727   4.019   -11.844 1.00 71.49  ? 82   GLN A CB  1 
ATOM   626  C  CG  . GLN A 1 84  ? 3.597   3.418   -13.244 1.00 79.99  ? 82   GLN A CG  1 
ATOM   627  C  CD  . GLN A 1 84  ? 4.055   1.960   -13.325 1.00 84.06  ? 82   GLN A CD  1 
ATOM   628  O  OE1 . GLN A 1 84  ? 5.199   1.628   -13.001 1.00 89.09  ? 82   GLN A OE1 1 
ATOM   629  N  NE2 . GLN A 1 84  ? 3.157   1.085   -13.767 1.00 82.69  ? 82   GLN A NE2 1 
ATOM   630  N  N   . ALA A 1 85  ? 3.966   4.408   -8.821  1.00 58.71  ? 83   ALA A N   1 
ATOM   631  C  CA  . ALA A 1 85  ? 4.812   4.591   -7.656  1.00 54.89  ? 83   ALA A CA  1 
ATOM   632  C  C   . ALA A 1 85  ? 4.449   3.638   -6.522  1.00 59.17  ? 83   ALA A C   1 
ATOM   633  O  O   . ALA A 1 85  ? 5.325   3.126   -5.824  1.00 62.66  ? 83   ALA A O   1 
ATOM   634  C  CB  . ALA A 1 85  ? 4.725   6.032   -7.184  1.00 54.07  ? 83   ALA A CB  1 
ATOM   635  N  N   . LEU A 1 86  ? 3.155   3.403   -6.332  1.00 56.81  ? 84   LEU A N   1 
ATOM   636  C  CA  . LEU A 1 86  ? 2.701   2.504   -5.277  1.00 55.25  ? 84   LEU A CA  1 
ATOM   637  C  C   . LEU A 1 86  ? 3.134   1.065   -5.549  1.00 55.21  ? 84   LEU A C   1 
ATOM   638  O  O   . LEU A 1 86  ? 3.661   0.379   -4.671  1.00 50.93  ? 84   LEU A O   1 
ATOM   639  C  CB  . LEU A 1 86  ? 1.176   2.549   -5.168  1.00 57.70  ? 84   LEU A CB  1 
ATOM   640  C  CG  . LEU A 1 86  ? 0.540   3.340   -4.022  1.00 56.90  ? 84   LEU A CG  1 
ATOM   641  C  CD1 . LEU A 1 86  ? 1.308   4.617   -3.772  1.00 61.63  ? 84   LEU A CD1 1 
ATOM   642  C  CD2 . LEU A 1 86  ? -0.915  3.636   -4.374  1.00 48.26  ? 84   LEU A CD2 1 
ATOM   643  N  N   . ALA A 1 87  ? 2.905   0.617   -6.776  1.00 55.35  ? 85   ALA A N   1 
ATOM   644  C  CA  . ALA A 1 87  ? 3.250   -0.740  -7.171  1.00 62.55  ? 85   ALA A CA  1 
ATOM   645  C  C   . ALA A 1 87  ? 4.734   -1.025  -6.938  1.00 64.93  ? 85   ALA A C   1 
ATOM   646  O  O   . ALA A 1 87  ? 5.097   -2.073  -6.396  1.00 64.14  ? 85   ALA A O   1 
ATOM   647  C  CB  . ALA A 1 87  ? 2.884   -0.961  -8.637  1.00 61.70  ? 85   ALA A CB  1 
ATOM   648  N  N   . ASP A 1 88  ? 5.591   -0.087  -7.327  1.00 66.27  ? 86   ASP A N   1 
ATOM   649  C  CA  . ASP A 1 88  ? 7.019   -0.273  -7.140  1.00 68.41  ? 86   ASP A CA  1 
ATOM   650  C  C   . ASP A 1 88  ? 7.380   -0.425  -5.668  1.00 69.19  ? 86   ASP A C   1 
ATOM   651  O  O   . ASP A 1 88  ? 8.333   -1.131  -5.332  1.00 75.30  ? 86   ASP A O   1 
ATOM   652  C  CB  . ASP A 1 88  ? 7.796   0.887   -7.765  1.00 74.90  ? 86   ASP A CB  1 
ATOM   653  C  CG  . ASP A 1 88  ? 7.636   0.945   -9.279  1.00 85.29  ? 86   ASP A CG  1 
ATOM   654  O  OD1 . ASP A 1 88  ? 8.306   1.782   -9.922  1.00 89.15  ? 86   ASP A OD1 1 
ATOM   655  O  OD2 . ASP A 1 88  ? 6.834   0.154   -9.828  1.00 85.59  ? 86   ASP A OD2 1 
ATOM   656  N  N   . VAL A 1 89  ? 6.632   0.232   -4.786  1.00 61.94  ? 87   VAL A N   1 
ATOM   657  C  CA  . VAL A 1 89  ? 6.913   0.117   -3.362  1.00 59.38  ? 87   VAL A CA  1 
ATOM   658  C  C   . VAL A 1 89  ? 6.529   -1.297  -2.911  1.00 62.23  ? 87   VAL A C   1 
ATOM   659  O  O   . VAL A 1 89  ? 7.177   -1.895  -2.051  1.00 58.15  ? 87   VAL A O   1 
ATOM   660  C  CB  . VAL A 1 89  ? 6.123   1.182   -2.547  1.00 59.39  ? 87   VAL A CB  1 
ATOM   661  C  CG1 . VAL A 1 89  ? 6.332   0.984   -1.058  1.00 45.23  ? 87   VAL A CG1 1 
ATOM   662  C  CG2 . VAL A 1 89  ? 6.588   2.568   -2.934  1.00 59.59  ? 87   VAL A CG2 1 
ATOM   663  N  N   . ALA A 1 90  ? 5.473   -1.833  -3.508  1.00 63.21  ? 88   ALA A N   1 
ATOM   664  C  CA  . ALA A 1 90  ? 5.022   -3.176  -3.172  1.00 63.62  ? 88   ALA A CA  1 
ATOM   665  C  C   . ALA A 1 90  ? 6.015   -4.209  -3.702  1.00 64.87  ? 88   ALA A C   1 
ATOM   666  O  O   . ALA A 1 90  ? 6.344   -5.171  -3.011  1.00 65.60  ? 88   ALA A O   1 
ATOM   667  C  CB  . ALA A 1 90  ? 3.643   -3.430  -3.761  1.00 58.09  ? 88   ALA A CB  1 
ATOM   668  N  N   . ARG A 1 91  ? 6.486   -4.011  -4.929  1.00 65.34  ? 89   ARG A N   1 
ATOM   669  C  CA  . ARG A 1 91  ? 7.433   -4.935  -5.536  1.00 67.38  ? 89   ARG A CA  1 
ATOM   670  C  C   . ARG A 1 91  ? 8.733   -5.061  -4.747  1.00 71.05  ? 89   ARG A C   1 
ATOM   671  O  O   . ARG A 1 91  ? 9.338   -6.132  -4.709  1.00 71.38  ? 89   ARG A O   1 
ATOM   672  C  CB  . ARG A 1 91  ? 7.765   -4.501  -6.966  1.00 65.47  ? 89   ARG A CB  1 
ATOM   673  C  CG  . ARG A 1 91  ? 6.600   -4.595  -7.947  1.00 69.07  ? 89   ARG A CG  1 
ATOM   674  C  CD  . ARG A 1 91  ? 7.052   -4.264  -9.358  1.00 62.58  ? 89   ARG A CD  1 
ATOM   675  N  NE  . ARG A 1 91  ? 6.100   -3.418  -10.076 1.00 71.74  ? 89   ARG A NE  1 
ATOM   676  C  CZ  . ARG A 1 91  ? 4.998   -3.854  -10.682 1.00 71.13  ? 89   ARG A CZ  1 
ATOM   677  N  NH1 . ARG A 1 91  ? 4.699   -5.142  -10.664 1.00 74.24  ? 89   ARG A NH1 1 
ATOM   678  N  NH2 . ARG A 1 91  ? 4.198   -2.998  -11.308 1.00 67.70  ? 89   ARG A NH2 1 
ATOM   679  N  N   . ARG A 1 92  ? 9.167   -3.975  -4.116  1.00 71.40  ? 90   ARG A N   1 
ATOM   680  C  CA  . ARG A 1 92  ? 10.411  -4.013  -3.364  1.00 70.17  ? 90   ARG A CA  1 
ATOM   681  C  C   . ARG A 1 92  ? 10.216  -3.951  -1.865  1.00 69.28  ? 90   ARG A C   1 
ATOM   682  O  O   . ARG A 1 92  ? 11.183  -3.871  -1.114  1.00 69.43  ? 90   ARG A O   1 
ATOM   683  C  CB  . ARG A 1 92  ? 11.318  -2.874  -3.818  1.00 76.18  ? 90   ARG A CB  1 
ATOM   684  C  CG  . ARG A 1 92  ? 11.729  -2.994  -5.276  1.00 88.74  ? 90   ARG A CG  1 
ATOM   685  C  CD  . ARG A 1 92  ? 11.128  -1.899  -6.154  1.00 95.99  ? 90   ARG A CD  1 
ATOM   686  N  NE  . ARG A 1 92  ? 11.750  -0.598  -5.916  1.00 102.84 ? 90   ARG A NE  1 
ATOM   687  C  CZ  . ARG A 1 92  ? 11.557  0.474   -6.679  1.00 106.77 ? 90   ARG A CZ  1 
ATOM   688  N  NH1 . ARG A 1 92  ? 10.756  0.405   -7.737  1.00 106.85 ? 90   ARG A NH1 1 
ATOM   689  N  NH2 . ARG A 1 92  ? 12.165  1.618   -6.385  1.00 105.59 ? 90   ARG A NH2 1 
ATOM   690  N  N   . LEU A 1 93  ? 8.964   -3.989  -1.429  1.00 72.37  ? 91   LEU A N   1 
ATOM   691  C  CA  . LEU A 1 93  ? 8.655   -3.938  -0.006  1.00 72.82  ? 91   LEU A CA  1 
ATOM   692  C  C   . LEU A 1 93  ? 9.468   -4.991  0.733   1.00 75.37  ? 91   LEU A C   1 
ATOM   693  O  O   . LEU A 1 93  ? 9.989   -4.748  1.818   1.00 77.83  ? 91   LEU A O   1 
ATOM   694  C  CB  . LEU A 1 93  ? 7.159   -4.176  0.214   1.00 65.86  ? 91   LEU A CB  1 
ATOM   695  C  CG  . LEU A 1 93  ? 6.680   -4.246  1.661   1.00 60.66  ? 91   LEU A CG  1 
ATOM   696  C  CD1 . LEU A 1 93  ? 7.046   -2.974  2.401   1.00 60.37  ? 91   LEU A CD1 1 
ATOM   697  C  CD2 . LEU A 1 93  ? 5.187   -4.466  1.677   1.00 54.55  ? 91   LEU A CD2 1 
ATOM   698  N  N   . CYS A 1 94  ? 9.569   -6.170  0.137   1.00 78.90  ? 92   CYS A N   1 
ATOM   699  C  CA  . CYS A 1 94  ? 10.328  -7.258  0.735   1.00 78.54  ? 92   CYS A CA  1 
ATOM   700  C  C   . CYS A 1 94  ? 10.920  -8.115  -0.379  1.00 77.84  ? 92   CYS A C   1 
ATOM   701  O  O   . CYS A 1 94  ? 10.511  -8.008  -1.539  1.00 74.75  ? 92   CYS A O   1 
ATOM   702  C  CB  . CYS A 1 94  ? 9.431   -8.094  1.662   1.00 75.76  ? 92   CYS A CB  1 
ATOM   703  S  SG  . CYS A 1 94  ? 7.933   -8.770  0.899   1.00 78.02  ? 92   CYS A SG  1 
ATOM   704  N  N   . ALA A 1 95  ? 11.893  -8.948  -0.020  1.00 77.30  ? 93   ALA A N   1 
ATOM   705  C  CA  . ALA A 1 95  ? 12.568  -9.818  -0.975  1.00 76.43  ? 93   ALA A CA  1 
ATOM   706  C  C   . ALA A 1 95  ? 11.649  -10.360 -2.066  1.00 76.05  ? 93   ALA A C   1 
ATOM   707  O  O   . ALA A 1 95  ? 11.803  -10.036 -3.245  1.00 73.51  ? 93   ALA A O   1 
ATOM   708  C  CB  . ALA A 1 95  ? 13.227  -10.970 -0.237  1.00 75.61  ? 93   ALA A CB  1 
ATOM   709  N  N   . GLU A 1 96  ? 10.695  -11.189 -1.663  1.00 74.66  ? 94   GLU A N   1 
ATOM   710  C  CA  . GLU A 1 96  ? 9.759   -11.790 -2.600  1.00 80.14  ? 94   GLU A CA  1 
ATOM   711  C  C   . GLU A 1 96  ? 8.918   -10.736 -3.308  1.00 80.48  ? 94   GLU A C   1 
ATOM   712  O  O   . GLU A 1 96  ? 8.507   -10.921 -4.456  1.00 83.31  ? 94   GLU A O   1 
ATOM   713  C  CB  . GLU A 1 96  ? 8.819   -12.757 -1.869  1.00 83.35  ? 94   GLU A CB  1 
ATOM   714  C  CG  . GLU A 1 96  ? 9.357   -13.337 -0.564  1.00 88.42  ? 94   GLU A CG  1 
ATOM   715  C  CD  . GLU A 1 96  ? 9.328   -12.339 0.585   1.00 86.86  ? 94   GLU A CD  1 
ATOM   716  O  OE1 . GLU A 1 96  ? 10.188  -11.434 0.622   1.00 81.02  ? 94   GLU A OE1 1 
ATOM   717  O  OE2 . GLU A 1 96  ? 8.434   -12.464 1.450   1.00 87.41  ? 94   GLU A OE2 1 
ATOM   718  N  N   . GLY A 1 97  ? 8.672   -9.630  -2.617  1.00 77.95  ? 95   GLY A N   1 
ATOM   719  C  CA  . GLY A 1 97  ? 7.842   -8.583  -3.170  1.00 74.53  ? 95   GLY A CA  1 
ATOM   720  C  C   . GLY A 1 97  ? 6.449   -8.818  -2.612  1.00 75.82  ? 95   GLY A C   1 
ATOM   721  O  O   . GLY A 1 97  ? 6.191   -9.862  -2.001  1.00 75.65  ? 95   GLY A O   1 
ATOM   722  N  N   . LEU A 1 98  ? 5.539   -7.873  -2.803  1.00 70.58  ? 96   LEU A N   1 
ATOM   723  C  CA  . LEU A 1 98  ? 4.198   -8.061  -2.275  1.00 62.14  ? 96   LEU A CA  1 
ATOM   724  C  C   . LEU A 1 98  ? 3.384   -9.017  -3.137  1.00 62.48  ? 96   LEU A C   1 
ATOM   725  O  O   . LEU A 1 98  ? 2.626   -9.833  -2.614  1.00 61.36  ? 96   LEU A O   1 
ATOM   726  C  CB  . LEU A 1 98  ? 3.471   -6.719  -2.174  1.00 58.96  ? 96   LEU A CB  1 
ATOM   727  C  CG  . LEU A 1 98  ? 2.046   -6.788  -1.621  1.00 48.73  ? 96   LEU A CG  1 
ATOM   728  C  CD1 . LEU A 1 98  ? 2.055   -7.319  -0.184  1.00 40.48  ? 96   LEU A CD1 1 
ATOM   729  C  CD2 . LEU A 1 98  ? 1.432   -5.400  -1.682  1.00 54.59  ? 96   LEU A CD2 1 
ATOM   730  N  N   . GLY A 1 99  ? 3.548   -8.916  -4.452  1.00 59.45  ? 97   GLY A N   1 
ATOM   731  C  CA  . GLY A 1 99  ? 2.798   -9.758  -5.370  1.00 58.31  ? 97   GLY A CA  1 
ATOM   732  C  C   . GLY A 1 99  ? 2.680   -11.208 -4.943  1.00 58.48  ? 97   GLY A C   1 
ATOM   733  O  O   . GLY A 1 99  ? 1.635   -11.844 -5.089  1.00 59.01  ? 97   GLY A O   1 
ATOM   734  N  N   . VAL A 1 100 ? 3.764   -11.727 -4.393  1.00 58.53  ? 98   VAL A N   1 
ATOM   735  C  CA  . VAL A 1 100 ? 3.805   -13.101 -3.952  1.00 58.38  ? 98   VAL A CA  1 
ATOM   736  C  C   . VAL A 1 100 ? 2.794   -13.446 -2.860  1.00 58.43  ? 98   VAL A C   1 
ATOM   737  O  O   . VAL A 1 100 ? 2.270   -14.561 -2.821  1.00 59.72  ? 98   VAL A O   1 
ATOM   738  C  CB  . VAL A 1 100 ? 5.228   -13.428 -3.476  1.00 59.02  ? 98   VAL A CB  1 
ATOM   739  C  CG1 . VAL A 1 100 ? 5.205   -14.003 -2.058  1.00 58.63  ? 98   VAL A CG1 1 
ATOM   740  C  CG2 . VAL A 1 100 ? 5.874   -14.373 -4.454  1.00 51.34  ? 98   VAL A CG2 1 
ATOM   741  N  N   . HIS A 1 101 ? 2.504   -12.489 -1.988  1.00 52.44  ? 99   HIS A N   1 
ATOM   742  C  CA  . HIS A 1 101 ? 1.591   -12.729 -0.881  1.00 49.45  ? 99   HIS A CA  1 
ATOM   743  C  C   . HIS A 1 101 ? 0.127   -12.436 -1.130  1.00 47.68  ? 99   HIS A C   1 
ATOM   744  O  O   . HIS A 1 101 ? -0.724  -12.775 -0.296  1.00 46.60  ? 99   HIS A O   1 
ATOM   745  C  CB  . HIS A 1 101 ? 2.044   -11.925 0.322   1.00 49.98  ? 99   HIS A CB  1 
ATOM   746  C  CG  . HIS A 1 101 ? 3.453   -12.204 0.734   1.00 53.61  ? 99   HIS A CG  1 
ATOM   747  N  ND1 . HIS A 1 101 ? 3.780   -13.150 1.681   1.00 56.36  ? 99   HIS A ND1 1 
ATOM   748  C  CD2 . HIS A 1 101 ? 4.621   -11.649 0.333   1.00 54.18  ? 99   HIS A CD2 1 
ATOM   749  C  CE1 . HIS A 1 101 ? 5.091   -13.164 1.849   1.00 59.88  ? 99   HIS A CE1 1 
ATOM   750  N  NE2 . HIS A 1 101 ? 5.624   -12.264 1.042   1.00 60.71  ? 99   HIS A NE2 1 
ATOM   751  N  N   . VAL A 1 102 ? -0.180  -11.814 -2.263  1.00 44.32  ? 100  VAL A N   1 
ATOM   752  C  CA  . VAL A 1 102 ? -1.570  -11.487 -2.574  1.00 45.02  ? 100  VAL A CA  1 
ATOM   753  C  C   . VAL A 1 102 ? -2.361  -12.745 -2.924  1.00 46.82  ? 100  VAL A C   1 
ATOM   754  O  O   . VAL A 1 102 ? -1.890  -13.591 -3.681  1.00 47.43  ? 100  VAL A O   1 
ATOM   755  C  CB  . VAL A 1 102 ? -1.676  -10.491 -3.780  1.00 44.50  ? 100  VAL A CB  1 
ATOM   756  C  CG1 . VAL A 1 102 ? -3.130  -10.213 -4.101  1.00 45.37  ? 100  VAL A CG1 1 
ATOM   757  C  CG2 . VAL A 1 102 ? -0.971  -9.198  -3.458  1.00 46.17  ? 100  VAL A CG2 1 
ATOM   758  N  N   . LEU A 1 103 ? -3.561  -12.858 -2.371  1.00 43.50  ? 101  LEU A N   1 
ATOM   759  C  CA  . LEU A 1 103 ? -4.426  -13.988 -2.661  1.00 47.96  ? 101  LEU A CA  1 
ATOM   760  C  C   . LEU A 1 103 ? -5.223  -13.639 -3.922  1.00 54.16  ? 101  LEU A C   1 
ATOM   761  O  O   . LEU A 1 103 ? -6.009  -12.688 -3.920  1.00 48.99  ? 101  LEU A O   1 
ATOM   762  C  CB  . LEU A 1 103 ? -5.371  -14.232 -1.489  1.00 41.76  ? 101  LEU A CB  1 
ATOM   763  C  CG  . LEU A 1 103 ? -4.682  -14.565 -0.165  1.00 45.75  ? 101  LEU A CG  1 
ATOM   764  C  CD1 . LEU A 1 103 ? -5.721  -14.700 0.929   1.00 38.54  ? 101  LEU A CD1 1 
ATOM   765  C  CD2 . LEU A 1 103 ? -3.871  -15.854 -0.311  1.00 40.93  ? 101  LEU A CD2 1 
ATOM   766  N  N   . LEU A 1 104 ? -5.013  -14.412 -4.990  1.00 58.63  ? 102  LEU A N   1 
ATOM   767  C  CA  . LEU A 1 104 ? -5.686  -14.179 -6.272  1.00 57.54  ? 102  LEU A CA  1 
ATOM   768  C  C   . LEU A 1 104 ? -6.461  -15.401 -6.787  1.00 61.50  ? 102  LEU A C   1 
ATOM   769  O  O   . LEU A 1 104 ? -6.139  -16.543 -6.447  1.00 56.89  ? 102  LEU A O   1 
ATOM   770  C  CB  . LEU A 1 104 ? -4.658  -13.766 -7.323  1.00 57.30  ? 102  LEU A CB  1 
ATOM   771  C  CG  . LEU A 1 104 ? -3.807  -12.517 -7.066  1.00 62.67  ? 102  LEU A CG  1 
ATOM   772  C  CD1 . LEU A 1 104 ? -2.697  -12.423 -8.114  1.00 59.03  ? 102  LEU A CD1 1 
ATOM   773  C  CD2 . LEU A 1 104 ? -4.679  -11.278 -7.105  1.00 59.62  ? 102  LEU A CD2 1 
ATOM   774  N  N   . GLY A 1 105 ? -7.479  -15.142 -7.612  1.00 61.82  ? 103  GLY A N   1 
ATOM   775  C  CA  . GLY A 1 105 ? -8.292  -16.207 -8.190  1.00 64.85  ? 103  GLY A CA  1 
ATOM   776  C  C   . GLY A 1 105 ? -7.537  -16.932 -9.288  1.00 64.02  ? 103  GLY A C   1 
ATOM   777  O  O   . GLY A 1 105 ? -6.549  -16.389 -9.781  1.00 63.77  ? 103  GLY A O   1 
ATOM   778  N  N   . ARG A 1 106 ? -7.988  -18.132 -9.677  1.00 68.20  ? 104  ARG A N   1 
ATOM   779  C  CA  . ARG A 1 106 ? -7.305  -18.915 -10.731 1.00 66.36  ? 104  ARG A CA  1 
ATOM   780  C  C   . ARG A 1 106 ? -7.054  -18.041 -11.941 1.00 59.42  ? 104  ARG A C   1 
ATOM   781  O  O   . ARG A 1 106 ? -5.914  -17.856 -12.370 1.00 56.94  ? 104  ARG A O   1 
ATOM   782  C  CB  . ARG A 1 106 ? -8.133  -20.127 -11.203 1.00 72.74  ? 104  ARG A CB  1 
ATOM   783  C  CG  . ARG A 1 106 ? -8.736  -21.016 -10.127 1.00 73.38  ? 104  ARG A CG  1 
ATOM   784  C  CD  . ARG A 1 106 ? -7.845  -21.180 -8.900  1.00 77.94  ? 104  ARG A CD  1 
ATOM   785  N  NE  . ARG A 1 106 ? -6.542  -21.787 -9.157  1.00 86.83  ? 104  ARG A NE  1 
ATOM   786  C  CZ  . ARG A 1 106 ? -5.983  -22.694 -8.359  1.00 91.18  ? 104  ARG A CZ  1 
ATOM   787  N  NH1 . ARG A 1 106 ? -6.627  -23.091 -7.272  1.00 92.96  ? 104  ARG A NH1 1 
ATOM   788  N  NH2 . ARG A 1 106 ? -4.782  -23.191 -8.630  1.00 94.03  ? 104  ARG A NH2 1 
ATOM   789  N  N   . GLY A 1 107 ? -8.143  -17.510 -12.480 1.00 57.83  ? 105  GLY A N   1 
ATOM   790  C  CA  . GLY A 1 107 ? -8.052  -16.648 -13.640 1.00 61.54  ? 105  GLY A CA  1 
ATOM   791  C  C   . GLY A 1 107 ? -6.980  -15.594 -13.454 1.00 62.86  ? 105  GLY A C   1 
ATOM   792  O  O   . GLY A 1 107 ? -5.894  -15.685 -14.022 1.00 62.51  ? 105  GLY A O   1 
ATOM   793  N  N   . GLU A 1 108 ? -7.294  -14.599 -12.638 1.00 64.14  ? 106  GLU A N   1 
ATOM   794  C  CA  . GLU A 1 108 ? -6.385  -13.498 -12.350 1.00 64.99  ? 106  GLU A CA  1 
ATOM   795  C  C   . GLU A 1 108 ? -4.956  -13.995 -12.120 1.00 63.95  ? 106  GLU A C   1 
ATOM   796  O  O   . GLU A 1 108 ? -3.990  -13.380 -12.566 1.00 63.79  ? 106  GLU A O   1 
ATOM   797  C  CB  . GLU A 1 108 ? -6.892  -12.751 -11.108 1.00 66.13  ? 106  GLU A CB  1 
ATOM   798  C  CG  . GLU A 1 108 ? -6.268  -11.395 -10.883 1.00 63.91  ? 106  GLU A CG  1 
ATOM   799  C  CD  . GLU A 1 108 ? -6.680  -10.386 -11.936 1.00 64.41  ? 106  GLU A CD  1 
ATOM   800  O  OE1 . GLU A 1 108 ? -7.903  -10.192 -12.123 1.00 55.82  ? 106  GLU A OE1 1 
ATOM   801  O  OE2 . GLU A 1 108 ? -5.782  -9.787  -12.571 1.00 68.05  ? 106  GLU A OE2 1 
ATOM   802  N  N   . ALA A 1 109 ? -4.833  -15.119 -11.426 1.00 70.76  ? 107  ALA A N   1 
ATOM   803  C  CA  . ALA A 1 109 ? -3.529  -15.693 -11.112 1.00 79.11  ? 107  ALA A CA  1 
ATOM   804  C  C   . ALA A 1 109 ? -2.598  -15.921 -12.308 1.00 83.21  ? 107  ALA A C   1 
ATOM   805  O  O   . ALA A 1 109 ? -1.513  -15.341 -12.376 1.00 85.03  ? 107  ALA A O   1 
ATOM   806  C  CB  . ALA A 1 109 ? -3.717  -17.006 -10.344 1.00 76.55  ? 107  ALA A CB  1 
ATOM   807  N  N   . ASN A 1 110 ? -3.014  -16.764 -13.248 1.00 87.56  ? 108  ASN A N   1 
ATOM   808  C  CA  . ASN A 1 110 ? -2.178  -17.078 -14.412 1.00 89.81  ? 108  ASN A CA  1 
ATOM   809  C  C   . ASN A 1 110 ? -2.160  -16.031 -15.523 1.00 87.70  ? 108  ASN A C   1 
ATOM   810  O  O   . ASN A 1 110 ? -1.521  -16.238 -16.553 1.00 88.81  ? 108  ASN A O   1 
ATOM   811  C  CB  . ASN A 1 110 ? -2.598  -18.424 -14.995 1.00 93.52  ? 108  ASN A CB  1 
ATOM   812  C  CG  . ASN A 1 110 ? -4.065  -18.458 -15.352 1.00 99.76  ? 108  ASN A CG  1 
ATOM   813  O  OD1 . ASN A 1 110 ? -4.621  -19.511 -15.652 1.00 103.06 ? 108  ASN A OD1 1 
ATOM   814  N  ND2 . ASN A 1 110 ? -4.703  -17.294 -15.325 1.00 102.06 ? 108  ASN A ND2 1 
ATOM   815  N  N   . THR A 1 111 ? -2.863  -14.920 -15.324 1.00 83.52  ? 109  THR A N   1 
ATOM   816  C  CA  . THR A 1 111 ? -2.890  -13.851 -16.313 1.00 78.32  ? 109  THR A CA  1 
ATOM   817  C  C   . THR A 1 111 ? -1.887  -12.773 -15.924 1.00 74.47  ? 109  THR A C   1 
ATOM   818  O  O   . THR A 1 111 ? -1.921  -11.659 -16.444 1.00 73.38  ? 109  THR A O   1 
ATOM   819  C  CB  . THR A 1 111 ? -4.280  -13.213 -16.404 1.00 80.51  ? 109  THR A CB  1 
ATOM   820  O  OG1 . THR A 1 111 ? -5.083  -13.673 -15.314 1.00 78.80  ? 109  THR A OG1 1 
ATOM   821  C  CG2 . THR A 1 111 ? -4.951  -13.567 -17.719 1.00 84.39  ? 109  THR A CG2 1 
ATOM   822  N  N   . GLY A 1 112 ? -0.995  -13.116 -15.002 1.00 71.26  ? 110  GLY A N   1 
ATOM   823  C  CA  . GLY A 1 112 ? 0.002   -12.166 -14.549 1.00 68.38  ? 110  GLY A CA  1 
ATOM   824  C  C   . GLY A 1 112 ? -0.444  -11.398 -13.312 1.00 68.31  ? 110  GLY A C   1 
ATOM   825  O  O   . GLY A 1 112 ? 0.321   -10.609 -12.761 1.00 65.91  ? 110  GLY A O   1 
ATOM   826  N  N   . GLY A 1 113 ? -1.679  -11.638 -12.876 1.00 65.72  ? 111  GLY A N   1 
ATOM   827  C  CA  . GLY A 1 113 ? -2.221  -10.961 -11.707 1.00 66.46  ? 111  GLY A CA  1 
ATOM   828  C  C   . GLY A 1 113 ? -1.233  -10.524 -10.634 1.00 67.91  ? 111  GLY A C   1 
ATOM   829  O  O   . GLY A 1 113 ? -1.251  -9.365  -10.213 1.00 68.48  ? 111  GLY A O   1 
ATOM   830  N  N   . ALA A 1 114 ? -0.372  -11.445 -10.198 1.00 65.31  ? 112  ALA A N   1 
ATOM   831  C  CA  . ALA A 1 114 ? 0.628   -11.189 -9.159  1.00 63.27  ? 112  ALA A CA  1 
ATOM   832  C  C   . ALA A 1 114 ? 1.650   -10.116 -9.493  1.00 61.09  ? 112  ALA A C   1 
ATOM   833  O  O   . ALA A 1 114 ? 2.513   -9.806  -8.669  1.00 60.96  ? 112  ALA A O   1 
ATOM   834  C  CB  . ALA A 1 114 ? 1.352   -12.483 -8.807  1.00 63.42  ? 112  ALA A CB  1 
ATOM   835  N  N   . ASP A 1 115 ? 1.573   -9.559  -10.696 1.00 61.67  ? 113  ASP A N   1 
ATOM   836  C  CA  . ASP A 1 115 ? 2.508   -8.514  -11.093 1.00 63.41  ? 113  ASP A CA  1 
ATOM   837  C  C   . ASP A 1 115 ? 1.773   -7.290  -11.623 1.00 62.13  ? 113  ASP A C   1 
ATOM   838  O  O   . ASP A 1 115 ? 2.392   -6.271  -11.928 1.00 57.37  ? 113  ASP A O   1 
ATOM   839  C  CB  . ASP A 1 115 ? 3.477   -9.003  -12.168 1.00 67.94  ? 113  ASP A CB  1 
ATOM   840  C  CG  . ASP A 1 115 ? 4.665   -8.066  -12.336 1.00 74.97  ? 113  ASP A CG  1 
ATOM   841  O  OD1 . ASP A 1 115 ? 5.233   -7.988  -13.451 1.00 71.51  ? 113  ASP A OD1 1 
ATOM   842  O  OD2 . ASP A 1 115 ? 5.035   -7.413  -11.334 1.00 76.71  ? 113  ASP A OD2 1 
ATOM   843  N  N   . LYS A 1 116 ? 0.456   -7.399  -11.747 1.00 61.33  ? 114  LYS A N   1 
ATOM   844  C  CA  . LYS A 1 116 ? -0.349  -6.283  -12.215 1.00 64.50  ? 114  LYS A CA  1 
ATOM   845  C  C   . LYS A 1 116 ? -0.182  -5.103  -11.239 1.00 68.64  ? 114  LYS A C   1 
ATOM   846  O  O   . LYS A 1 116 ? -0.672  -5.138  -10.107 1.00 69.77  ? 114  LYS A O   1 
ATOM   847  C  CB  . LYS A 1 116 ? -1.815  -6.704  -12.284 1.00 69.26  ? 114  LYS A CB  1 
ATOM   848  C  CG  . LYS A 1 116 ? -2.500  -6.362  -13.581 1.00 74.86  ? 114  LYS A CG  1 
ATOM   849  C  CD  . LYS A 1 116 ? -3.898  -5.835  -13.318 1.00 85.98  ? 114  LYS A CD  1 
ATOM   850  C  CE  . LYS A 1 116 ? -4.628  -5.526  -14.614 1.00 89.53  ? 114  LYS A CE  1 
ATOM   851  N  NZ  . LYS A 1 116 ? -5.187  -4.144  -14.610 1.00 89.34  ? 114  LYS A NZ  1 
ATOM   852  N  N   . SER A 1 117 ? 0.533   -4.070  -11.684 1.00 68.23  ? 115  SER A N   1 
ATOM   853  C  CA  . SER A 1 117 ? 0.785   -2.875  -10.882 1.00 65.87  ? 115  SER A CA  1 
ATOM   854  C  C   . SER A 1 117 ? -0.497  -2.423  -10.189 1.00 63.75  ? 115  SER A C   1 
ATOM   855  O  O   . SER A 1 117 ? -0.491  -2.019  -9.023  1.00 63.72  ? 115  SER A O   1 
ATOM   856  C  CB  . SER A 1 117 ? 1.290   -1.762  -11.783 1.00 62.59  ? 115  SER A CB  1 
ATOM   857  O  OG  . SER A 1 117 ? 0.300   -1.452  -12.745 1.00 80.12  ? 115  SER A OG  1 
ATOM   858  N  N   . SER A 1 118 ? -1.592  -2.495  -10.935 1.00 59.66  ? 116  SER A N   1 
ATOM   859  C  CA  . SER A 1 118 ? -2.910  -2.124  -10.449 1.00 57.40  ? 116  SER A CA  1 
ATOM   860  C  C   . SER A 1 118 ? -3.228  -2.859  -9.146  1.00 58.04  ? 116  SER A C   1 
ATOM   861  O  O   . SER A 1 118 ? -3.636  -2.259  -8.142  1.00 49.05  ? 116  SER A O   1 
ATOM   862  C  CB  . SER A 1 118 ? -3.950  -2.475  -11.518 1.00 57.50  ? 116  SER A CB  1 
ATOM   863  O  OG  . SER A 1 118 ? -5.264  -2.523  -10.988 1.00 64.76  ? 116  SER A OG  1 
ATOM   864  N  N   . ILE A 1 119 ? -3.042  -4.169  -9.182  1.00 53.78  ? 117  ILE A N   1 
ATOM   865  C  CA  . ILE A 1 119 ? -3.305  -4.987  -8.030  1.00 48.89  ? 117  ILE A CA  1 
ATOM   866  C  C   . ILE A 1 119 ? -2.288  -4.700  -6.935  1.00 47.36  ? 117  ILE A C   1 
ATOM   867  O  O   . ILE A 1 119 ? -2.650  -4.615  -5.768  1.00 45.58  ? 117  ILE A O   1 
ATOM   868  C  CB  . ILE A 1 119 ? -3.291  -6.486  -8.411  1.00 51.64  ? 117  ILE A CB  1 
ATOM   869  C  CG1 . ILE A 1 119 ? -4.499  -6.800  -9.301  1.00 51.81  ? 117  ILE A CG1 1 
ATOM   870  C  CG2 . ILE A 1 119 ? -3.340  -7.352  -7.161  1.00 46.06  ? 117  ILE A CG2 1 
ATOM   871  C  CD1 . ILE A 1 119 ? -4.607  -8.254  -9.725  1.00 48.26  ? 117  ILE A CD1 1 
ATOM   872  N  N   . LEU A 1 120 ? -1.024  -4.527  -7.309  1.00 44.46  ? 118  LEU A N   1 
ATOM   873  C  CA  . LEU A 1 120 ? 0.017   -4.242  -6.325  1.00 38.12  ? 118  LEU A CA  1 
ATOM   874  C  C   . LEU A 1 120 ? -0.214  -2.905  -5.609  1.00 44.21  ? 118  LEU A C   1 
ATOM   875  O  O   . LEU A 1 120 ? 0.012   -2.776  -4.400  1.00 40.77  ? 118  LEU A O   1 
ATOM   876  C  CB  . LEU A 1 120 ? 1.390   -4.221  -6.994  1.00 44.33  ? 118  LEU A CB  1 
ATOM   877  C  CG  . LEU A 1 120 ? 2.051   -5.546  -7.404  1.00 52.78  ? 118  LEU A CG  1 
ATOM   878  C  CD1 . LEU A 1 120 ? 3.390   -5.250  -8.066  1.00 48.72  ? 118  LEU A CD1 1 
ATOM   879  C  CD2 . LEU A 1 120 ? 2.272   -6.434  -6.179  1.00 42.76  ? 118  LEU A CD2 1 
ATOM   880  N  N   . ALA A 1 121 ? -0.659  -1.903  -6.357  1.00 41.51  ? 119  ALA A N   1 
ATOM   881  C  CA  . ALA A 1 121 ? -0.913  -0.592  -5.769  1.00 46.07  ? 119  ALA A CA  1 
ATOM   882  C  C   . ALA A 1 121 ? -2.068  -0.703  -4.757  1.00 40.79  ? 119  ALA A C   1 
ATOM   883  O  O   . ALA A 1 121 ? -1.970  -0.227  -3.622  1.00 42.23  ? 119  ALA A O   1 
ATOM   884  C  CB  . ALA A 1 121 ? -1.260  0.424   -6.875  1.00 38.34  ? 119  ALA A CB  1 
ATOM   885  N  N   . ASP A 1 122 ? -3.160  -1.335  -5.174  1.00 42.22  ? 120  ASP A N   1 
ATOM   886  C  CA  . ASP A 1 122 ? -4.304  -1.500  -4.303  1.00 40.45  ? 120  ASP A CA  1 
ATOM   887  C  C   . ASP A 1 122 ? -3.894  -2.242  -3.030  1.00 43.24  ? 120  ASP A C   1 
ATOM   888  O  O   . ASP A 1 122 ? -4.302  -1.865  -1.917  1.00 36.59  ? 120  ASP A O   1 
ATOM   889  C  CB  . ASP A 1 122 ? -5.425  -2.254  -5.031  1.00 44.22  ? 120  ASP A CB  1 
ATOM   890  C  CG  . ASP A 1 122 ? -6.104  -1.397  -6.092  1.00 52.60  ? 120  ASP A CG  1 
ATOM   891  O  OD1 . ASP A 1 122 ? -5.918  -0.167  -6.072  1.00 58.60  ? 120  ASP A OD1 1 
ATOM   892  O  OD2 . ASP A 1 122 ? -6.832  -1.940  -6.939  1.00 57.09  ? 120  ASP A OD2 1 
ATOM   893  N  N   . GLY A 1 123 ? -3.100  -3.298  -3.215  1.00 39.41  ? 121  GLY A N   1 
ATOM   894  C  CA  . GLY A 1 123 ? -2.632  -4.118  -2.109  1.00 34.16  ? 121  GLY A CA  1 
ATOM   895  C  C   . GLY A 1 123 ? -1.821  -3.302  -1.121  1.00 33.86  ? 121  GLY A C   1 
ATOM   896  O  O   . GLY A 1 123 ? -2.025  -3.383  0.089   1.00 34.66  ? 121  GLY A O   1 
ATOM   897  N  N   . MET A 1 124 ? -0.899  -2.502  -1.636  1.00 32.17  ? 122  MET A N   1 
ATOM   898  C  CA  . MET A 1 124 ? -0.073  -1.651  -0.799  1.00 32.27  ? 122  MET A CA  1 
ATOM   899  C  C   . MET A 1 124 ? -0.970  -0.754  0.038   1.00 35.93  ? 122  MET A C   1 
ATOM   900  O  O   . MET A 1 124 ? -0.770  -0.609  1.251   1.00 41.39  ? 122  MET A O   1 
ATOM   901  C  CB  . MET A 1 124 ? 0.850   -0.803  -1.671  1.00 37.04  ? 122  MET A CB  1 
ATOM   902  C  CG  . MET A 1 124 ? 2.009   -0.183  -0.918  1.00 46.19  ? 122  MET A CG  1 
ATOM   903  S  SD  . MET A 1 124 ? 3.051   -1.411  -0.099  1.00 50.09  ? 122  MET A SD  1 
ATOM   904  C  CE  . MET A 1 124 ? 2.844   -0.979  1.560   1.00 39.19  ? 122  MET A CE  1 
ATOM   905  N  N   . GLU A 1 125 ? -1.973  -0.160  -0.602  1.00 33.38  ? 123  GLU A N   1 
ATOM   906  C  CA  . GLU A 1 125 ? -2.882  0.712   0.119   1.00 34.58  ? 123  GLU A CA  1 
ATOM   907  C  C   . GLU A 1 125 ? -3.677  -0.028  1.193   1.00 29.86  ? 123  GLU A C   1 
ATOM   908  O  O   . GLU A 1 125 ? -3.930  0.516   2.264   1.00 30.90  ? 123  GLU A O   1 
ATOM   909  C  CB  . GLU A 1 125 ? -3.804  1.462   -0.868  1.00 29.57  ? 123  GLU A CB  1 
ATOM   910  C  CG  . GLU A 1 125 ? -3.040  2.569   -1.641  1.00 36.48  ? 123  GLU A CG  1 
ATOM   911  C  CD  . GLU A 1 125 ? -3.926  3.379   -2.580  1.00 44.05  ? 123  GLU A CD  1 
ATOM   912  O  OE1 . GLU A 1 125 ? -4.894  2.805   -3.109  1.00 41.41  ? 123  GLU A OE1 1 
ATOM   913  O  OE2 . GLU A 1 125 ? -3.645  4.581   -2.789  1.00 47.60  ? 123  GLU A OE2 1 
ATOM   914  N  N   . SER A 1 126 ? -4.061  -1.269  0.918   1.00 29.10  ? 124  SER A N   1 
ATOM   915  C  CA  . SER A 1 126 ? -4.799  -2.085  1.892   1.00 24.20  ? 124  SER A CA  1 
ATOM   916  C  C   . SER A 1 126 ? -3.969  -2.322  3.165   1.00 26.75  ? 124  SER A C   1 
ATOM   917  O  O   . SER A 1 126 ? -4.473  -2.267  4.281   1.00 27.35  ? 124  SER A O   1 
ATOM   918  C  CB  . SER A 1 126 ? -5.146  -3.441  1.281   1.00 31.23  ? 124  SER A CB  1 
ATOM   919  O  OG  . SER A 1 126 ? -6.030  -3.284  0.185   1.00 45.08  ? 124  SER A OG  1 
ATOM   920  N  N   . LEU A 1 127 ? -2.687  -2.595  2.987   1.00 27.10  ? 125  LEU A N   1 
ATOM   921  C  CA  . LEU A 1 127 ? -1.818  -2.820  4.134   1.00 32.08  ? 125  LEU A CA  1 
ATOM   922  C  C   . LEU A 1 127 ? -1.723  -1.552  5.008   1.00 32.00  ? 125  LEU A C   1 
ATOM   923  O  O   . LEU A 1 127 ? -1.813  -1.622  6.246   1.00 31.88  ? 125  LEU A O   1 
ATOM   924  C  CB  . LEU A 1 127 ? -0.437  -3.236  3.648   1.00 29.56  ? 125  LEU A CB  1 
ATOM   925  C  CG  . LEU A 1 127 ? -0.351  -4.584  2.930   1.00 40.36  ? 125  LEU A CG  1 
ATOM   926  C  CD1 . LEU A 1 127 ? 1.061   -4.771  2.387   1.00 37.62  ? 125  LEU A CD1 1 
ATOM   927  C  CD2 . LEU A 1 127 ? -0.706  -5.710  3.893   1.00 39.41  ? 125  LEU A CD2 1 
ATOM   928  N  N   . LEU A 1 128 ? -1.562  -0.397  4.356   1.00 30.82  ? 126  LEU A N   1 
ATOM   929  C  CA  . LEU A 1 128 ? -1.466  0.878   5.072   1.00 30.75  ? 126  LEU A CA  1 
ATOM   930  C  C   . LEU A 1 128 ? -2.772  1.038   5.824   1.00 35.49  ? 126  LEU A C   1 
ATOM   931  O  O   . LEU A 1 128 ? -2.798  1.491   6.974   1.00 33.34  ? 126  LEU A O   1 
ATOM   932  C  CB  . LEU A 1 128 ? -1.256  2.038   4.085   1.00 26.11  ? 126  LEU A CB  1 
ATOM   933  C  CG  . LEU A 1 128 ? 0.071   1.904   3.331   1.00 37.01  ? 126  LEU A CG  1 
ATOM   934  C  CD1 . LEU A 1 128 ? 0.293   3.044   2.359   1.00 31.98  ? 126  LEU A CD1 1 
ATOM   935  C  CD2 . LEU A 1 128 ? 1.194   1.860   4.361   1.00 30.23  ? 126  LEU A CD2 1 
ATOM   936  N  N   . GLY A 1 129 ? -3.858  0.626   5.169   1.00 29.40  ? 127  GLY A N   1 
ATOM   937  C  CA  . GLY A 1 129 ? -5.157  0.700   5.798   1.00 29.55  ? 127  GLY A CA  1 
ATOM   938  C  C   . GLY A 1 129 ? -5.190  -0.198  7.032   1.00 35.05  ? 127  GLY A C   1 
ATOM   939  O  O   . GLY A 1 129 ? -5.672  0.213   8.080   1.00 38.06  ? 127  GLY A O   1 
ATOM   940  N  N   . ALA A 1 130 ? -4.676  -1.420  6.925   1.00 28.96  ? 128  ALA A N   1 
ATOM   941  C  CA  . ALA A 1 130 ? -4.698  -2.320  8.068   1.00 36.05  ? 128  ALA A CA  1 
ATOM   942  C  C   . ALA A 1 130 ? -3.826  -1.779  9.207   1.00 32.91  ? 128  ALA A C   1 
ATOM   943  O  O   . ALA A 1 130 ? -4.223  -1.806  10.363  1.00 34.34  ? 128  ALA A O   1 
ATOM   944  C  CB  . ALA A 1 130 ? -4.221  -3.713  7.654   1.00 33.53  ? 128  ALA A CB  1 
ATOM   945  N  N   . ILE A 1 131 ? -2.641  -1.284  8.871   1.00 36.38  ? 129  ILE A N   1 
ATOM   946  C  CA  . ILE A 1 131 ? -1.751  -0.744  9.888   1.00 34.97  ? 129  ILE A CA  1 
ATOM   947  C  C   . ILE A 1 131 ? -2.405  0.378   10.667  1.00 41.29  ? 129  ILE A C   1 
ATOM   948  O  O   . ILE A 1 131 ? -2.375  0.398   11.907  1.00 39.12  ? 129  ILE A O   1 
ATOM   949  C  CB  . ILE A 1 131 ? -0.469  -0.228  9.267   1.00 35.60  ? 129  ILE A CB  1 
ATOM   950  C  CG1 . ILE A 1 131 ? 0.342   -1.419  8.750   1.00 29.77  ? 129  ILE A CG1 1 
ATOM   951  C  CG2 . ILE A 1 131 ? 0.295   0.592   10.280  1.00 39.22  ? 129  ILE A CG2 1 
ATOM   952  C  CD1 . ILE A 1 131 ? 1.527   -1.079  7.889   1.00 28.45  ? 129  ILE A CD1 1 
ATOM   953  N  N   . TYR A 1 132 ? -3.026  1.297   9.941   1.00 35.87  ? 130  TYR A N   1 
ATOM   954  C  CA  . TYR A 1 132 ? -3.695  2.419   10.567  1.00 32.96  ? 130  TYR A CA  1 
ATOM   955  C  C   . TYR A 1 132 ? -4.846  1.935   11.432  1.00 38.01  ? 130  TYR A C   1 
ATOM   956  O  O   . TYR A 1 132 ? -5.116  2.491   12.497  1.00 37.88  ? 130  TYR A O   1 
ATOM   957  C  CB  . TYR A 1 132 ? -4.264  3.347   9.498   1.00 36.06  ? 130  TYR A CB  1 
ATOM   958  C  CG  . TYR A 1 132 ? -5.106  4.480   10.036  1.00 30.73  ? 130  TYR A CG  1 
ATOM   959  C  CD1 . TYR A 1 132 ? -4.543  5.725   10.309  1.00 30.16  ? 130  TYR A CD1 1 
ATOM   960  C  CD2 . TYR A 1 132 ? -6.472  4.325   10.215  1.00 24.73  ? 130  TYR A CD2 1 
ATOM   961  C  CE1 . TYR A 1 132 ? -5.339  6.799   10.742  1.00 26.59  ? 130  TYR A CE1 1 
ATOM   962  C  CE2 . TYR A 1 132 ? -7.270  5.379   10.636  1.00 28.31  ? 130  TYR A CE2 1 
ATOM   963  C  CZ  . TYR A 1 132 ? -6.698  6.619   10.898  1.00 30.71  ? 130  TYR A CZ  1 
ATOM   964  O  OH  . TYR A 1 132 ? -7.490  7.679   11.294  1.00 30.93  ? 130  TYR A OH  1 
ATOM   965  N  N   . LEU A 1 133 ? -5.540  0.903   10.972  1.00 32.23  ? 131  LEU A N   1 
ATOM   966  C  CA  . LEU A 1 133 ? -6.680  0.409   11.726  1.00 35.88  ? 131  LEU A CA  1 
ATOM   967  C  C   . LEU A 1 133 ? -6.233  -0.238  13.030  1.00 33.59  ? 131  LEU A C   1 
ATOM   968  O  O   . LEU A 1 133 ? -6.821  -0.028  14.104  1.00 36.34  ? 131  LEU A O   1 
ATOM   969  C  CB  . LEU A 1 133 ? -7.465  -0.596  10.881  1.00 37.60  ? 131  LEU A CB  1 
ATOM   970  C  CG  . LEU A 1 133 ? -8.832  -0.969  11.441  1.00 44.29  ? 131  LEU A CG  1 
ATOM   971  C  CD1 . LEU A 1 133 ? -9.698  0.288   11.517  1.00 46.31  ? 131  LEU A CD1 1 
ATOM   972  C  CD2 . LEU A 1 133 ? -9.501  -2.016  10.516  1.00 41.77  ? 131  LEU A CD2 1 
ATOM   973  N  N   . GLN A 1 134 ? -5.160  -0.997  12.925  1.00 32.82  ? 132  GLN A N   1 
ATOM   974  C  CA  . GLN A 1 134 ? -4.641  -1.720  14.071  1.00 44.28  ? 132  GLN A CA  1 
ATOM   975  C  C   . GLN A 1 134 ? -3.872  -0.845  15.066  1.00 48.80  ? 132  GLN A C   1 
ATOM   976  O  O   . GLN A 1 134 ? -4.038  -0.985  16.282  1.00 45.03  ? 132  GLN A O   1 
ATOM   977  C  CB  . GLN A 1 134 ? -3.731  -2.865  13.591  1.00 36.88  ? 132  GLN A CB  1 
ATOM   978  C  CG  . GLN A 1 134 ? -3.348  -3.901  14.638  1.00 43.70  ? 132  GLN A CG  1 
ATOM   979  C  CD  . GLN A 1 134 ? -4.561  -4.579  15.252  1.00 46.55  ? 132  GLN A CD  1 
ATOM   980  O  OE1 . GLN A 1 134 ? -5.567  -4.774  14.572  1.00 53.30  ? 132  GLN A OE1 1 
ATOM   981  N  NE2 . GLN A 1 134 ? -4.465  -4.955  16.535  1.00 56.57  ? 132  GLN A NE2 1 
ATOM   982  N  N   . HIS A 1 135 ? -3.073  0.081   14.551  1.00 48.77  ? 133  HIS A N   1 
ATOM   983  C  CA  . HIS A 1 135 ? -2.239  0.890   15.410  1.00 52.13  ? 133  HIS A CA  1 
ATOM   984  C  C   . HIS A 1 135 ? -2.565  2.372   15.585  1.00 55.52  ? 133  HIS A C   1 
ATOM   985  O  O   . HIS A 1 135 ? -2.335  2.928   16.661  1.00 55.23  ? 133  HIS A O   1 
ATOM   986  C  CB  . HIS A 1 135 ? -0.807  0.728   14.935  1.00 52.02  ? 133  HIS A CB  1 
ATOM   987  C  CG  . HIS A 1 135 ? -0.367  -0.697  14.814  1.00 59.26  ? 133  HIS A CG  1 
ATOM   988  N  ND1 . HIS A 1 135 ? -0.428  -1.595  15.862  1.00 60.33  ? 133  HIS A ND1 1 
ATOM   989  C  CD2 . HIS A 1 135 ? 0.161   -1.385  13.769  1.00 62.49  ? 133  HIS A CD2 1 
ATOM   990  C  CE1 . HIS A 1 135 ? 0.040   -2.764  15.469  1.00 56.54  ? 133  HIS A CE1 1 
ATOM   991  N  NE2 . HIS A 1 135 ? 0.405   -2.664  14.203  1.00 61.91  ? 133  HIS A NE2 1 
ATOM   992  N  N   . GLY A 1 136 ? -3.103  3.017   14.553  1.00 52.15  ? 134  GLY A N   1 
ATOM   993  C  CA  . GLY A 1 136 ? -3.415  4.429   14.686  1.00 39.62  ? 134  GLY A CA  1 
ATOM   994  C  C   . GLY A 1 136 ? -2.566  5.283   13.758  1.00 38.94  ? 134  GLY A C   1 
ATOM   995  O  O   . GLY A 1 136 ? -1.562  4.828   13.212  1.00 33.56  ? 134  GLY A O   1 
ATOM   996  N  N   . MET A 1 137 ? -2.964  6.539   13.597  1.00 43.19  ? 135  MET A N   1 
ATOM   997  C  CA  . MET A 1 137 ? -2.292  7.471   12.695  1.00 42.38  ? 135  MET A CA  1 
ATOM   998  C  C   . MET A 1 137 ? -0.774  7.639   12.809  1.00 43.13  ? 135  MET A C   1 
ATOM   999  O  O   . MET A 1 137 ? -0.061  7.556   11.812  1.00 46.99  ? 135  MET A O   1 
ATOM   1000 C  CB  . MET A 1 137 ? -2.961  8.852   12.815  1.00 45.82  ? 135  MET A CB  1 
ATOM   1001 C  CG  . MET A 1 137 ? -2.442  9.922   11.827  1.00 52.27  ? 135  MET A CG  1 
ATOM   1002 S  SD  . MET A 1 137 ? -2.796  9.507   10.056  1.00 44.72  ? 135  MET A SD  1 
ATOM   1003 C  CE  . MET A 1 137 ? -1.579  10.667  9.156   1.00 51.21  ? 135  MET A CE  1 
ATOM   1004 N  N   . GLU A 1 138 ? -0.253  7.880   14.005  1.00 47.05  ? 136  GLU A N   1 
ATOM   1005 C  CA  . GLU A 1 138 ? 1.191   8.115   14.104  1.00 45.17  ? 136  GLU A CA  1 
ATOM   1006 C  C   . GLU A 1 138 ? 2.079   6.959   13.671  1.00 42.04  ? 136  GLU A C   1 
ATOM   1007 O  O   . GLU A 1 138 ? 3.109   7.154   13.004  1.00 38.80  ? 136  GLU A O   1 
ATOM   1008 C  CB  . GLU A 1 138 ? 1.528   8.591   15.513  1.00 53.70  ? 136  GLU A CB  1 
ATOM   1009 C  CG  . GLU A 1 138 ? 0.699   9.823   15.915  1.00 57.59  ? 136  GLU A CG  1 
ATOM   1010 C  CD  . GLU A 1 138 ? 0.727   10.954  14.868  1.00 67.90  ? 136  GLU A CD  1 
ATOM   1011 O  OE1 . GLU A 1 138 ? -0.213  11.787  14.866  1.00 62.89  ? 136  GLU A OE1 1 
ATOM   1012 O  OE2 . GLU A 1 138 ? 1.675   11.019  14.051  1.00 66.13  ? 136  GLU A OE2 1 
ATOM   1013 N  N   . LYS A 1 139 ? 1.685   5.742   14.021  1.00 47.72  ? 137  LYS A N   1 
ATOM   1014 C  CA  . LYS A 1 139 ? 2.461   4.583   13.606  1.00 43.98  ? 137  LYS A CA  1 
ATOM   1015 C  C   . LYS A 1 139 ? 2.350   4.443   12.084  1.00 43.17  ? 137  LYS A C   1 
ATOM   1016 O  O   . LYS A 1 139 ? 3.355   4.225   11.391  1.00 45.38  ? 137  LYS A O   1 
ATOM   1017 C  CB  . LYS A 1 139 ? 1.953   3.319   14.306  1.00 51.52  ? 137  LYS A CB  1 
ATOM   1018 C  CG  . LYS A 1 139 ? 2.638   2.050   13.822  1.00 54.94  ? 137  LYS A CG  1 
ATOM   1019 C  CD  . LYS A 1 139 ? 4.162   2.119   13.910  1.00 57.27  ? 137  LYS A CD  1 
ATOM   1020 C  CE  . LYS A 1 139 ? 4.639   2.171   15.363  1.00 63.62  ? 137  LYS A CE  1 
ATOM   1021 N  NZ  . LYS A 1 139 ? 6.116   1.981   15.446  1.00 65.37  ? 137  LYS A NZ  1 
ATOM   1022 N  N   . ALA A 1 140 ? 1.134   4.586   11.557  1.00 40.92  ? 138  ALA A N   1 
ATOM   1023 C  CA  . ALA A 1 140 ? 0.951   4.497   10.110  1.00 37.49  ? 138  ALA A CA  1 
ATOM   1024 C  C   . ALA A 1 140 ? 1.807   5.572   9.482   1.00 33.85  ? 138  ALA A C   1 
ATOM   1025 O  O   . ALA A 1 140 ? 2.461   5.342   8.468   1.00 33.80  ? 138  ALA A O   1 
ATOM   1026 C  CB  . ALA A 1 140 ? -0.527  4.698   9.734   1.00 37.51  ? 138  ALA A CB  1 
ATOM   1027 N  N   . ARG A 1 141 ? 1.818   6.755   10.095  1.00 36.65  ? 139  ARG A N   1 
ATOM   1028 C  CA  . ARG A 1 141 ? 2.622   7.853   9.570   1.00 39.59  ? 139  ARG A CA  1 
ATOM   1029 C  C   . ARG A 1 141 ? 4.087   7.418   9.460   1.00 43.38  ? 139  ARG A C   1 
ATOM   1030 O  O   . ARG A 1 141 ? 4.704   7.542   8.399   1.00 39.85  ? 139  ARG A O   1 
ATOM   1031 C  CB  . ARG A 1 141 ? 2.520   9.088   10.479  1.00 47.95  ? 139  ARG A CB  1 
ATOM   1032 C  CG  . ARG A 1 141 ? 2.981   10.360  9.782   1.00 46.88  ? 139  ARG A CG  1 
ATOM   1033 C  CD  . ARG A 1 141 ? 3.225   11.521  10.738  1.00 42.45  ? 139  ARG A CD  1 
ATOM   1034 N  NE  . ARG A 1 141 ? 2.004   12.025  11.346  1.00 42.17  ? 139  ARG A NE  1 
ATOM   1035 C  CZ  . ARG A 1 141 ? 1.098   12.775  10.721  1.00 48.13  ? 139  ARG A CZ  1 
ATOM   1036 N  NH1 . ARG A 1 141 ? 1.270   13.126  9.446   1.00 50.85  ? 139  ARG A NH1 1 
ATOM   1037 N  NH2 . ARG A 1 141 ? 0.013   13.162  11.374  1.00 38.10  ? 139  ARG A NH2 1 
ATOM   1038 N  N   . GLU A 1 142 ? 4.634   6.900   10.561  1.00 45.33  ? 140  GLU A N   1 
ATOM   1039 C  CA  . GLU A 1 142 ? 6.026   6.431   10.581  1.00 47.60  ? 140  GLU A CA  1 
ATOM   1040 C  C   . GLU A 1 142 ? 6.293   5.508   9.419   1.00 50.47  ? 140  GLU A C   1 
ATOM   1041 O  O   . GLU A 1 142 ? 7.151   5.769   8.567   1.00 54.38  ? 140  GLU A O   1 
ATOM   1042 C  CB  . GLU A 1 142 ? 6.341   5.603   11.830  1.00 55.04  ? 140  GLU A CB  1 
ATOM   1043 C  CG  . GLU A 1 142 ? 6.044   6.222   13.170  1.00 66.20  ? 140  GLU A CG  1 
ATOM   1044 C  CD  . GLU A 1 142 ? 6.545   5.341   14.308  1.00 71.75  ? 140  GLU A CD  1 
ATOM   1045 O  OE1 . GLU A 1 142 ? 6.072   5.522   15.452  1.00 69.68  ? 140  GLU A OE1 1 
ATOM   1046 O  OE2 . GLU A 1 142 ? 7.417   4.473   14.052  1.00 62.84  ? 140  GLU A OE2 1 
ATOM   1047 N  N   . VAL A 1 143 ? 5.550   4.401   9.408   1.00 47.02  ? 141  VAL A N   1 
ATOM   1048 C  CA  . VAL A 1 143 ? 5.723   3.402   8.376   1.00 41.93  ? 141  VAL A CA  1 
ATOM   1049 C  C   . VAL A 1 143 ? 5.727   4.048   7.009   1.00 39.74  ? 141  VAL A C   1 
ATOM   1050 O  O   . VAL A 1 143 ? 6.618   3.802   6.202   1.00 43.87  ? 141  VAL A O   1 
ATOM   1051 C  CB  . VAL A 1 143 ? 4.612   2.337   8.438   1.00 42.19  ? 141  VAL A CB  1 
ATOM   1052 C  CG1 . VAL A 1 143 ? 4.827   1.326   7.351   1.00 41.51  ? 141  VAL A CG1 1 
ATOM   1053 C  CG2 . VAL A 1 143 ? 4.607   1.660   9.802   1.00 40.83  ? 141  VAL A CG2 1 
ATOM   1054 N  N   . ILE A 1 144 ? 4.735   4.890   6.750   1.00 42.89  ? 142  ILE A N   1 
ATOM   1055 C  CA  . ILE A 1 144 ? 4.640   5.556   5.457   1.00 40.13  ? 142  ILE A CA  1 
ATOM   1056 C  C   . ILE A 1 144 ? 5.822   6.509   5.211   1.00 40.30  ? 142  ILE A C   1 
ATOM   1057 O  O   . ILE A 1 144 ? 6.373   6.547   4.112   1.00 39.38  ? 142  ILE A O   1 
ATOM   1058 C  CB  . ILE A 1 144 ? 3.296   6.342   5.337   1.00 38.33  ? 142  ILE A CB  1 
ATOM   1059 C  CG1 . ILE A 1 144 ? 2.116   5.347   5.271   1.00 38.49  ? 142  ILE A CG1 1 
ATOM   1060 C  CG2 . ILE A 1 144 ? 3.332   7.241   4.098   1.00 31.27  ? 142  ILE A CG2 1 
ATOM   1061 C  CD1 . ILE A 1 144 ? 0.729   5.954   5.573   1.00 35.18  ? 142  ILE A CD1 1 
ATOM   1062 N  N   . LEU A 1 145 ? 6.217   7.296   6.208   1.00 42.42  ? 143  LEU A N   1 
ATOM   1063 C  CA  . LEU A 1 145 ? 7.343   8.192   5.954   1.00 52.10  ? 143  LEU A CA  1 
ATOM   1064 C  C   . LEU A 1 145 ? 8.570   7.355   5.547   1.00 55.67  ? 143  LEU A C   1 
ATOM   1065 O  O   . LEU A 1 145 ? 9.370   7.781   4.704   1.00 61.26  ? 143  LEU A O   1 
ATOM   1066 C  CB  . LEU A 1 145 ? 7.635   9.077   7.176   1.00 48.72  ? 143  LEU A CB  1 
ATOM   1067 C  CG  . LEU A 1 145 ? 7.065   10.514  7.178   1.00 48.85  ? 143  LEU A CG  1 
ATOM   1068 C  CD1 . LEU A 1 145 ? 6.449   10.858  5.812   1.00 42.87  ? 143  LEU A CD1 1 
ATOM   1069 C  CD2 . LEU A 1 145 ? 6.035   10.663  8.268   1.00 40.29  ? 143  LEU A CD2 1 
ATOM   1070 N  N   . ARG A 1 146 ? 8.686   6.148   6.107   1.00 57.41  ? 144  ARG A N   1 
ATOM   1071 C  CA  . ARG A 1 146 ? 9.795   5.254   5.776   1.00 55.38  ? 144  ARG A CA  1 
ATOM   1072 C  C   . ARG A 1 146 ? 9.698   4.670   4.371   1.00 56.17  ? 144  ARG A C   1 
ATOM   1073 O  O   . ARG A 1 146 ? 10.605  4.841   3.567   1.00 58.57  ? 144  ARG A O   1 
ATOM   1074 C  CB  . ARG A 1 146 ? 9.886   4.123   6.802   1.00 60.29  ? 144  ARG A CB  1 
ATOM   1075 C  CG  . ARG A 1 146 ? 11.021  3.131   6.554   1.00 59.92  ? 144  ARG A CG  1 
ATOM   1076 C  CD  . ARG A 1 146 ? 11.403  2.420   7.842   1.00 59.48  ? 144  ARG A CD  1 
ATOM   1077 N  NE  . ARG A 1 146 ? 10.258  1.791   8.498   1.00 62.53  ? 144  ARG A NE  1 
ATOM   1078 C  CZ  . ARG A 1 146 ? 9.566   0.779   7.982   1.00 63.94  ? 144  ARG A CZ  1 
ATOM   1079 N  NH1 . ARG A 1 146 ? 9.904   0.271   6.801   1.00 56.49  ? 144  ARG A NH1 1 
ATOM   1080 N  NH2 . ARG A 1 146 ? 8.524   0.287   8.637   1.00 65.21  ? 144  ARG A NH2 1 
ATOM   1081 N  N   . LEU A 1 147 ? 8.605   3.984   4.052   1.00 56.83  ? 145  LEU A N   1 
ATOM   1082 C  CA  . LEU A 1 147 ? 8.492   3.413   2.712   1.00 55.80  ? 145  LEU A CA  1 
ATOM   1083 C  C   . LEU A 1 147 ? 8.484   4.451   1.599   1.00 56.46  ? 145  LEU A C   1 
ATOM   1084 O  O   . LEU A 1 147 ? 8.972   4.191   0.500   1.00 55.84  ? 145  LEU A O   1 
ATOM   1085 C  CB  . LEU A 1 147 ? 7.221   2.585   2.559   1.00 57.08  ? 145  LEU A CB  1 
ATOM   1086 C  CG  . LEU A 1 147 ? 7.060   1.272   3.299   1.00 68.22  ? 145  LEU A CG  1 
ATOM   1087 C  CD1 . LEU A 1 147 ? 6.277   1.446   4.590   1.00 65.88  ? 145  LEU A CD1 1 
ATOM   1088 C  CD2 . LEU A 1 147 ? 6.301   0.353   2.368   1.00 71.62  ? 145  LEU A CD2 1 
ATOM   1089 N  N   . PHE A 1 148 ? 7.906   5.617   1.866   1.00 55.31  ? 146  PHE A N   1 
ATOM   1090 C  CA  . PHE A 1 148 ? 7.827   6.647   0.838   1.00 57.50  ? 146  PHE A CA  1 
ATOM   1091 C  C   . PHE A 1 148 ? 8.872   7.735   1.007   1.00 62.02  ? 146  PHE A C   1 
ATOM   1092 O  O   . PHE A 1 148 ? 8.871   8.728   0.281   1.00 65.68  ? 146  PHE A O   1 
ATOM   1093 C  CB  . PHE A 1 148 ? 6.427   7.243   0.835   1.00 45.52  ? 146  PHE A CB  1 
ATOM   1094 C  CG  . PHE A 1 148 ? 5.374   6.276   0.399   1.00 47.26  ? 146  PHE A CG  1 
ATOM   1095 C  CD1 . PHE A 1 148 ? 4.907   6.277   -0.911  1.00 40.27  ? 146  PHE A CD1 1 
ATOM   1096 C  CD2 . PHE A 1 148 ? 4.860   5.344   1.289   1.00 42.79  ? 146  PHE A CD2 1 
ATOM   1097 C  CE1 . PHE A 1 148 ? 3.946   5.366   -1.334  1.00 39.98  ? 146  PHE A CE1 1 
ATOM   1098 C  CE2 . PHE A 1 148 ? 3.897   4.427   0.873   1.00 43.82  ? 146  PHE A CE2 1 
ATOM   1099 C  CZ  . PHE A 1 148 ? 3.437   4.442   -0.441  1.00 36.34  ? 146  PHE A CZ  1 
ATOM   1100 N  N   . GLY A 1 149 ? 9.767   7.533   1.968   1.00 64.32  ? 147  GLY A N   1 
ATOM   1101 C  CA  . GLY A 1 149 ? 10.819  8.497   2.216   1.00 67.73  ? 147  GLY A CA  1 
ATOM   1102 C  C   . GLY A 1 149 ? 11.605  8.886   0.978   1.00 67.52  ? 147  GLY A C   1 
ATOM   1103 O  O   . GLY A 1 149 ? 11.948  10.052  0.823   1.00 70.61  ? 147  GLY A O   1 
ATOM   1104 N  N   . PRO A 1 150 ? 11.918  7.935   0.087   1.00 70.82  ? 148  PRO A N   1 
ATOM   1105 C  CA  . PRO A 1 150 ? 12.677  8.197   -1.140  1.00 69.87  ? 148  PRO A CA  1 
ATOM   1106 C  C   . PRO A 1 150 ? 11.851  8.878   -2.208  1.00 70.66  ? 148  PRO A C   1 
ATOM   1107 O  O   . PRO A 1 150 ? 12.204  9.947   -2.690  1.00 77.97  ? 148  PRO A O   1 
ATOM   1108 C  CB  . PRO A 1 150 ? 13.107  6.802   -1.594  1.00 69.83  ? 148  PRO A CB  1 
ATOM   1109 C  CG  . PRO A 1 150 ? 13.094  6.002   -0.336  1.00 73.36  ? 148  PRO A CG  1 
ATOM   1110 C  CD  . PRO A 1 150 ? 11.842  6.487   0.334   1.00 76.02  ? 148  PRO A CD  1 
ATOM   1111 N  N   . LEU A 1 151 ? 10.761  8.225   -2.591  1.00 69.84  ? 149  LEU A N   1 
ATOM   1112 C  CA  . LEU A 1 151 ? 9.857   8.732   -3.610  1.00 67.15  ? 149  LEU A CA  1 
ATOM   1113 C  C   . LEU A 1 151 ? 9.550   10.207  -3.320  1.00 68.71  ? 149  LEU A C   1 
ATOM   1114 O  O   . LEU A 1 151 ? 9.337   11.011  -4.237  1.00 62.65  ? 149  LEU A O   1 
ATOM   1115 C  CB  . LEU A 1 151 ? 8.583   7.887   -3.601  1.00 62.55  ? 149  LEU A CB  1 
ATOM   1116 C  CG  . LEU A 1 151 ? 7.836   7.771   -4.921  1.00 61.49  ? 149  LEU A CG  1 
ATOM   1117 C  CD1 . LEU A 1 151 ? 8.802   7.475   -6.046  1.00 61.82  ? 149  LEU A CD1 1 
ATOM   1118 C  CD2 . LEU A 1 151 ? 6.802   6.682   -4.801  1.00 64.91  ? 149  LEU A CD2 1 
ATOM   1119 N  N   . LEU A 1 152 ? 9.546   10.555  -2.034  1.00 68.21  ? 150  LEU A N   1 
ATOM   1120 C  CA  . LEU A 1 152 ? 9.305   11.925  -1.611  1.00 68.15  ? 150  LEU A CA  1 
ATOM   1121 C  C   . LEU A 1 152 ? 10.433  12.833  -2.105  1.00 72.27  ? 150  LEU A C   1 
ATOM   1122 O  O   . LEU A 1 152 ? 10.184  13.791  -2.842  1.00 71.24  ? 150  LEU A O   1 
ATOM   1123 C  CB  . LEU A 1 152 ? 9.213   12.012  -0.080  1.00 60.47  ? 150  LEU A CB  1 
ATOM   1124 C  CG  . LEU A 1 152 ? 7.848   11.723  0.551   1.00 61.40  ? 150  LEU A CG  1 
ATOM   1125 C  CD1 . LEU A 1 152 ? 7.896   11.914  2.057   1.00 52.04  ? 150  LEU A CD1 1 
ATOM   1126 C  CD2 . LEU A 1 152 ? 6.822   12.654  -0.061  1.00 56.22  ? 150  LEU A CD2 1 
ATOM   1127 N  N   . ASP A 1 153 ? 11.668  12.530  -1.695  1.00 71.79  ? 151  ASP A N   1 
ATOM   1128 C  CA  . ASP A 1 153 ? 12.829  13.329  -2.084  1.00 70.69  ? 151  ASP A CA  1 
ATOM   1129 C  C   . ASP A 1 153 ? 12.926  13.435  -3.583  1.00 71.73  ? 151  ASP A C   1 
ATOM   1130 O  O   . ASP A 1 153 ? 13.483  14.390  -4.115  1.00 72.26  ? 151  ASP A O   1 
ATOM   1131 C  CB  . ASP A 1 153 ? 14.121  12.719  -1.552  1.00 66.00  ? 151  ASP A CB  1 
ATOM   1132 C  CG  . ASP A 1 153 ? 14.079  12.476  -0.062  1.00 71.72  ? 151  ASP A CG  1 
ATOM   1133 O  OD1 . ASP A 1 153 ? 13.640  13.377  0.684   1.00 70.48  ? 151  ASP A OD1 1 
ATOM   1134 O  OD2 . ASP A 1 153 ? 14.498  11.383  0.365   1.00 70.19  ? 151  ASP A OD2 1 
ATOM   1135 N  N   . ALA A 1 154 ? 12.379  12.441  -4.263  1.00 76.08  ? 152  ALA A N   1 
ATOM   1136 C  CA  . ALA A 1 154 ? 12.410  12.410  -5.716  1.00 81.09  ? 152  ALA A CA  1 
ATOM   1137 C  C   . ALA A 1 154 ? 11.398  13.381  -6.310  1.00 82.39  ? 152  ALA A C   1 
ATOM   1138 O  O   . ALA A 1 154 ? 11.685  14.070  -7.292  1.00 82.20  ? 152  ALA A O   1 
ATOM   1139 C  CB  . ALA A 1 154 ? 12.124  10.981  -6.214  1.00 82.13  ? 152  ALA A CB  1 
ATOM   1140 N  N   . ALA A 1 155 ? 10.215  13.430  -5.702  1.00 82.32  ? 153  ALA A N   1 
ATOM   1141 C  CA  . ALA A 1 155 ? 9.132   14.286  -6.173  1.00 80.75  ? 153  ALA A CA  1 
ATOM   1142 C  C   . ALA A 1 155 ? 9.560   15.675  -6.658  1.00 77.40  ? 153  ALA A C   1 
ATOM   1143 O  O   . ALA A 1 155 ? 9.110   16.121  -7.713  1.00 67.56  ? 153  ALA A O   1 
ATOM   1144 C  CB  . ALA A 1 155 ? 8.061   14.412  -5.090  1.00 81.77  ? 153  ALA A CB  1 
ATOM   1145 N  N   . PRO A 1 156 ? 10.429  16.372  -5.898  1.00 78.62  ? 154  PRO A N   1 
ATOM   1146 C  CA  . PRO A 1 156 ? 10.893  17.712  -6.285  1.00 83.62  ? 154  PRO A CA  1 
ATOM   1147 C  C   . PRO A 1 156 ? 11.497  17.822  -7.691  1.00 89.78  ? 154  PRO A C   1 
ATOM   1148 O  O   . PRO A 1 156 ? 11.675  18.927  -8.206  1.00 91.71  ? 154  PRO A O   1 
ATOM   1149 C  CB  . PRO A 1 156 ? 11.902  18.052  -5.190  1.00 82.05  ? 154  PRO A CB  1 
ATOM   1150 C  CG  . PRO A 1 156 ? 11.323  17.374  -3.996  1.00 79.36  ? 154  PRO A CG  1 
ATOM   1151 C  CD  . PRO A 1 156 ? 10.940  16.021  -4.561  1.00 78.94  ? 154  PRO A CD  1 
ATOM   1152 N  N   . THR A 1 157 ? 11.802  16.686  -8.314  1.00 92.31  ? 155  THR A N   1 
ATOM   1153 C  CA  . THR A 1 157 ? 12.386  16.683  -9.651  1.00 93.35  ? 155  THR A CA  1 
ATOM   1154 C  C   . THR A 1 157 ? 11.540  15.928  -10.677 1.00 94.64  ? 155  THR A C   1 
ATOM   1155 O  O   . THR A 1 157 ? 11.863  14.758  -10.960 1.00 95.71  ? 155  THR A O   1 
ATOM   1156 C  CB  . THR A 1 157 ? 13.789  16.071  -9.628  1.00 95.93  ? 155  THR A CB  1 
ATOM   1157 O  OG1 . THR A 1 157 ? 14.582  16.737  -8.637  1.00 95.25  ? 155  THR A OG1 1 
ATOM   1158 C  CG2 . THR A 1 157 ? 14.450  16.221  -10.993 1.00 97.71  ? 155  THR A CG2 1 
HETATM 1159 CA CA  . CA  B 2 .   ? -7.263  2.706   -4.571  1.00 71.98  ? 1001 CA  A CA  1 
HETATM 1160 CA CA  . CA  C 2 .   ? -10.890 -0.023  -7.559  1.00 76.58  ? 1002 CA  A CA  1 
HETATM 1161 O  O   . HOH D 3 .   ? -6.794  12.040  3.183   0.5  32.38  ? 1003 HOH A O   1 
HETATM 1162 O  O   . HOH D 3 .   ? -11.053 -0.982  -5.497  1.00 70.57  ? 1004 HOH A O   1 
HETATM 1163 O  O   . HOH D 3 .   ? -9.841  -1.911  -8.849  1.00 88.77  ? 1005 HOH A O   1 
HETATM 1164 O  O   . HOH D 3 .   ? -13.190 -1.019  -8.862  1.00 75.59  ? 1006 HOH A O   1 
HETATM 1165 O  O   . HOH D 3 .   ? -11.865 2.161   -6.898  1.00 91.49  ? 1007 HOH A O   1 
HETATM 1166 O  O   . HOH D 3 .   ? -9.505  3.509   -3.020  1.00 48.06  ? 1008 HOH A O   1 
HETATM 1167 O  O   . HOH D 3 .   ? -5.963  4.843   -5.294  1.00 60.21  ? 1009 HOH A O   1 
HETATM 1168 O  O   . HOH D 3 .   ? -9.170  2.669   -6.734  1.00 67.31  ? 1010 HOH A O   1 
HETATM 1169 O  O   . HOH D 3 .   ? -11.227 -4.487  3.385   1.00 24.76  ? 1011 HOH A O   1 
HETATM 1170 O  O   . HOH D 3 .   ? -9.975  6.907   0.013   1.00 26.63  ? 1012 HOH A O   1 
HETATM 1171 O  O   . HOH D 3 .   ? -9.717  -6.478  -4.328  1.00 29.92  ? 1013 HOH A O   1 
HETATM 1172 O  O   . HOH D 3 .   ? -11.662 -4.384  8.308   1.00 31.53  ? 1014 HOH A O   1 
HETATM 1173 O  O   . HOH D 3 .   ? -12.733 -4.215  5.843   1.00 36.98  ? 1015 HOH A O   1 
HETATM 1174 O  O   . HOH D 3 .   ? -13.271 -19.401 -11.428 1.00 40.17  ? 1016 HOH A O   1 
HETATM 1175 O  O   . HOH D 3 .   ? 3.609   13.290  7.204   1.00 37.56  ? 1017 HOH A O   1 
HETATM 1176 O  O   . HOH D 3 .   ? -3.371  8.582   -1.430  1.00 42.10  ? 1018 HOH A O   1 
HETATM 1177 O  O   . HOH D 3 .   ? -8.735  9.298   -0.061  1.00 40.62  ? 1019 HOH A O   1 
HETATM 1178 O  O   . HOH D 3 .   ? -5.314  -5.703  -4.537  1.00 44.49  ? 1020 HOH A O   1 
HETATM 1179 O  O   . HOH D 3 .   ? -14.230 -4.745  1.012   1.00 45.81  ? 1021 HOH A O   1 
HETATM 1180 O  O   . HOH D 3 .   ? -14.427 -6.341  5.502   1.00 47.78  ? 1022 HOH A O   1 
HETATM 1181 O  O   . HOH D 3 .   ? -7.687  -3.518  -3.385  1.00 44.64  ? 1023 HOH A O   1 
HETATM 1182 O  O   . HOH D 3 .   ? -0.139  -13.576 -5.720  1.00 51.35  ? 1024 HOH A O   1 
HETATM 1183 O  O   . HOH D 3 .   ? -7.033  7.153   -5.283  1.00 49.19  ? 1025 HOH A O   1 
HETATM 1184 O  O   . HOH D 3 .   ? -14.081 -8.991  7.260   1.00 52.28  ? 1026 HOH A O   1 
HETATM 1185 O  O   . HOH D 3 .   ? -11.115 -12.231 3.140   1.00 48.78  ? 1027 HOH A O   1 
HETATM 1186 O  O   . HOH D 3 .   ? -9.557  -24.211 -4.462  1.00 54.31  ? 1028 HOH A O   1 
HETATM 1187 O  O   . HOH D 3 .   ? -12.427 -10.584 7.677   1.00 75.97  ? 1029 HOH A O   1 
HETATM 1188 O  O   . HOH D 3 .   ? -5.507  13.003  0.657   1.00 49.51  ? 1030 HOH A O   1 
HETATM 1189 O  O   . HOH D 3 .   ? -14.769 -20.740 -7.795  1.00 50.30  ? 1031 HOH A O   1 
HETATM 1190 O  O   . HOH D 3 .   ? -9.485  -14.948 -11.403 1.00 56.81  ? 1032 HOH A O   1 
HETATM 1191 O  O   . HOH D 3 .   ? -19.634 -11.979 -1.520  1.00 56.10  ? 1033 HOH A O   1 
HETATM 1192 O  O   . HOH D 3 .   ? 11.097  14.224  -0.030  1.00 49.05  ? 1034 HOH A O   1 
HETATM 1193 O  O   . HOH D 3 .   ? -7.405  -4.588  -6.506  1.00 53.87  ? 1035 HOH A O   1 
HETATM 1194 O  O   . HOH D 3 .   ? 0.434   5.759   -12.722 1.00 53.76  ? 1036 HOH A O   1 
HETATM 1195 O  O   . HOH D 3 .   ? -11.168 -6.126  10.053  1.00 55.79  ? 1037 HOH A O   1 
HETATM 1196 O  O   . HOH D 3 .   ? -12.514 -22.825 -9.214  1.00 50.86  ? 1038 HOH A O   1 
HETATM 1197 O  O   . HOH D 3 .   ? 7.456   23.933  7.145   1.00 56.14  ? 1039 HOH A O   1 
HETATM 1198 O  O   . HOH D 3 .   ? 9.570   25.472  -0.559  1.00 54.41  ? 1040 HOH A O   1 
HETATM 1199 O  O   . HOH D 3 .   ? -9.427  -12.433 7.325   1.00 57.72  ? 1041 HOH A O   1 
HETATM 1200 O  O   . HOH D 3 .   ? -12.447 -17.099 -9.750  1.00 56.80  ? 1042 HOH A O   1 
HETATM 1201 O  O   . HOH D 3 .   ? -15.924 -6.900  -4.288  1.00 58.73  ? 1043 HOH A O   1 
HETATM 1202 O  O   . HOH D 3 .   ? 0.292   5.616   15.810  1.00 58.48  ? 1044 HOH A O   1 
HETATM 1203 O  O   . HOH D 3 .   ? -4.629  19.244  -8.035  1.00 63.91  ? 1045 HOH A O   1 
HETATM 1204 O  O   . HOH D 3 .   ? 12.364  11.094  3.820   1.00 62.64  ? 1046 HOH A O   1 
HETATM 1205 O  O   . HOH D 3 .   ? 15.519  -9.432  -8.576  1.00 60.14  ? 1047 HOH A O   1 
HETATM 1206 O  O   . HOH D 3 .   ? -4.775  -16.619 4.688   1.00 58.16  ? 1048 HOH A O   1 
HETATM 1207 O  O   . HOH D 3 .   ? -6.354  10.283  -0.913  1.00 59.60  ? 1049 HOH A O   1 
HETATM 1208 O  O   . HOH D 3 .   ? -6.893  -19.623 -5.860  1.00 56.33  ? 1050 HOH A O   1 
HETATM 1209 O  O   . HOH D 3 .   ? -2.203  10.381  -9.439  1.00 70.86  ? 1051 HOH A O   1 
HETATM 1210 O  O   . HOH D 3 .   ? -11.585 -17.385 -12.412 1.00 67.86  ? 1052 HOH A O   1 
HETATM 1211 O  O   . HOH D 3 .   ? -2.277  7.570   16.666  1.00 55.57  ? 1053 HOH A O   1 
HETATM 1212 O  O   . HOH D 3 .   ? -16.188 -7.699  0.455   1.00 59.17  ? 1054 HOH A O   1 
HETATM 1213 O  O   . HOH D 3 .   ? 4.753   -8.855  -9.128  1.00 59.44  ? 1055 HOH A O   1 
HETATM 1214 O  O   . HOH D 3 .   ? -2.193  20.975  -9.208  1.00 63.19  ? 1056 HOH A O   1 
HETATM 1215 O  O   . HOH D 3 .   ? -2.947  6.726   -10.534 1.00 63.45  ? 1057 HOH A O   1 
HETATM 1216 O  O   . HOH D 3 .   ? -2.869  -16.789 -4.906  1.00 60.67  ? 1058 HOH A O   1 
HETATM 1217 O  O   . HOH D 3 .   ? 11.244  23.225  5.657   1.00 64.31  ? 1059 HOH A O   1 
HETATM 1218 O  O   . HOH D 3 .   ? 1.805   -14.704 2.230   1.00 69.14  ? 1060 HOH A O   1 
HETATM 1219 O  O   . HOH D 3 .   ? -16.219 -2.695  -9.562  1.00 61.78  ? 1061 HOH A O   1 
HETATM 1220 O  O   . HOH D 3 .   ? 4.258   -14.798 -7.497  1.00 67.07  ? 1062 HOH A O   1 
HETATM 1221 O  O   . HOH D 3 .   ? -0.327  26.663  -13.741 1.00 66.51  ? 1063 HOH A O   1 
HETATM 1222 O  O   . HOH D 3 .   ? -11.781 -22.132 -0.490  1.00 62.25  ? 1064 HOH A O   1 
HETATM 1223 O  O   . HOH D 3 .   ? 16.178  -5.522  -2.088  1.00 64.19  ? 1065 HOH A O   1 
HETATM 1224 O  O   . HOH D 3 .   ? -13.059 -7.623  9.207   1.00 69.04  ? 1066 HOH A O   1 
HETATM 1225 O  O   . HOH D 3 .   ? 7.414   2.618   17.584  1.00 65.13  ? 1067 HOH A O   1 
HETATM 1226 O  O   . HOH D 3 .   ? -3.726  12.392  -11.534 1.00 68.87  ? 1068 HOH A O   1 
HETATM 1227 O  O   . HOH D 3 .   ? 7.080   30.476  4.556   1.00 59.98  ? 1069 HOH A O   1 
HETATM 1228 O  O   . HOH D 3 .   ? -8.220  -5.309  -9.695  1.00 62.76  ? 1070 HOH A O   1 
HETATM 1229 O  O   . HOH D 3 .   ? -7.643  9.197   -9.863  1.00 63.44  ? 1071 HOH A O   1 
HETATM 1230 O  O   . HOH D 3 .   ? -7.205  -24.631 -5.475  1.00 74.41  ? 1072 HOH A O   1 
HETATM 1231 O  O   . HOH D 3 .   ? -3.441  11.242  -2.548  1.00 61.70  ? 1073 HOH A O   1 
HETATM 1232 O  O   . HOH D 3 .   ? 3.905   10.414  14.947  1.00 66.39  ? 1074 HOH A O   1 
HETATM 1233 O  O   . HOH D 3 .   ? 4.452   7.230   16.270  1.00 63.82  ? 1075 HOH A O   1 
HETATM 1234 O  O   . HOH D 3 .   ? -13.987 -3.193  8.820   1.00 59.32  ? 1076 HOH A O   1 
HETATM 1235 O  O   . HOH D 3 .   ? -12.018 -14.518 -9.891  1.00 67.44  ? 1077 HOH A O   1 
HETATM 1236 O  O   . HOH D 3 .   ? -11.827 -17.949 4.413   1.00 73.32  ? 1078 HOH A O   1 
HETATM 1237 O  O   . HOH D 3 .   ? 12.858  -11.470 -10.293 1.00 67.39  ? 1079 HOH A O   1 
HETATM 1238 O  O   . HOH D 3 .   ? 18.224  11.723  -0.987  1.00 77.20  ? 1080 HOH A O   1 
HETATM 1239 O  O   . HOH D 3 .   ? -1.491  -16.341 17.772  1.00 70.16  ? 1081 HOH A O   1 
HETATM 1240 O  O   . HOH D 3 .   ? 4.968   9.725   17.203  1.00 69.06  ? 1082 HOH A O   1 
HETATM 1241 O  O   . HOH D 3 .   ? -14.998 -6.420  2.918   1.00 67.40  ? 1083 HOH A O   1 
HETATM 1242 O  O   . HOH D 3 .   ? 9.202   -16.613 -2.225  1.00 68.79  ? 1084 HOH A O   1 
HETATM 1243 O  O   . HOH D 3 .   ? 7.137   22.384  -11.954 1.00 62.87  ? 1085 HOH A O   1 
HETATM 1244 O  O   . HOH D 3 .   ? 12.375  17.696  -15.166 1.00 81.08  ? 1086 HOH A O   1 
HETATM 1245 O  O   . HOH D 3 .   ? 1.239   -15.430 -7.975  1.00 67.89  ? 1087 HOH A O   1 
HETATM 1246 O  O   . HOH D 3 .   ? 4.499   7.068   -12.705 1.00 65.70  ? 1088 HOH A O   1 
HETATM 1247 O  O   . HOH D 3 .   ? 9.739   5.247   -1.796  1.00 64.84  ? 1089 HOH A O   1 
HETATM 1248 O  O   . HOH D 3 .   ? -10.724 -22.844 -6.298  1.00 73.64  ? 1090 HOH A O   1 
HETATM 1249 O  O   . HOH D 3 .   ? -18.730 -9.558  1.486   1.00 67.26  ? 1091 HOH A O   1 
HETATM 1250 O  O   . HOH D 3 .   ? 12.842  20.156  2.619   1.00 62.70  ? 1092 HOH A O   1 
HETATM 1251 O  O   . HOH D 3 .   ? 9.728   3.934   12.779  1.00 67.09  ? 1093 HOH A O   1 
HETATM 1252 O  O   . HOH D 3 .   ? 4.659   28.712  5.171   1.00 65.28  ? 1094 HOH A O   1 
HETATM 1253 O  O   . HOH D 3 .   ? 4.426   8.735   -17.822 1.00 76.54  ? 1095 HOH A O   1 
HETATM 1254 O  O   . HOH D 3 .   ? -0.558  10.382  -12.140 1.00 66.20  ? 1096 HOH A O   1 
HETATM 1255 O  O   . HOH D 3 .   ? -1.667  -6.818  20.957  1.00 69.67  ? 1097 HOH A O   1 
HETATM 1256 O  O   . HOH D 3 .   ? -8.992  2.744   -9.658  1.00 72.84  ? 1098 HOH A O   1 
HETATM 1257 O  O   . HOH D 3 .   ? -12.961 -20.545 -9.671  1.00 67.07  ? 1099 HOH A O   1 
HETATM 1258 O  O   . HOH D 3 .   ? -10.538 -12.625 -12.593 1.00 67.31  ? 1100 HOH A O   1 
HETATM 1259 O  O   . HOH D 3 .   ? -6.155  7.180   -10.850 1.00 68.91  ? 1101 HOH A O   1 
HETATM 1260 O  O   . HOH D 3 .   ? 4.796   10.177  -12.454 1.00 63.88  ? 1102 HOH A O   1 
HETATM 1261 O  O   . HOH D 3 .   ? -5.040  -19.914 -7.744  1.00 69.77  ? 1103 HOH A O   1 
HETATM 1262 O  O   . HOH D 3 .   ? -3.611  3.723   -7.382  1.00 67.65  ? 1104 HOH A O   1 
HETATM 1263 O  O   . HOH D 3 .   ? 12.852  -14.244 0.977   1.00 79.92  ? 1105 HOH A O   1 
HETATM 1264 O  O   . HOH D 3 .   ? -1.007  -6.650  -17.753 1.00 67.01  ? 1106 HOH A O   1 
HETATM 1265 O  O   . HOH D 3 .   ? -2.487  6.447   -13.401 1.00 68.03  ? 1107 HOH A O   1 
HETATM 1266 O  O   . HOH D 3 .   ? -1.012  -11.984 -20.744 1.00 60.07  ? 1108 HOH A O   1 
HETATM 1267 O  O   . HOH D 3 .   ? -0.397  -14.892 -19.672 1.00 66.03  ? 1109 HOH A O   1 
HETATM 1268 O  O   . HOH D 3 .   ? -2.138  -9.124  -18.212 1.00 72.43  ? 1110 HOH A O   1 
HETATM 1269 O  O   . HOH D 3 .   ? 6.939   -14.891 17.529  1.00 67.65  ? 1111 HOH A O   1 
HETATM 1270 O  O   . HOH D 3 .   ? 7.679   -12.566 18.655  1.00 73.28  ? 1112 HOH A O   1 
HETATM 1271 O  O   . HOH D 3 .   ? -21.175 -16.243 7.412   1.00 68.74  ? 1113 HOH A O   1 
HETATM 1272 O  O   . HOH D 3 .   ? -18.005 -15.124 3.665   1.00 76.93  ? 1114 HOH A O   1 
HETATM 1273 O  O   . HOH D 3 .   ? 12.868  -6.880  -2.804  1.00 65.99  ? 1115 HOH A O   1 
HETATM 1274 O  O   . HOH D 3 .   ? -16.824 -9.371  7.727   1.00 82.93  ? 1116 HOH A O   1 
HETATM 1275 O  O   . HOH D 3 .   ? 8.428   1.549   10.878  1.00 74.67  ? 1117 HOH A O   1 
HETATM 1276 O  O   . HOH D 3 .   ? 10.029  -11.128 -8.643  1.00 76.74  ? 1118 HOH A O   1 
HETATM 1277 O  O   . HOH D 3 .   ? 9.000   23.453  -14.573 1.00 66.01  ? 1119 HOH A O   1 
HETATM 1278 O  O   . HOH D 3 .   ? 0.780   2.602   -13.544 1.00 67.24  ? 1120 HOH A O   1 
HETATM 1279 O  O   . HOH D 3 .   ? 11.562  6.184   -6.986  1.00 76.79  ? 1121 HOH A O   1 
HETATM 1280 O  O   . HOH D 3 .   ? 15.079  11.615  2.855   1.00 77.02  ? 1122 HOH A O   1 
HETATM 1281 O  O   . HOH D 3 .   ? -4.804  5.916   -7.313  1.00 73.24  ? 1123 HOH A O   1 
HETATM 1282 O  O   . HOH D 3 .   ? 3.834   10.458  -15.420 1.00 75.05  ? 1124 HOH A O   1 
HETATM 1283 O  O   . HOH D 3 .   ? 16.038  -6.192  -4.715  1.00 72.33  ? 1125 HOH A O   1 
HETATM 1284 O  O   . HOH D 3 .   ? 4.955   -1.115  15.976  1.00 78.66  ? 1126 HOH A O   1 
HETATM 1285 O  O   . HOH D 3 .   ? -17.018 -8.218  -2.213  1.00 70.19  ? 1127 HOH A O   1 
HETATM 1286 O  O   . HOH D 3 .   ? 1.452   9.772   -15.994 1.00 72.24  ? 1128 HOH A O   1 
HETATM 1287 O  O   . HOH D 3 .   ? -11.013 -20.015 2.610   1.00 81.33  ? 1129 HOH A O   1 
HETATM 1288 O  O   . HOH D 3 .   ? -1.537  -5.896  17.767  1.00 78.03  ? 1130 HOH A O   1 
HETATM 1289 O  O   . HOH D 3 .   ? 4.119   29.624  3.134   1.00 76.90  ? 1131 HOH A O   1 
HETATM 1290 O  O   . HOH D 3 .   ? 3.478   5.153   17.647  1.00 77.83  ? 1132 HOH A O   1 
HETATM 1291 O  O   . HOH D 3 .   ? 7.214   24.747  -10.056 1.00 75.12  ? 1133 HOH A O   1 
HETATM 1292 O  O   . HOH D 3 .   ? -0.823  -15.063 1.250   1.00 73.29  ? 1134 HOH A O   1 
HETATM 1293 O  O   . HOH D 3 .   ? -3.888  -8.570  21.072  1.00 79.51  ? 1135 HOH A O   1 
HETATM 1294 O  O   . HOH D 3 .   ? -1.648  -14.446 8.857   1.00 81.00  ? 1136 HOH A O   1 
HETATM 1295 O  O   . HOH D 3 .   ? -6.335  -16.036 14.564  1.00 74.55  ? 1137 HOH A O   1 
HETATM 1296 O  O   . HOH D 3 .   ? 6.628   21.782  -8.387  1.00 82.75  ? 1138 HOH A O   1 
HETATM 1297 O  O   . HOH D 3 .   ? 2.594   19.556  -16.330 1.00 72.50  ? 1139 HOH A O   1 
HETATM 1298 O  O   . HOH D 3 .   ? -2.160  -10.457 21.347  1.00 83.07  ? 1140 HOH A O   1 
HETATM 1299 O  O   . HOH D 3 .   ? 0.834   -13.902 9.632   1.00 86.37  ? 1141 HOH A O   1 
HETATM 1300 O  O   . HOH D 3 .   ? -6.281  12.806  -2.594  1.00 85.75  ? 1142 HOH A O   1 
HETATM 1301 O  O   . HOH D 3 .   ? -0.163  -17.905 6.048   1.00 73.83  ? 1143 HOH A O   1 
HETATM 1302 O  O   . HOH D 3 .   ? 11.053  3.049   -8.711  1.00 87.53  ? 1144 HOH A O   1 
HETATM 1303 O  O   . HOH D 3 .   ? 4.206   -8.518  17.487  1.00 82.00  ? 1145 HOH A O   1 
HETATM 1304 O  O   . HOH D 3 .   ? -3.673  -17.360 14.778  1.00 81.51  ? 1146 HOH A O   1 
HETATM 1305 O  O   . HOH D 3 .   ? 4.041   17.482  -14.726 1.00 79.40  ? 1147 HOH A O   1 
HETATM 1306 O  O   . HOH D 3 .   ? 8.588   -12.310 14.924  1.00 75.94  ? 1148 HOH A O   1 
HETATM 1307 O  O   . HOH D 3 .   ? -3.335  -13.747 20.088  1.00 81.42  ? 1149 HOH A O   1 
HETATM 1308 O  O   . HOH D 3 .   ? -18.795 -14.776 6.052   1.00 82.27  ? 1150 HOH A O   1 
HETATM 1309 O  O   . HOH D 3 .   ? -5.979  -15.962 8.954   1.00 85.35  ? 1151 HOH A O   1 
HETATM 1310 O  O   . HOH D 3 .   ? 7.664   -11.805 -9.498  1.00 88.07  ? 1152 HOH A O   1 
HETATM 1311 O  O   . HOH D 3 .   ? -14.748 -8.361  12.034  1.00 74.40  ? 1153 HOH A O   1 
HETATM 1312 O  O   . HOH D 3 .   ? -0.287  -19.330 2.475   1.00 75.43  ? 1154 HOH A O   1 
HETATM 1313 O  O   . HOH D 3 .   ? 4.671   19.938  -13.588 1.00 89.22  ? 1155 HOH A O   1 
HETATM 1314 O  O   . HOH D 3 .   ? 10.528  23.883  -2.449  1.00 84.08  ? 1156 HOH A O   1 
HETATM 1315 O  O   . HOH D 3 .   ? -7.364  -7.818  -15.609 1.00 85.53  ? 1157 HOH A O   1 
HETATM 1316 O  O   . HOH D 3 .   ? 6.116   -10.179 18.444  1.00 83.52  ? 1158 HOH A O   1 
HETATM 1317 O  O   . HOH D 3 .   ? 7.897   -0.353  14.054  1.00 77.21  ? 1159 HOH A O   1 
HETATM 1318 O  O   . HOH D 3 .   ? 12.748  18.390  4.346   1.00 77.00  ? 1160 HOH A O   1 
HETATM 1319 O  O   . HOH D 3 .   ? -8.454  -18.138 2.565   1.00 70.73  ? 1161 HOH A O   1 
HETATM 1320 O  O   . HOH D 3 .   ? 10.552  -0.759  13.395  1.00 83.39  ? 1162 HOH A O   1 
HETATM 1321 O  O   . HOH D 3 .   ? -10.378 5.992   -2.608  1.00 50.70  ? 1163 HOH A O   1 
# 
